data_5FLF
#
_entry.id   5FLF
#
_cell.length_a   76.259
_cell.length_b   152.281
_cell.length_c   195.887
_cell.angle_alpha   90.00
_cell.angle_beta   90.00
_cell.angle_gamma   90.00
#
_symmetry.space_group_name_H-M   'P 21 21 21'
#
loop_
_entity.id
_entity.type
_entity.pdbx_description
1 polymer 'FIBROBLAST GROWTH FACTOR RECEPTOR 1'
2 non-polymer 'SULFATE ION'
3 non-polymer 'ACETATE ION'
4 non-polymer 'CHLORIDE ION'
5 non-polymer 'TRIETHYLENE GLYCOL'
6 water water
#
_entity_poly.entity_id   1
_entity_poly.type   'polypeptide(L)'
_entity_poly.pdbx_seq_one_letter_code
;MVAGVSEYELPEDPRWELPRDRLVLGKPLGEGAFGQVVLAEAIGLDKDKPNRVTKVAVKMLKSDATEKDLSDLISEMEMM
KMIGKHKNIINLLGACTQDGPLYVIVEYASKGNLREYLQARRPPGLEYSYNPSHNPEEQLSSKDLVSCAYQVARGMEYLA
SKKCIHRDLAARNVLVTEDNVMKIADFGLARDIHHIDYYKKTTNGRLPVKWMAPEALFDGIYTHQSDVWSFGVLLWEIFT
LGGSPYPGVPVEELFKLLKEGHRMDKPSNCTNELYMMMRDCWHAVPSQRPTFKQLVEDLDRIVALTSNQE
;
_entity_poly.pdbx_strand_id   A,B,C,D,E
#
loop_
_chem_comp.id
_chem_comp.type
_chem_comp.name
_chem_comp.formula
ACT non-polymer 'ACETATE ION' 'C2 H3 O2 -1'
CL non-polymer 'CHLORIDE ION' 'Cl -1'
PGE non-polymer 'TRIETHYLENE GLYCOL' 'C6 H14 O4'
SO4 non-polymer 'SULFATE ION' 'O4 S -2'
#
# COMPACT_ATOMS: atom_id res chain seq x y z
N VAL A 5 25.43 -3.10 -26.70
CA VAL A 5 25.39 -1.72 -26.21
C VAL A 5 26.66 -0.95 -26.54
N SER A 6 27.64 -1.62 -27.15
CA SER A 6 28.96 -1.03 -27.40
C SER A 6 28.91 0.16 -28.36
N GLU A 7 27.77 0.34 -29.02
CA GLU A 7 27.35 1.67 -29.47
C GLU A 7 25.90 1.73 -29.90
N TYR A 8 25.03 1.39 -28.95
CA TYR A 8 23.68 1.91 -28.93
C TYR A 8 23.74 3.13 -28.01
N GLU A 9 23.85 4.32 -28.59
CA GLU A 9 23.99 5.53 -27.80
C GLU A 9 22.64 5.99 -27.28
N LEU A 10 22.58 6.23 -25.97
CA LEU A 10 21.31 6.50 -25.27
C LEU A 10 20.57 7.71 -25.81
N PRO A 11 19.28 7.55 -26.10
CA PRO A 11 18.39 8.63 -26.54
C PRO A 11 18.03 9.51 -25.34
N GLU A 12 17.17 10.50 -25.54
CA GLU A 12 16.70 11.30 -24.41
C GLU A 12 15.21 11.22 -24.14
N ASP A 13 14.88 11.39 -22.85
CA ASP A 13 13.50 11.30 -22.39
C ASP A 13 13.27 12.43 -21.40
N PRO A 14 12.75 13.56 -21.89
CA PRO A 14 12.58 14.79 -21.09
C PRO A 14 11.73 14.57 -19.85
N ARG A 15 10.86 13.56 -19.88
CA ARG A 15 10.01 13.23 -18.75
C ARG A 15 10.82 12.75 -17.56
N TRP A 16 11.94 12.08 -17.85
CA TRP A 16 12.75 11.47 -16.80
C TRP A 16 14.12 12.10 -16.64
N GLU A 17 14.51 12.93 -17.60
CA GLU A 17 15.84 13.54 -17.59
C GLU A 17 15.99 14.58 -16.48
N LEU A 18 17.01 14.40 -15.65
CA LEU A 18 17.33 15.37 -14.61
C LEU A 18 18.77 15.85 -14.80
N PRO A 19 18.94 17.18 -14.95
CA PRO A 19 20.28 17.77 -15.16
C PRO A 19 21.25 17.43 -14.02
N ARG A 20 22.51 17.22 -14.38
CA ARG A 20 23.51 16.70 -13.44
C ARG A 20 23.83 17.66 -12.29
N ASP A 21 23.59 18.95 -12.49
CA ASP A 21 23.82 19.94 -11.45
C ASP A 21 22.84 19.83 -10.29
N ARG A 22 21.63 19.37 -10.59
CA ARG A 22 20.59 19.21 -9.57
C ARG A 22 20.80 17.91 -8.78
N LEU A 23 21.97 17.32 -8.93
CA LEU A 23 22.33 16.10 -8.23
C LEU A 23 23.65 16.29 -7.48
N VAL A 24 23.66 15.96 -6.19
CA VAL A 24 24.85 16.12 -5.36
C VAL A 24 25.22 14.79 -4.70
N LEU A 25 26.35 14.21 -5.11
CA LEU A 25 26.73 12.87 -4.67
C LEU A 25 27.48 12.88 -3.34
N GLY A 26 27.25 11.83 -2.55
CA GLY A 26 27.88 11.69 -1.26
C GLY A 26 28.29 10.27 -0.93
N LYS A 27 27.88 9.78 0.23
CA LYS A 27 28.30 8.46 0.73
C LYS A 27 27.87 7.33 -0.21
N PRO A 28 28.72 6.31 -0.35
CA PRO A 28 28.40 5.09 -1.11
C PRO A 28 27.52 4.13 -0.31
N LEU A 29 26.51 3.55 -0.96
CA LEU A 29 25.61 2.63 -0.29
C LEU A 29 25.96 1.18 -0.57
N GLY A 30 25.57 0.70 -1.74
CA GLY A 30 25.82 -0.67 -2.14
C GLY A 30 27.06 -0.82 -3.02
N GLU A 31 27.42 -2.06 -3.31
CA GLU A 31 28.67 -2.34 -4.00
C GLU A 31 28.67 -3.72 -4.65
N GLY A 32 29.45 -3.88 -5.71
CA GLY A 32 29.77 -5.19 -6.23
C GLY A 32 29.07 -5.61 -7.51
N ALA A 33 29.67 -6.60 -8.18
CA ALA A 33 29.10 -7.22 -9.36
C ALA A 33 28.84 -6.24 -10.50
N PHE A 34 27.57 -6.00 -10.78
CA PHE A 34 27.17 -5.32 -12.01
C PHE A 34 27.18 -3.80 -11.92
N GLY A 35 27.35 -3.26 -10.72
CA GLY A 35 27.33 -1.81 -10.57
C GLY A 35 27.68 -1.27 -9.20
N GLN A 36 27.16 -0.08 -8.90
CA GLN A 36 27.48 0.62 -7.66
C GLN A 36 26.41 1.65 -7.32
N VAL A 37 26.03 1.73 -6.05
CA VAL A 37 25.01 2.67 -5.61
C VAL A 37 25.56 3.66 -4.58
N VAL A 38 25.30 4.95 -4.80
CA VAL A 38 25.70 5.96 -3.82
C VAL A 38 24.51 6.75 -3.32
N LEU A 39 24.59 7.23 -2.09
CA LEU A 39 23.56 8.11 -1.54
C LEU A 39 23.78 9.53 -2.04
N ALA A 40 22.69 10.23 -2.37
CA ALA A 40 22.82 11.56 -2.94
C ALA A 40 21.65 12.47 -2.58
N GLU A 41 21.84 13.78 -2.80
CA GLU A 41 20.79 14.76 -2.62
C GLU A 41 20.32 15.27 -3.99
N ALA A 42 19.00 15.32 -4.18
CA ALA A 42 18.44 15.74 -5.45
C ALA A 42 17.66 17.04 -5.31
N ILE A 43 18.06 18.05 -6.08
CA ILE A 43 17.45 19.37 -5.99
C ILE A 43 16.21 19.48 -6.88
N GLY A 44 15.04 19.64 -6.26
CA GLY A 44 13.80 19.86 -6.99
C GLY A 44 13.40 18.72 -7.91
N LEU A 45 12.95 17.62 -7.32
CA LEU A 45 12.44 16.50 -8.11
C LEU A 45 10.97 16.69 -8.46
N ASP A 46 10.14 16.86 -7.43
CA ASP A 46 8.69 16.95 -7.61
C ASP A 46 8.24 18.26 -8.27
N LYS A 47 9.17 19.18 -8.45
CA LYS A 47 8.98 20.40 -9.25
C LYS A 47 7.99 21.44 -8.71
N ASP A 48 6.86 20.96 -8.21
CA ASP A 48 5.80 21.80 -7.71
C ASP A 48 6.18 22.38 -6.38
N LYS A 49 7.22 21.84 -5.79
CA LYS A 49 7.86 22.43 -4.63
C LYS A 49 9.36 22.30 -4.86
N PRO A 50 9.90 23.18 -5.70
CA PRO A 50 11.14 22.95 -6.44
C PRO A 50 12.43 23.42 -5.78
N ASN A 51 12.45 23.68 -4.49
CA ASN A 51 13.68 24.11 -3.85
C ASN A 51 14.05 23.22 -2.66
N ARG A 52 13.23 22.22 -2.44
CA ARG A 52 13.52 21.24 -1.41
C ARG A 52 14.35 20.16 -2.03
N VAL A 53 15.23 19.56 -1.26
CA VAL A 53 16.05 18.48 -1.80
C VAL A 53 15.68 17.13 -1.18
N THR A 54 15.77 16.09 -1.98
CA THR A 54 15.36 14.75 -1.58
C THR A 54 16.55 13.81 -1.44
N LYS A 55 16.57 13.04 -0.36
CA LYS A 55 17.56 11.97 -0.21
C LYS A 55 17.21 10.83 -1.16
N VAL A 56 18.13 10.53 -2.08
CA VAL A 56 17.88 9.52 -3.10
C VAL A 56 19.05 8.57 -3.27
N ALA A 57 18.81 7.45 -3.95
CA ALA A 57 19.87 6.51 -4.25
C ALA A 57 20.20 6.55 -5.74
N VAL A 58 21.49 6.57 -6.06
CA VAL A 58 21.92 6.64 -7.45
C VAL A 58 22.69 5.40 -7.87
N LYS A 59 22.13 4.67 -8.83
CA LYS A 59 22.79 3.54 -9.46
C LYS A 59 23.65 4.00 -10.61
N MET A 60 24.88 3.49 -10.65
CA MET A 60 25.84 3.84 -11.69
C MET A 60 26.79 2.68 -11.94
N LEU A 61 27.52 2.75 -13.06
CA LEU A 61 28.54 1.75 -13.35
C LEU A 61 29.68 1.86 -12.34
N LYS A 62 30.30 0.73 -12.01
CA LYS A 62 31.44 0.74 -11.10
C LYS A 62 32.75 0.82 -11.88
N SER A 63 33.85 0.49 -11.22
CA SER A 63 35.19 0.78 -11.75
C SER A 63 35.47 0.12 -13.10
N ASP A 64 35.58 -1.21 -13.11
CA ASP A 64 35.92 -1.94 -14.33
C ASP A 64 34.68 -2.48 -15.04
N ALA A 65 33.76 -1.57 -15.37
CA ALA A 65 32.48 -1.96 -15.97
C ALA A 65 32.65 -2.75 -17.26
N THR A 66 31.72 -3.68 -17.49
CA THR A 66 31.68 -4.45 -18.72
C THR A 66 30.51 -3.99 -19.58
N GLU A 67 30.42 -4.48 -20.81
CA GLU A 67 29.31 -4.15 -21.69
C GLU A 67 27.97 -4.52 -21.06
N LYS A 68 27.93 -5.70 -20.45
CA LYS A 68 26.70 -6.23 -19.89
C LYS A 68 26.29 -5.48 -18.62
N ASP A 69 27.26 -4.90 -17.93
CA ASP A 69 26.95 -4.05 -16.77
C ASP A 69 26.12 -2.86 -17.23
N LEU A 70 26.61 -2.20 -18.28
CA LEU A 70 25.94 -1.06 -18.88
C LEU A 70 24.56 -1.46 -19.39
N SER A 71 24.52 -2.55 -20.16
CA SER A 71 23.27 -3.09 -20.68
C SER A 71 22.25 -3.30 -19.57
N ASP A 72 22.71 -3.87 -18.47
CA ASP A 72 21.86 -4.13 -17.30
C ASP A 72 21.35 -2.83 -16.68
N LEU A 73 22.20 -1.82 -16.61
CA LEU A 73 21.80 -0.53 -16.06
C LEU A 73 20.70 0.11 -16.91
N ILE A 74 20.96 0.22 -18.21
CA ILE A 74 19.99 0.76 -19.17
C ILE A 74 18.66 0.02 -19.08
N SER A 75 18.75 -1.31 -19.11
CA SER A 75 17.57 -2.16 -19.07
C SER A 75 16.78 -1.96 -17.78
N GLU A 76 17.48 -1.81 -16.67
CA GLU A 76 16.83 -1.56 -15.38
C GLU A 76 16.05 -0.26 -15.45
N MET A 77 16.70 0.79 -15.96
CA MET A 77 16.05 2.08 -16.15
C MET A 77 14.75 1.97 -16.95
N GLU A 78 14.85 1.43 -18.16
CA GLU A 78 13.69 1.31 -19.04
C GLU A 78 12.58 0.43 -18.45
N MET A 79 12.98 -0.66 -17.81
CA MET A 79 12.04 -1.58 -17.19
C MET A 79 11.24 -0.86 -16.11
N MET A 80 11.94 -0.08 -15.28
CA MET A 80 11.27 0.69 -14.25
C MET A 80 10.39 1.77 -14.86
N LYS A 81 10.73 2.23 -16.06
CA LYS A 81 9.83 3.13 -16.78
C LYS A 81 8.52 2.43 -17.13
N MET A 82 8.63 1.20 -17.62
CA MET A 82 7.45 0.44 -18.03
C MET A 82 6.56 0.03 -16.85
N ILE A 83 7.17 -0.41 -15.76
CA ILE A 83 6.44 -0.94 -14.62
C ILE A 83 5.48 0.07 -13.99
N GLY A 84 6.00 1.26 -13.68
CA GLY A 84 5.17 2.29 -13.08
C GLY A 84 5.25 2.30 -11.57
N LYS A 85 4.59 3.27 -10.95
CA LYS A 85 4.59 3.42 -9.50
C LYS A 85 3.78 2.34 -8.80
N HIS A 86 4.33 1.85 -7.68
CA HIS A 86 3.59 0.96 -6.78
C HIS A 86 4.18 1.08 -5.39
N LYS A 87 3.36 0.83 -4.37
CA LYS A 87 3.77 1.02 -2.98
C LYS A 87 4.90 0.09 -2.56
N ASN A 88 4.98 -1.08 -3.19
CA ASN A 88 5.97 -2.08 -2.79
C ASN A 88 7.07 -2.29 -3.81
N ILE A 89 7.29 -1.28 -4.65
CA ILE A 89 8.36 -1.33 -5.64
C ILE A 89 9.16 -0.02 -5.61
N ILE A 90 10.46 -0.14 -5.36
CA ILE A 90 11.35 1.02 -5.46
C ILE A 90 11.23 1.61 -6.86
N ASN A 91 10.64 2.79 -6.95
CA ASN A 91 10.32 3.38 -8.24
C ASN A 91 11.35 4.40 -8.71
N LEU A 92 11.38 4.60 -10.03
CA LEU A 92 12.32 5.50 -10.68
C LEU A 92 12.03 6.96 -10.34
N LEU A 93 13.07 7.70 -9.96
CA LEU A 93 12.91 9.11 -9.66
C LEU A 93 13.45 9.98 -10.79
N GLY A 94 14.48 9.49 -11.46
CA GLY A 94 15.04 10.22 -12.59
C GLY A 94 16.22 9.55 -13.25
N ALA A 95 16.85 10.26 -14.19
CA ALA A 95 18.00 9.72 -14.90
C ALA A 95 18.90 10.81 -15.47
N CYS A 96 20.21 10.56 -15.43
CA CYS A 96 21.20 11.39 -16.12
C CYS A 96 21.81 10.55 -17.24
N THR A 97 21.40 10.82 -18.48
CA THR A 97 21.70 9.95 -19.60
C THR A 97 22.61 10.57 -20.65
N GLN A 98 22.77 11.88 -20.61
CA GLN A 98 23.53 12.59 -21.64
C GLN A 98 24.87 13.11 -21.13
N ASP A 99 25.90 12.96 -21.97
CA ASP A 99 27.18 13.63 -21.78
C ASP A 99 27.82 13.37 -20.42
N GLY A 100 28.01 12.10 -20.10
CA GLY A 100 28.61 11.69 -18.83
C GLY A 100 28.16 10.29 -18.45
N PRO A 101 28.48 9.86 -17.23
CA PRO A 101 28.09 8.52 -16.76
C PRO A 101 26.58 8.39 -16.63
N LEU A 102 26.05 7.20 -16.94
CA LEU A 102 24.63 6.95 -16.78
C LEU A 102 24.26 6.90 -15.30
N TYR A 103 23.29 7.72 -14.91
CA TYR A 103 22.85 7.76 -13.53
C TYR A 103 21.38 7.40 -13.41
N VAL A 104 21.07 6.27 -12.81
CA VAL A 104 19.68 5.90 -12.57
C VAL A 104 19.30 6.26 -11.15
N ILE A 105 18.40 7.23 -11.02
CA ILE A 105 18.03 7.78 -9.72
C ILE A 105 16.74 7.18 -9.20
N VAL A 106 16.86 6.42 -8.10
CA VAL A 106 15.72 5.74 -7.51
C VAL A 106 15.52 6.07 -6.04
N GLU A 107 14.34 5.67 -5.54
CA GLU A 107 13.92 5.86 -4.16
C GLU A 107 14.95 5.32 -3.16
N TYR A 108 15.15 6.05 -2.07
CA TYR A 108 16.11 5.64 -1.04
C TYR A 108 15.42 4.90 0.10
N ALA A 109 15.98 3.75 0.47
CA ALA A 109 15.47 2.95 1.59
C ALA A 109 16.48 2.94 2.73
N SER A 110 16.13 3.59 3.83
CA SER A 110 17.07 3.83 4.92
C SER A 110 17.46 2.56 5.69
N LYS A 111 16.60 1.55 5.68
CA LYS A 111 16.83 0.38 6.51
C LYS A 111 17.43 -0.81 5.75
N GLY A 112 18.00 -0.53 4.58
CA GLY A 112 18.74 -1.54 3.84
C GLY A 112 17.88 -2.64 3.23
N ASN A 113 18.52 -3.75 2.87
CA ASN A 113 17.80 -4.86 2.27
C ASN A 113 17.16 -5.76 3.32
N LEU A 114 16.31 -6.67 2.88
CA LEU A 114 15.52 -7.49 3.80
C LEU A 114 16.37 -8.47 4.59
N ARG A 115 17.40 -9.03 3.96
CA ARG A 115 18.28 -9.98 4.65
C ARG A 115 18.97 -9.32 5.84
N GLU A 116 19.63 -8.20 5.61
CA GLU A 116 20.28 -7.44 6.67
C GLU A 116 19.29 -7.06 7.77
N TYR A 117 18.17 -6.47 7.35
CA TYR A 117 17.09 -6.05 8.24
C TYR A 117 16.65 -7.19 9.17
N LEU A 118 16.47 -8.37 8.60
CA LEU A 118 16.02 -9.53 9.37
C LEU A 118 17.12 -10.05 10.30
N GLN A 119 18.35 -10.05 9.83
CA GLN A 119 19.46 -10.55 10.63
C GLN A 119 19.76 -9.63 11.82
N ALA A 120 19.45 -8.35 11.68
CA ALA A 120 19.70 -7.39 12.74
C ALA A 120 18.70 -7.54 13.89
N ARG A 121 17.68 -8.37 13.68
CA ARG A 121 16.60 -8.51 14.65
C ARG A 121 16.42 -9.96 15.10
N ARG A 122 17.49 -10.74 15.04
CA ARG A 122 17.45 -12.14 15.49
C ARG A 122 17.48 -12.23 17.01
N PRO A 123 16.48 -12.90 17.59
CA PRO A 123 16.51 -13.22 19.02
C PRO A 123 17.69 -14.12 19.37
N PRO A 124 18.14 -14.10 20.63
CA PRO A 124 19.25 -14.97 21.06
C PRO A 124 18.86 -16.43 21.14
N GLY A 125 18.50 -17.02 20.00
CA GLY A 125 18.12 -18.42 19.94
C GLY A 125 19.30 -19.32 19.64
N LEU A 126 19.06 -20.63 19.57
CA LEU A 126 20.12 -21.58 19.32
C LEU A 126 20.31 -21.82 17.82
N GLU A 127 19.27 -21.51 17.05
CA GLU A 127 19.31 -21.69 15.60
C GLU A 127 19.83 -20.44 14.90
N TYR A 128 20.42 -19.54 15.67
CA TYR A 128 20.92 -18.28 15.12
C TYR A 128 22.41 -18.08 15.43
N SER A 129 22.85 -16.84 15.38
CA SER A 129 24.26 -16.51 15.65
C SER A 129 24.43 -15.01 15.87
N GLU A 137 18.61 -4.80 17.59
CA GLU A 137 17.31 -4.18 17.47
C GLU A 137 16.25 -5.00 18.20
N GLU A 138 14.99 -4.85 17.81
CA GLU A 138 13.91 -5.59 18.45
C GLU A 138 13.27 -6.60 17.51
N GLN A 139 13.03 -7.80 18.05
CA GLN A 139 12.46 -8.93 17.31
C GLN A 139 11.11 -8.60 16.67
N LEU A 140 10.74 -9.37 15.65
CA LEU A 140 9.47 -9.18 14.97
C LEU A 140 8.45 -10.22 15.36
N SER A 141 7.18 -9.81 15.44
CA SER A 141 6.09 -10.74 15.70
C SER A 141 5.85 -11.60 14.47
N SER A 142 5.00 -12.62 14.62
CA SER A 142 4.65 -13.47 13.49
C SER A 142 3.93 -12.64 12.42
N LYS A 143 3.01 -11.80 12.88
CA LYS A 143 2.23 -10.94 11.99
C LYS A 143 3.12 -10.00 11.18
N ASP A 144 4.22 -9.58 11.79
CA ASP A 144 5.21 -8.75 11.11
C ASP A 144 5.79 -9.47 9.89
N LEU A 145 6.38 -10.63 10.13
CA LEU A 145 6.99 -11.42 9.06
C LEU A 145 5.99 -11.77 7.96
N VAL A 146 4.81 -12.22 8.38
CA VAL A 146 3.76 -12.56 7.42
C VAL A 146 3.35 -11.31 6.62
N SER A 147 3.47 -10.14 7.24
CA SER A 147 3.19 -8.89 6.54
C SER A 147 4.29 -8.54 5.55
N CYS A 148 5.53 -8.91 5.87
CA CYS A 148 6.63 -8.76 4.91
C CYS A 148 6.32 -9.57 3.67
N ALA A 149 6.05 -10.86 3.89
CA ALA A 149 5.67 -11.76 2.81
C ALA A 149 4.52 -11.18 2.00
N TYR A 150 3.52 -10.67 2.71
CA TYR A 150 2.34 -10.10 2.06
C TYR A 150 2.70 -8.92 1.16
N GLN A 151 3.52 -8.00 1.67
CA GLN A 151 3.91 -6.82 0.92
C GLN A 151 4.68 -7.19 -0.35
N VAL A 152 5.72 -8.01 -0.19
CA VAL A 152 6.48 -8.47 -1.34
C VAL A 152 5.57 -9.14 -2.36
N ALA A 153 4.61 -9.92 -1.85
CA ALA A 153 3.63 -10.59 -2.72
C ALA A 153 2.78 -9.59 -3.49
N ARG A 154 2.40 -8.49 -2.84
CA ARG A 154 1.65 -7.43 -3.51
C ARG A 154 2.46 -6.85 -4.65
N GLY A 155 3.70 -6.50 -4.34
CA GLY A 155 4.61 -5.96 -5.33
C GLY A 155 4.77 -6.87 -6.54
N MET A 156 4.97 -8.16 -6.27
CA MET A 156 5.16 -9.13 -7.35
C MET A 156 3.87 -9.33 -8.15
N GLU A 157 2.73 -9.28 -7.48
CA GLU A 157 1.44 -9.36 -8.16
C GLU A 157 1.30 -8.20 -9.15
N TYR A 158 1.69 -7.01 -8.70
CA TYR A 158 1.65 -5.84 -9.57
C TYR A 158 2.61 -5.99 -10.75
N LEU A 159 3.82 -6.48 -10.46
CA LEU A 159 4.79 -6.76 -11.52
C LEU A 159 4.20 -7.67 -12.58
N ALA A 160 3.60 -8.77 -12.14
CA ALA A 160 3.01 -9.75 -13.03
C ALA A 160 1.85 -9.17 -13.82
N SER A 161 1.12 -8.24 -13.22
CA SER A 161 0.03 -7.57 -13.91
C SER A 161 0.57 -6.72 -15.05
N LYS A 162 1.79 -6.22 -14.89
CA LYS A 162 2.46 -5.42 -15.91
C LYS A 162 3.32 -6.28 -16.84
N LYS A 163 3.07 -7.59 -16.80
CA LYS A 163 3.75 -8.55 -17.69
C LYS A 163 5.26 -8.53 -17.55
N CYS A 164 5.75 -8.32 -16.33
CA CYS A 164 7.18 -8.26 -16.08
C CYS A 164 7.68 -9.40 -15.20
N ILE A 165 8.81 -9.99 -15.60
CA ILE A 165 9.47 -11.00 -14.78
C ILE A 165 10.71 -10.38 -14.13
N HIS A 166 10.82 -10.52 -12.81
CA HIS A 166 11.95 -9.94 -12.09
C HIS A 166 13.22 -10.78 -12.27
N ARG A 167 13.05 -12.09 -12.15
CA ARG A 167 14.11 -13.10 -12.33
C ARG A 167 15.16 -13.13 -11.21
N ASP A 168 15.22 -12.07 -10.40
CA ASP A 168 16.20 -12.04 -9.32
C ASP A 168 15.55 -11.71 -7.98
N LEU A 169 14.40 -12.33 -7.73
CA LEU A 169 13.68 -12.11 -6.48
C LEU A 169 14.36 -12.83 -5.32
N ALA A 170 14.84 -12.06 -4.36
CA ALA A 170 15.52 -12.60 -3.19
C ALA A 170 15.49 -11.56 -2.07
N ALA A 171 15.88 -11.96 -0.87
CA ALA A 171 15.84 -11.06 0.29
C ALA A 171 16.80 -9.89 0.08
N ARG A 172 17.93 -10.16 -0.57
CA ARG A 172 18.93 -9.13 -0.81
C ARG A 172 18.42 -8.07 -1.78
N ASN A 173 17.40 -8.40 -2.57
CA ASN A 173 16.85 -7.47 -3.54
C ASN A 173 15.50 -6.91 -3.13
N VAL A 174 15.15 -7.08 -1.85
CA VAL A 174 14.01 -6.39 -1.26
C VAL A 174 14.54 -5.36 -0.27
N LEU A 175 14.13 -4.12 -0.42
CA LEU A 175 14.60 -3.06 0.47
C LEU A 175 13.55 -2.65 1.48
N VAL A 176 13.99 -2.14 2.63
CA VAL A 176 13.10 -1.77 3.71
C VAL A 176 13.16 -0.26 3.96
N THR A 177 12.02 0.41 3.86
CA THR A 177 11.97 1.86 4.00
C THR A 177 12.04 2.32 5.45
N GLU A 178 11.96 3.62 5.64
CA GLU A 178 11.97 4.24 6.96
C GLU A 178 10.73 3.81 7.74
N ASP A 179 9.60 3.71 7.05
CA ASP A 179 8.34 3.31 7.67
C ASP A 179 8.16 1.80 7.61
N ASN A 180 9.27 1.08 7.49
CA ASN A 180 9.29 -0.39 7.46
C ASN A 180 8.43 -0.99 6.36
N VAL A 181 8.39 -0.33 5.20
CA VAL A 181 7.67 -0.83 4.04
C VAL A 181 8.58 -1.66 3.16
N MET A 182 8.08 -2.78 2.64
CA MET A 182 8.84 -3.62 1.72
C MET A 182 8.78 -3.07 0.31
N LYS A 183 9.93 -2.97 -0.34
CA LYS A 183 9.99 -2.45 -1.71
C LYS A 183 10.96 -3.24 -2.58
N ILE A 184 10.41 -3.90 -3.60
CA ILE A 184 11.19 -4.71 -4.52
C ILE A 184 12.17 -3.86 -5.33
N ALA A 185 13.42 -4.31 -5.42
CA ALA A 185 14.46 -3.56 -6.10
C ALA A 185 15.24 -4.42 -7.11
N ASP A 186 16.30 -3.84 -7.67
CA ASP A 186 17.20 -4.53 -8.60
C ASP A 186 16.50 -5.10 -9.82
N PHE A 187 16.25 -4.26 -10.81
CA PHE A 187 15.53 -4.69 -12.02
C PHE A 187 16.45 -4.83 -13.23
N GLY A 188 17.75 -4.97 -12.98
CA GLY A 188 18.73 -5.09 -14.06
C GLY A 188 18.57 -6.35 -14.87
N LEU A 189 18.02 -7.39 -14.25
CA LEU A 189 17.83 -8.67 -14.94
C LEU A 189 16.37 -8.88 -15.31
N ALA A 190 15.52 -7.93 -14.91
CA ALA A 190 14.10 -8.00 -15.22
C ALA A 190 13.86 -8.02 -16.73
N ARG A 191 12.88 -8.80 -17.16
CA ARG A 191 12.57 -8.90 -18.58
C ARG A 191 11.08 -8.70 -18.83
N ASP A 192 10.76 -8.06 -19.96
CA ASP A 192 9.39 -7.78 -20.35
C ASP A 192 8.86 -8.90 -21.25
N ILE A 193 7.76 -9.53 -20.86
CA ILE A 193 7.19 -10.61 -21.64
C ILE A 193 5.77 -10.32 -22.12
N HIS A 194 5.51 -9.06 -22.45
CA HIS A 194 4.28 -8.71 -23.15
C HIS A 194 4.17 -9.51 -24.44
N HIS A 195 3.06 -10.23 -24.58
CA HIS A 195 2.73 -10.94 -25.82
C HIS A 195 3.74 -12.02 -26.22
N ILE A 196 4.42 -12.62 -25.25
CA ILE A 196 5.16 -13.85 -25.45
C ILE A 196 4.90 -14.79 -24.28
N ASP A 197 5.03 -16.09 -24.52
CA ASP A 197 4.69 -17.08 -23.50
C ASP A 197 5.75 -17.18 -22.41
N TYR A 198 7.01 -16.97 -22.77
CA TYR A 198 8.11 -17.14 -21.84
C TYR A 198 9.35 -16.37 -22.30
N TYR A 199 10.38 -16.36 -21.45
CA TYR A 199 11.65 -15.76 -21.81
C TYR A 199 12.75 -16.82 -21.76
N LYS A 200 13.49 -16.95 -22.85
CA LYS A 200 14.58 -17.93 -22.92
C LYS A 200 15.89 -17.30 -22.49
N LYS A 201 16.63 -17.97 -21.61
CA LYS A 201 17.86 -17.40 -21.09
C LYS A 201 19.06 -17.84 -21.92
N THR A 202 20.15 -17.07 -21.82
CA THR A 202 21.43 -17.42 -22.44
C THR A 202 21.87 -18.82 -21.98
N THR A 203 22.91 -19.36 -22.60
CA THR A 203 23.30 -20.74 -22.35
C THR A 203 23.66 -20.98 -20.87
N ASN A 204 24.51 -20.12 -20.32
CA ASN A 204 24.76 -20.15 -18.88
C ASN A 204 24.40 -18.83 -18.21
N GLY A 205 23.41 -18.90 -17.32
CA GLY A 205 22.81 -17.72 -16.72
C GLY A 205 23.69 -16.90 -15.80
N ARG A 206 23.20 -15.73 -15.42
CA ARG A 206 23.92 -14.80 -14.57
C ARG A 206 23.12 -14.50 -13.31
N LEU A 207 22.34 -15.49 -12.87
CA LEU A 207 21.47 -15.33 -11.71
C LEU A 207 21.84 -16.36 -10.65
N PRO A 208 21.81 -15.96 -9.36
CA PRO A 208 22.19 -16.86 -8.27
C PRO A 208 21.41 -18.16 -8.28
N VAL A 209 22.12 -19.26 -8.45
CA VAL A 209 21.54 -20.59 -8.66
C VAL A 209 20.50 -21.00 -7.62
N LYS A 210 20.77 -20.71 -6.35
CA LYS A 210 19.92 -21.18 -5.26
C LYS A 210 18.53 -20.54 -5.22
N TRP A 211 18.26 -19.59 -6.11
CA TRP A 211 16.95 -18.96 -6.19
C TRP A 211 16.26 -19.30 -7.51
N MET A 212 16.94 -20.08 -8.34
CA MET A 212 16.43 -20.38 -9.67
C MET A 212 15.50 -21.59 -9.69
N ALA A 213 14.35 -21.42 -10.33
CA ALA A 213 13.44 -22.53 -10.55
C ALA A 213 14.11 -23.57 -11.46
N PRO A 214 13.78 -24.85 -11.26
CA PRO A 214 14.35 -25.96 -12.03
C PRO A 214 14.24 -25.76 -13.54
N GLU A 215 13.11 -25.26 -14.02
CA GLU A 215 12.93 -25.09 -15.45
C GLU A 215 13.80 -23.94 -15.97
N ALA A 216 14.17 -23.03 -15.08
CA ALA A 216 15.04 -21.92 -15.44
C ALA A 216 16.50 -22.36 -15.41
N LEU A 217 16.82 -23.19 -14.43
CA LEU A 217 18.18 -23.67 -14.23
C LEU A 217 18.60 -24.68 -15.31
N PHE A 218 17.72 -25.63 -15.59
CA PHE A 218 18.05 -26.72 -16.49
C PHE A 218 17.62 -26.46 -17.94
N ASP A 219 16.53 -25.72 -18.12
CA ASP A 219 15.97 -25.53 -19.45
C ASP A 219 15.99 -24.08 -19.91
N GLY A 220 16.22 -23.17 -18.98
CA GLY A 220 16.32 -21.76 -19.31
C GLY A 220 15.01 -21.07 -19.66
N ILE A 221 13.92 -21.57 -19.10
CA ILE A 221 12.60 -20.95 -19.31
C ILE A 221 12.22 -20.08 -18.12
N TYR A 222 11.91 -18.81 -18.39
CA TYR A 222 11.49 -17.88 -17.35
C TYR A 222 10.06 -17.41 -17.56
N THR A 223 9.22 -17.66 -16.57
CA THR A 223 7.85 -17.13 -16.56
C THR A 223 7.59 -16.53 -15.18
N HIS A 224 6.36 -16.09 -14.96
CA HIS A 224 5.97 -15.58 -13.64
C HIS A 224 6.02 -16.71 -12.62
N GLN A 225 5.85 -17.94 -13.10
CA GLN A 225 5.85 -19.13 -12.25
C GLN A 225 7.22 -19.37 -11.61
N SER A 226 8.28 -19.15 -12.38
CA SER A 226 9.64 -19.25 -11.85
C SER A 226 9.89 -18.16 -10.79
N ASP A 227 9.33 -16.98 -11.04
CA ASP A 227 9.35 -15.91 -10.05
C ASP A 227 8.66 -16.38 -8.76
N VAL A 228 7.57 -17.14 -8.91
CA VAL A 228 6.87 -17.69 -7.76
C VAL A 228 7.77 -18.64 -6.98
N TRP A 229 8.51 -19.50 -7.70
CA TRP A 229 9.51 -20.36 -7.06
C TRP A 229 10.47 -19.52 -6.21
N SER A 230 11.02 -18.49 -6.86
CA SER A 230 11.94 -17.57 -6.19
C SER A 230 11.31 -16.99 -4.93
N PHE A 231 10.03 -16.66 -5.01
CA PHE A 231 9.30 -16.12 -3.87
C PHE A 231 9.18 -17.13 -2.75
N GLY A 232 9.07 -18.41 -3.10
CA GLY A 232 9.08 -19.47 -2.11
C GLY A 232 10.39 -19.46 -1.34
N VAL A 233 11.49 -19.42 -2.10
CA VAL A 233 12.80 -19.30 -1.46
C VAL A 233 12.87 -18.04 -0.56
N LEU A 234 12.21 -16.97 -1.00
CA LEU A 234 12.19 -15.73 -0.23
C LEU A 234 11.42 -15.90 1.08
N LEU A 235 10.35 -16.69 1.04
CA LEU A 235 9.59 -17.02 2.24
C LEU A 235 10.51 -17.72 3.23
N TRP A 236 11.21 -18.74 2.73
CA TRP A 236 12.16 -19.47 3.55
C TRP A 236 13.20 -18.52 4.16
N GLU A 237 13.63 -17.54 3.38
CA GLU A 237 14.58 -16.53 3.88
C GLU A 237 13.98 -15.67 4.98
N ILE A 238 12.72 -15.29 4.82
CA ILE A 238 12.05 -14.44 5.79
C ILE A 238 11.88 -15.16 7.12
N PHE A 239 11.49 -16.42 7.09
CA PHE A 239 11.21 -17.13 8.34
C PHE A 239 12.42 -17.85 8.93
N THR A 240 13.58 -17.69 8.29
CA THR A 240 14.84 -18.06 8.92
C THR A 240 15.52 -16.78 9.41
N LEU A 241 14.76 -15.69 9.32
CA LEU A 241 15.24 -14.36 9.70
C LEU A 241 16.57 -14.02 9.05
N GLY A 242 16.72 -14.37 7.77
CA GLY A 242 17.90 -14.00 7.01
C GLY A 242 18.87 -15.15 6.75
N GLY A 243 18.35 -16.37 6.78
CA GLY A 243 19.18 -17.54 6.51
C GLY A 243 19.53 -17.67 5.04
N SER A 244 20.56 -18.47 4.75
CA SER A 244 20.95 -18.73 3.37
C SER A 244 20.39 -20.07 2.90
N PRO A 245 19.72 -20.06 1.74
CA PRO A 245 19.01 -21.23 1.19
C PRO A 245 19.89 -22.46 1.06
N TYR A 246 19.30 -23.63 1.26
CA TYR A 246 20.01 -24.91 1.21
C TYR A 246 21.31 -24.86 2.01
N PRO A 247 21.19 -24.68 3.35
CA PRO A 247 22.39 -24.52 4.18
C PRO A 247 23.28 -25.75 4.16
N GLY A 248 24.57 -25.56 3.96
CA GLY A 248 25.51 -26.65 3.90
C GLY A 248 25.72 -27.20 2.51
N VAL A 249 24.71 -27.03 1.65
CA VAL A 249 24.77 -27.54 0.29
C VAL A 249 25.51 -26.59 -0.64
N PRO A 250 26.63 -27.06 -1.20
CA PRO A 250 27.37 -26.27 -2.20
C PRO A 250 26.61 -26.22 -3.51
N VAL A 251 26.71 -25.11 -4.23
CA VAL A 251 26.02 -24.92 -5.50
C VAL A 251 26.27 -26.10 -6.45
N GLU A 252 27.54 -26.53 -6.50
CA GLU A 252 27.96 -27.64 -7.35
C GLU A 252 27.13 -28.90 -7.16
N GLU A 253 26.56 -29.06 -5.97
CA GLU A 253 25.80 -30.26 -5.63
C GLU A 253 24.29 -30.03 -5.60
N LEU A 254 23.85 -28.80 -5.83
CA LEU A 254 22.42 -28.52 -5.75
C LEU A 254 21.69 -29.10 -6.94
N PHE A 255 22.27 -28.93 -8.13
CA PHE A 255 21.71 -29.44 -9.38
C PHE A 255 21.13 -30.85 -9.23
N LYS A 256 22.00 -31.81 -8.98
CA LYS A 256 21.62 -33.20 -8.77
C LYS A 256 20.46 -33.31 -7.79
N LEU A 257 20.60 -32.65 -6.64
CA LEU A 257 19.56 -32.70 -5.61
C LEU A 257 18.23 -32.24 -6.17
N LEU A 258 18.25 -31.11 -6.88
CA LEU A 258 17.02 -30.56 -7.45
C LEU A 258 16.41 -31.51 -8.48
N LYS A 259 17.27 -32.26 -9.16
CA LYS A 259 16.79 -33.19 -10.18
C LYS A 259 16.26 -34.46 -9.53
N GLU A 260 16.52 -34.61 -8.23
CA GLU A 260 16.02 -35.75 -7.47
C GLU A 260 14.80 -35.37 -6.65
N GLY A 261 14.43 -34.09 -6.69
CA GLY A 261 13.23 -33.62 -6.00
C GLY A 261 13.48 -33.05 -4.62
N HIS A 262 14.75 -32.80 -4.29
CA HIS A 262 15.11 -32.25 -2.98
C HIS A 262 14.50 -30.88 -2.74
N ARG A 263 13.96 -30.69 -1.54
CA ARG A 263 13.39 -29.41 -1.13
C ARG A 263 13.87 -29.06 0.28
N MET A 264 13.99 -27.77 0.57
CA MET A 264 14.42 -27.32 1.88
C MET A 264 13.43 -27.74 2.97
N ASP A 265 13.92 -27.87 4.20
CA ASP A 265 13.08 -28.28 5.32
C ASP A 265 12.36 -27.09 5.94
N LYS A 266 11.39 -27.38 6.80
CA LYS A 266 10.66 -26.34 7.51
C LYS A 266 11.59 -25.62 8.46
N PRO A 267 11.73 -24.30 8.27
CA PRO A 267 12.49 -23.48 9.22
C PRO A 267 11.89 -23.59 10.62
N SER A 268 12.70 -23.39 11.65
CA SER A 268 12.29 -23.64 13.03
C SER A 268 11.00 -22.89 13.42
N ASN A 269 11.11 -21.58 13.57
CA ASN A 269 9.95 -20.77 13.93
C ASN A 269 9.07 -20.50 12.73
N CYS A 270 8.30 -21.50 12.32
CA CYS A 270 7.48 -21.40 11.12
C CYS A 270 6.31 -22.38 11.16
N THR A 271 5.10 -21.88 10.91
CA THR A 271 3.91 -22.72 10.89
C THR A 271 3.93 -23.66 9.70
N ASN A 272 3.16 -24.75 9.79
CA ASN A 272 3.08 -25.71 8.70
C ASN A 272 2.32 -25.16 7.50
N GLU A 273 1.46 -24.18 7.73
CA GLU A 273 0.75 -23.52 6.64
C GLU A 273 1.73 -22.81 5.71
N LEU A 274 2.63 -22.04 6.32
CA LEU A 274 3.61 -21.26 5.57
C LEU A 274 4.63 -22.16 4.88
N TYR A 275 5.03 -23.24 5.56
CA TYR A 275 5.93 -24.19 4.92
C TYR A 275 5.23 -24.88 3.76
N MET A 276 3.93 -25.10 3.90
CA MET A 276 3.13 -25.66 2.81
C MET A 276 3.04 -24.68 1.65
N MET A 277 3.07 -23.40 1.97
CA MET A 277 3.09 -22.36 0.94
C MET A 277 4.42 -22.38 0.19
N MET A 278 5.51 -22.52 0.95
CA MET A 278 6.83 -22.66 0.37
C MET A 278 6.88 -23.86 -0.56
N ARG A 279 6.39 -25.00 -0.07
CA ARG A 279 6.39 -26.23 -0.86
C ARG A 279 5.52 -26.09 -2.10
N ASP A 280 4.43 -25.34 -1.98
CA ASP A 280 3.56 -25.06 -3.12
C ASP A 280 4.29 -24.27 -4.19
N CYS A 281 4.99 -23.22 -3.75
CA CYS A 281 5.81 -22.43 -4.65
C CYS A 281 6.92 -23.25 -5.30
N TRP A 282 7.33 -24.32 -4.62
CA TRP A 282 8.42 -25.15 -5.10
C TRP A 282 7.94 -26.39 -5.86
N HIS A 283 6.76 -26.31 -6.46
CA HIS A 283 6.24 -27.44 -7.23
C HIS A 283 7.08 -27.67 -8.48
N ALA A 284 7.36 -28.93 -8.78
CA ALA A 284 8.20 -29.29 -9.92
C ALA A 284 7.61 -28.79 -11.23
N VAL A 285 6.30 -28.90 -11.35
CA VAL A 285 5.58 -28.38 -12.51
C VAL A 285 5.18 -26.93 -12.28
N PRO A 286 5.70 -26.02 -13.12
CA PRO A 286 5.45 -24.58 -13.02
C PRO A 286 3.97 -24.21 -12.96
N SER A 287 3.15 -24.84 -13.80
CA SER A 287 1.73 -24.48 -13.88
C SER A 287 0.95 -24.87 -12.63
N GLN A 288 1.51 -25.78 -11.84
CA GLN A 288 0.84 -26.24 -10.62
C GLN A 288 1.22 -25.40 -9.41
N ARG A 289 2.09 -24.42 -9.63
CA ARG A 289 2.42 -23.46 -8.58
C ARG A 289 1.32 -22.40 -8.49
N PRO A 290 1.11 -21.86 -7.29
CA PRO A 290 0.15 -20.76 -7.15
C PRO A 290 0.59 -19.53 -7.93
N THR A 291 -0.36 -18.72 -8.38
CA THR A 291 -0.05 -17.44 -8.97
C THR A 291 0.17 -16.43 -7.86
N PHE A 292 0.70 -15.26 -8.21
CA PHE A 292 0.98 -14.25 -7.20
C PHE A 292 -0.32 -13.70 -6.61
N LYS A 293 -1.40 -13.70 -7.40
CA LYS A 293 -2.70 -13.27 -6.90
C LYS A 293 -3.20 -14.20 -5.81
N GLN A 294 -3.11 -15.50 -6.08
CA GLN A 294 -3.51 -16.52 -5.10
C GLN A 294 -2.64 -16.44 -3.85
N LEU A 295 -1.35 -16.17 -4.04
CA LEU A 295 -0.43 -16.00 -2.92
C LEU A 295 -0.82 -14.80 -2.07
N VAL A 296 -1.25 -13.73 -2.74
CA VAL A 296 -1.69 -12.53 -2.05
C VAL A 296 -2.95 -12.82 -1.23
N GLU A 297 -3.91 -13.50 -1.84
CA GLU A 297 -5.14 -13.89 -1.15
C GLU A 297 -4.84 -14.72 0.09
N ASP A 298 -4.01 -15.75 -0.09
CA ASP A 298 -3.63 -16.64 1.01
C ASP A 298 -2.94 -15.89 2.15
N LEU A 299 -1.91 -15.10 1.80
CA LEU A 299 -1.16 -14.36 2.80
C LEU A 299 -2.03 -13.35 3.54
N ASP A 300 -3.02 -12.79 2.84
CA ASP A 300 -3.96 -11.87 3.45
C ASP A 300 -4.83 -12.60 4.47
N ARG A 301 -5.35 -13.74 4.05
CA ARG A 301 -6.16 -14.58 4.94
C ARG A 301 -5.37 -14.94 6.19
N ILE A 302 -4.10 -15.29 6.01
CA ILE A 302 -3.25 -15.67 7.14
C ILE A 302 -2.96 -14.48 8.05
N VAL A 303 -2.72 -13.32 7.45
CA VAL A 303 -2.51 -12.09 8.22
C VAL A 303 -3.71 -11.82 9.12
N ALA A 304 -4.92 -11.95 8.55
CA ALA A 304 -6.13 -11.72 9.31
C ALA A 304 -6.28 -12.69 10.49
N LEU A 305 -5.68 -13.88 10.37
CA LEU A 305 -5.79 -14.91 11.39
C LEU A 305 -4.59 -14.97 12.34
N THR A 306 -3.78 -13.91 12.34
CA THR A 306 -2.54 -13.92 13.11
C THR A 306 -2.46 -12.71 14.04
N SER A 307 -1.61 -12.80 15.07
CA SER A 307 -1.34 -11.69 15.95
C SER A 307 0.10 -11.74 16.45
N VAL B 5 28.79 -27.55 -15.28
CA VAL B 5 28.51 -26.23 -15.82
C VAL B 5 27.01 -25.95 -15.91
N SER B 6 26.22 -27.02 -15.94
CA SER B 6 24.78 -26.92 -16.12
C SER B 6 24.07 -28.16 -15.58
N GLU B 7 24.23 -29.27 -16.30
CA GLU B 7 23.80 -30.58 -15.82
C GLU B 7 25.03 -31.46 -15.79
N TYR B 8 26.00 -31.06 -16.61
CA TYR B 8 27.38 -31.55 -16.55
C TYR B 8 27.91 -31.59 -15.12
N GLU B 9 28.51 -32.71 -14.73
CA GLU B 9 29.21 -32.74 -13.45
C GLU B 9 30.64 -33.27 -13.62
N LEU B 10 31.49 -32.86 -12.69
CA LEU B 10 32.94 -32.96 -12.86
C LEU B 10 33.48 -34.37 -12.80
N PRO B 11 34.21 -34.76 -13.86
CA PRO B 11 34.92 -36.04 -13.91
C PRO B 11 36.10 -36.04 -12.95
N GLU B 12 36.49 -37.22 -12.48
CA GLU B 12 37.67 -37.35 -11.65
C GLU B 12 38.93 -37.16 -12.48
N ASP B 13 39.98 -36.67 -11.85
CA ASP B 13 41.28 -36.62 -12.49
C ASP B 13 42.34 -36.88 -11.42
N PRO B 14 42.71 -38.15 -11.26
CA PRO B 14 43.65 -38.61 -10.23
C PRO B 14 45.00 -37.92 -10.32
N ARG B 15 45.34 -37.43 -11.51
CA ARG B 15 46.57 -36.68 -11.72
C ARG B 15 46.57 -35.36 -10.95
N TRP B 16 45.37 -34.82 -10.71
CA TRP B 16 45.24 -33.48 -10.13
C TRP B 16 44.46 -33.44 -8.82
N GLU B 17 43.78 -34.53 -8.49
CA GLU B 17 42.91 -34.54 -7.32
C GLU B 17 43.69 -34.54 -6.01
N LEU B 18 43.42 -33.54 -5.18
CA LEU B 18 43.99 -33.49 -3.84
C LEU B 18 42.91 -33.78 -2.81
N PRO B 19 43.14 -34.76 -1.93
CA PRO B 19 42.18 -35.07 -0.86
C PRO B 19 41.91 -33.87 0.03
N ARG B 20 40.67 -33.67 0.43
CA ARG B 20 40.26 -32.46 1.14
C ARG B 20 40.93 -32.30 2.50
N ASP B 21 41.29 -33.42 3.13
CA ASP B 21 41.91 -33.35 4.45
C ASP B 21 43.39 -32.96 4.35
N ARG B 22 43.87 -32.80 3.12
CA ARG B 22 45.23 -32.34 2.89
C ARG B 22 45.25 -30.83 2.69
N LEU B 23 44.06 -30.23 2.64
CA LEU B 23 43.93 -28.79 2.45
C LEU B 23 43.45 -28.11 3.73
N VAL B 24 44.32 -27.32 4.32
CA VAL B 24 44.01 -26.57 5.53
C VAL B 24 43.73 -25.11 5.19
N LEU B 25 42.44 -24.75 5.17
CA LEU B 25 42.02 -23.41 4.78
C LEU B 25 42.40 -22.36 5.81
N GLY B 26 42.61 -21.13 5.34
CA GLY B 26 42.98 -20.04 6.22
C GLY B 26 42.37 -18.70 5.83
N LYS B 27 43.21 -17.66 5.82
CA LYS B 27 42.77 -16.30 5.54
C LYS B 27 42.24 -16.14 4.12
N PRO B 28 41.09 -15.46 3.97
CA PRO B 28 40.61 -15.10 2.64
C PRO B 28 41.46 -14.01 2.01
N LEU B 29 41.63 -14.04 0.69
CA LEU B 29 42.52 -13.09 0.01
C LEU B 29 41.76 -12.19 -0.95
N GLY B 30 40.44 -12.22 -0.88
CA GLY B 30 39.63 -11.39 -1.75
C GLY B 30 38.26 -11.97 -2.02
N GLU B 31 37.27 -11.09 -2.09
CA GLU B 31 35.88 -11.44 -2.34
C GLU B 31 35.43 -10.85 -3.67
N GLY B 32 36.08 -11.31 -4.73
CA GLY B 32 35.90 -10.75 -6.06
C GLY B 32 34.50 -10.85 -6.66
N ALA B 33 34.37 -10.45 -7.91
CA ALA B 33 33.07 -10.39 -8.58
C ALA B 33 32.47 -11.76 -8.87
N PHE B 34 33.29 -12.69 -9.36
CA PHE B 34 32.79 -13.98 -9.82
C PHE B 34 33.20 -15.15 -8.93
N GLY B 35 33.80 -14.85 -7.77
CA GLY B 35 34.23 -15.91 -6.87
C GLY B 35 35.02 -15.47 -5.65
N GLN B 36 35.80 -16.40 -5.11
CA GLN B 36 36.55 -16.16 -3.88
C GLN B 36 37.92 -16.85 -3.86
N VAL B 37 38.89 -16.23 -3.20
CA VAL B 37 40.20 -16.85 -3.01
C VAL B 37 40.55 -16.92 -1.53
N VAL B 38 40.93 -18.11 -1.08
CA VAL B 38 41.32 -18.32 0.31
C VAL B 38 42.76 -18.82 0.41
N LEU B 39 43.59 -18.13 1.17
CA LEU B 39 44.94 -18.62 1.45
C LEU B 39 44.84 -19.92 2.24
N ALA B 40 45.66 -20.90 1.88
CA ALA B 40 45.60 -22.19 2.56
C ALA B 40 46.96 -22.88 2.59
N GLU B 41 47.01 -24.04 3.26
CA GLU B 41 48.21 -24.85 3.29
C GLU B 41 47.91 -26.25 2.79
N ALA B 42 48.69 -26.73 1.83
CA ALA B 42 48.48 -28.07 1.29
C ALA B 42 49.55 -29.03 1.78
N ILE B 43 49.14 -30.22 2.22
CA ILE B 43 50.10 -31.19 2.72
C ILE B 43 50.34 -32.30 1.71
N GLY B 44 51.60 -32.47 1.34
CA GLY B 44 51.99 -33.55 0.45
C GLY B 44 51.57 -33.35 -1.00
N LEU B 45 51.66 -32.12 -1.49
CA LEU B 45 51.54 -31.87 -2.92
C LEU B 45 52.65 -32.63 -3.63
N ASP B 46 53.88 -32.35 -3.22
CA ASP B 46 55.03 -33.14 -3.65
C ASP B 46 54.88 -34.56 -3.13
N LYS B 47 54.43 -35.49 -3.98
CA LYS B 47 54.00 -36.82 -3.52
C LYS B 47 55.07 -37.68 -2.81
N ASP B 48 56.36 -37.42 -3.07
CA ASP B 48 57.45 -38.05 -2.29
C ASP B 48 58.22 -37.03 -1.42
N LYS B 49 57.53 -35.93 -1.09
CA LYS B 49 57.85 -35.10 0.07
C LYS B 49 56.54 -34.83 0.81
N PRO B 50 55.86 -35.89 1.27
CA PRO B 50 54.48 -35.82 1.75
C PRO B 50 54.32 -35.22 3.13
N ASN B 51 55.40 -34.67 3.69
CA ASN B 51 55.32 -34.07 5.01
C ASN B 51 55.55 -32.57 4.99
N ARG B 52 55.59 -32.00 3.80
CA ARG B 52 55.82 -30.56 3.69
C ARG B 52 54.52 -29.83 3.37
N VAL B 53 54.27 -28.73 4.07
CA VAL B 53 53.13 -27.89 3.74
C VAL B 53 53.53 -26.81 2.76
N THR B 54 52.71 -26.60 1.74
CA THR B 54 52.93 -25.56 0.76
C THR B 54 51.86 -24.49 0.91
N LYS B 55 52.28 -23.24 1.02
CA LYS B 55 51.34 -22.13 0.99
C LYS B 55 50.71 -22.05 -0.40
N VAL B 56 49.38 -22.08 -0.45
CA VAL B 56 48.67 -22.08 -1.73
C VAL B 56 47.48 -21.13 -1.71
N ALA B 57 46.96 -20.85 -2.90
CA ALA B 57 45.75 -20.05 -3.03
C ALA B 57 44.62 -20.92 -3.56
N VAL B 58 43.47 -20.87 -2.89
CA VAL B 58 42.35 -21.72 -3.23
C VAL B 58 41.18 -20.92 -3.79
N LYS B 59 40.95 -21.06 -5.09
CA LYS B 59 39.82 -20.43 -5.75
C LYS B 59 38.57 -21.28 -5.61
N MET B 60 37.47 -20.65 -5.19
CA MET B 60 36.21 -21.34 -4.96
C MET B 60 35.04 -20.43 -5.28
N LEU B 61 33.85 -21.01 -5.41
CA LEU B 61 32.63 -20.22 -5.62
C LEU B 61 32.28 -19.41 -4.37
N LYS B 62 31.76 -18.21 -4.57
CA LYS B 62 31.35 -17.38 -3.46
C LYS B 62 29.92 -17.71 -3.05
N SER B 63 29.29 -16.80 -2.30
CA SER B 63 27.97 -17.05 -1.75
C SER B 63 26.90 -17.28 -2.81
N ASP B 64 26.48 -16.21 -3.47
CA ASP B 64 25.37 -16.26 -4.42
C ASP B 64 25.83 -16.64 -5.83
N ALA B 65 26.62 -17.70 -5.93
CA ALA B 65 27.23 -18.13 -7.19
C ALA B 65 26.20 -18.36 -8.29
N THR B 66 26.57 -17.97 -9.51
CA THR B 66 25.73 -18.18 -10.68
C THR B 66 26.27 -19.36 -11.49
N GLU B 67 25.53 -19.76 -12.52
CA GLU B 67 25.98 -20.84 -13.39
C GLU B 67 27.27 -20.46 -14.10
N LYS B 68 27.31 -19.20 -14.55
CA LYS B 68 28.48 -18.65 -15.23
C LYS B 68 29.71 -18.67 -14.33
N ASP B 69 29.52 -18.45 -13.03
CA ASP B 69 30.63 -18.50 -12.08
C ASP B 69 31.25 -19.89 -12.03
N LEU B 70 30.39 -20.89 -11.90
CA LEU B 70 30.84 -22.29 -11.86
C LEU B 70 31.54 -22.67 -13.15
N SER B 71 30.88 -22.40 -14.27
CA SER B 71 31.45 -22.74 -15.59
C SER B 71 32.79 -22.03 -15.80
N ASP B 72 32.93 -20.82 -15.25
CA ASP B 72 34.18 -20.07 -15.36
C ASP B 72 35.27 -20.67 -14.49
N LEU B 73 34.91 -21.12 -13.29
CA LEU B 73 35.87 -21.77 -12.41
C LEU B 73 36.40 -23.04 -13.07
N ILE B 74 35.48 -23.89 -13.51
CA ILE B 74 35.82 -25.13 -14.19
C ILE B 74 36.70 -24.86 -15.42
N SER B 75 36.28 -23.89 -16.22
CA SER B 75 37.01 -23.52 -17.42
C SER B 75 38.42 -23.04 -17.08
N GLU B 76 38.57 -22.31 -15.99
CA GLU B 76 39.90 -21.85 -15.57
C GLU B 76 40.77 -23.02 -15.20
N MET B 77 40.21 -23.95 -14.42
CA MET B 77 40.91 -25.18 -14.07
C MET B 77 41.42 -25.91 -15.30
N GLU B 78 40.51 -26.18 -16.24
CA GLU B 78 40.88 -26.92 -17.45
C GLU B 78 41.89 -26.18 -18.33
N MET B 79 41.70 -24.87 -18.47
CA MET B 79 42.61 -24.05 -19.26
C MET B 79 44.00 -24.09 -18.67
N MET B 80 44.10 -24.03 -17.35
CA MET B 80 45.40 -24.10 -16.69
C MET B 80 46.01 -25.49 -16.83
N LYS B 81 45.19 -26.53 -16.81
CA LYS B 81 45.68 -27.87 -17.14
C LYS B 81 46.31 -27.90 -18.54
N MET B 82 45.61 -27.27 -19.48
CA MET B 82 46.00 -27.26 -20.88
C MET B 82 47.30 -26.51 -21.13
N ILE B 83 47.40 -25.31 -20.54
CA ILE B 83 48.53 -24.42 -20.74
C ILE B 83 49.86 -25.02 -20.30
N GLY B 84 49.90 -25.60 -19.11
CA GLY B 84 51.12 -26.14 -18.56
C GLY B 84 51.81 -25.13 -17.67
N LYS B 85 53.02 -25.45 -17.23
CA LYS B 85 53.73 -24.59 -16.30
C LYS B 85 54.68 -23.61 -16.99
N HIS B 86 54.60 -22.34 -16.59
CA HIS B 86 55.56 -21.33 -17.02
C HIS B 86 55.87 -20.40 -15.84
N LYS B 87 57.08 -19.87 -15.83
CA LYS B 87 57.54 -19.06 -14.69
C LYS B 87 56.72 -17.79 -14.52
N ASN B 88 56.11 -17.29 -15.59
CA ASN B 88 55.34 -16.06 -15.52
C ASN B 88 53.84 -16.29 -15.62
N ILE B 89 53.43 -17.52 -15.33
CA ILE B 89 52.02 -17.88 -15.28
C ILE B 89 51.73 -18.57 -13.96
N ILE B 90 50.68 -18.14 -13.27
CA ILE B 90 50.28 -18.82 -12.03
C ILE B 90 49.92 -20.25 -12.37
N ASN B 91 50.66 -21.17 -11.79
CA ASN B 91 50.57 -22.59 -12.10
CA ASN B 91 50.53 -22.58 -12.13
C ASN B 91 49.53 -23.31 -11.24
N LEU B 92 48.81 -24.25 -11.86
CA LEU B 92 47.85 -25.08 -11.15
C LEU B 92 48.60 -26.07 -10.26
N LEU B 93 48.14 -26.25 -9.03
CA LEU B 93 48.81 -27.14 -8.11
C LEU B 93 47.93 -28.35 -7.79
N GLY B 94 46.61 -28.16 -7.86
CA GLY B 94 45.71 -29.27 -7.62
C GLY B 94 44.25 -28.87 -7.65
N ALA B 95 43.39 -29.77 -7.21
CA ALA B 95 41.95 -29.52 -7.20
C ALA B 95 41.19 -30.50 -6.31
N CYS B 96 40.12 -30.00 -5.69
CA CYS B 96 39.17 -30.84 -4.97
C CYS B 96 37.83 -30.75 -5.69
N THR B 97 37.47 -31.80 -6.43
CA THR B 97 36.34 -31.74 -7.34
C THR B 97 35.17 -32.64 -6.95
N GLN B 98 35.39 -33.54 -6.01
CA GLN B 98 34.36 -34.51 -5.66
C GLN B 98 33.82 -34.33 -4.24
N ASP B 99 32.51 -34.53 -4.10
CA ASP B 99 31.84 -34.58 -2.80
C ASP B 99 32.10 -33.32 -1.95
N GLY B 100 31.76 -32.16 -2.49
CA GLY B 100 31.92 -30.91 -1.78
C GLY B 100 32.04 -29.75 -2.74
N PRO B 101 32.48 -28.59 -2.23
CA PRO B 101 32.70 -27.41 -3.06
C PRO B 101 33.85 -27.62 -4.03
N LEU B 102 33.74 -27.07 -5.24
CA LEU B 102 34.85 -27.14 -6.19
C LEU B 102 35.98 -26.25 -5.72
N TYR B 103 37.14 -26.86 -5.47
CA TYR B 103 38.34 -26.12 -5.09
C TYR B 103 39.39 -26.19 -6.18
N VAL B 104 39.83 -25.03 -6.66
CA VAL B 104 40.93 -24.98 -7.61
C VAL B 104 42.16 -24.44 -6.90
N ILE B 105 43.22 -25.24 -6.84
CA ILE B 105 44.38 -24.92 -6.03
C ILE B 105 45.56 -24.47 -6.88
N VAL B 106 45.96 -23.21 -6.69
CA VAL B 106 47.02 -22.59 -7.47
C VAL B 106 48.13 -22.00 -6.60
N GLU B 107 49.21 -21.56 -7.25
CA GLU B 107 50.33 -20.92 -6.57
C GLU B 107 49.90 -19.73 -5.72
N TYR B 108 50.57 -19.53 -4.60
CA TYR B 108 50.34 -18.37 -3.77
C TYR B 108 51.30 -17.25 -4.16
N ALA B 109 50.74 -16.06 -4.37
CA ALA B 109 51.55 -14.87 -4.63
C ALA B 109 51.37 -13.87 -3.51
N SER B 110 52.34 -13.80 -2.61
CA SER B 110 52.21 -13.08 -1.35
C SER B 110 51.94 -11.57 -1.49
N LYS B 111 52.38 -10.98 -2.59
CA LYS B 111 52.32 -9.52 -2.72
C LYS B 111 51.12 -9.00 -3.53
N GLY B 112 50.11 -9.85 -3.73
CA GLY B 112 48.89 -9.43 -4.37
C GLY B 112 49.04 -9.12 -5.85
N ASN B 113 48.04 -8.44 -6.43
CA ASN B 113 48.07 -8.15 -7.85
C ASN B 113 48.93 -6.92 -8.17
N LEU B 114 49.33 -6.83 -9.43
CA LEU B 114 50.30 -5.82 -9.87
C LEU B 114 49.84 -4.40 -9.64
N ARG B 115 48.54 -4.15 -9.78
CA ARG B 115 47.98 -2.82 -9.53
C ARG B 115 48.18 -2.40 -8.08
N GLU B 116 47.80 -3.28 -7.15
CA GLU B 116 47.99 -3.05 -5.72
C GLU B 116 49.49 -2.91 -5.39
N TYR B 117 50.28 -3.82 -5.94
CA TYR B 117 51.72 -3.84 -5.74
C TYR B 117 52.38 -2.51 -6.12
N LEU B 118 52.02 -2.00 -7.29
CA LEU B 118 52.58 -0.73 -7.77
C LEU B 118 52.02 0.46 -7.00
N GLN B 119 50.74 0.41 -6.67
CA GLN B 119 50.10 1.50 -5.93
C GLN B 119 50.70 1.66 -4.53
N ALA B 120 51.10 0.54 -3.93
CA ALA B 120 51.68 0.56 -2.60
C ALA B 120 53.15 0.95 -2.61
N ARG B 121 53.67 1.31 -3.78
CA ARG B 121 55.07 1.68 -3.90
C ARG B 121 55.25 2.99 -4.68
N ARG B 122 54.23 3.83 -4.63
CA ARG B 122 54.30 5.16 -5.21
C ARG B 122 55.10 6.10 -4.32
N PRO B 123 56.02 6.87 -4.90
CA PRO B 123 56.68 7.92 -4.12
C PRO B 123 55.71 9.06 -3.81
N PRO B 124 55.67 9.52 -2.56
CA PRO B 124 54.71 10.53 -2.10
C PRO B 124 55.19 11.96 -2.36
N GLU B 138 61.03 -1.57 -1.07
CA GLU B 138 59.81 -1.01 -1.67
C GLU B 138 60.08 -0.01 -2.79
N GLN B 139 61.34 0.20 -3.14
CA GLN B 139 61.67 1.25 -4.10
C GLN B 139 61.84 0.73 -5.52
N LEU B 140 61.00 1.25 -6.41
CA LEU B 140 60.96 0.85 -7.80
C LEU B 140 61.85 1.72 -8.67
N SER B 141 62.72 1.08 -9.45
CA SER B 141 63.47 1.77 -10.48
C SER B 141 62.70 1.66 -11.80
N SER B 142 63.12 2.41 -12.80
CA SER B 142 62.53 2.30 -14.13
C SER B 142 62.78 0.90 -14.68
N LYS B 143 63.99 0.40 -14.43
CA LYS B 143 64.39 -0.93 -14.86
C LYS B 143 63.48 -1.99 -14.23
N ASP B 144 63.00 -1.73 -13.02
CA ASP B 144 62.06 -2.62 -12.35
C ASP B 144 60.75 -2.70 -13.13
N LEU B 145 60.21 -1.54 -13.50
CA LEU B 145 58.96 -1.47 -14.26
C LEU B 145 59.10 -2.18 -15.59
N VAL B 146 60.14 -1.83 -16.34
CA VAL B 146 60.38 -2.43 -17.64
C VAL B 146 60.55 -3.95 -17.51
N SER B 147 61.25 -4.38 -16.47
CA SER B 147 61.43 -5.80 -16.21
C SER B 147 60.09 -6.49 -15.97
N CYS B 148 59.22 -5.82 -15.23
CA CYS B 148 57.88 -6.31 -14.97
C CYS B 148 57.10 -6.53 -16.28
N ALA B 149 57.05 -5.46 -17.07
CA ALA B 149 56.42 -5.53 -18.40
C ALA B 149 56.99 -6.69 -19.22
N TYR B 150 58.30 -6.88 -19.11
CA TYR B 150 58.99 -7.95 -19.81
C TYR B 150 58.51 -9.33 -19.37
N GLN B 151 58.47 -9.55 -18.06
CA GLN B 151 58.01 -10.83 -17.51
C GLN B 151 56.59 -11.13 -18.00
N VAL B 152 55.71 -10.14 -17.87
CA VAL B 152 54.35 -10.33 -18.33
C VAL B 152 54.33 -10.69 -19.81
N ALA B 153 55.12 -9.97 -20.61
CA ALA B 153 55.21 -10.25 -22.05
C ALA B 153 55.66 -11.68 -22.33
N ARG B 154 56.58 -12.18 -21.52
CA ARG B 154 57.04 -13.56 -21.67
C ARG B 154 55.92 -14.54 -21.40
N GLY B 155 55.22 -14.31 -20.29
CA GLY B 155 54.07 -15.14 -19.94
C GLY B 155 53.06 -15.19 -21.08
N MET B 156 52.74 -14.02 -21.62
CA MET B 156 51.78 -13.92 -22.71
C MET B 156 52.30 -14.60 -23.99
N GLU B 157 53.60 -14.54 -24.23
CA GLU B 157 54.18 -15.18 -25.40
C GLU B 157 54.01 -16.69 -25.29
N TYR B 158 54.32 -17.22 -24.10
CA TYR B 158 54.14 -18.64 -23.86
C TYR B 158 52.68 -19.05 -24.03
N LEU B 159 51.78 -18.22 -23.50
CA LEU B 159 50.34 -18.44 -23.67
C LEU B 159 49.95 -18.55 -25.13
N ALA B 160 50.39 -17.58 -25.92
CA ALA B 160 50.07 -17.53 -27.34
C ALA B 160 50.64 -18.74 -28.07
N SER B 161 51.80 -19.20 -27.64
CA SER B 161 52.42 -20.38 -28.26
C SER B 161 51.59 -21.62 -27.97
N LYS B 162 50.88 -21.63 -26.85
CA LYS B 162 49.97 -22.71 -26.52
C LYS B 162 48.59 -22.47 -27.14
N LYS B 163 48.52 -21.46 -28.00
CA LYS B 163 47.32 -21.16 -28.79
C LYS B 163 46.12 -20.84 -27.92
N CYS B 164 46.33 -19.98 -26.92
CA CYS B 164 45.29 -19.59 -25.99
CA CYS B 164 45.26 -19.58 -26.03
C CYS B 164 45.23 -18.07 -25.84
N ILE B 165 44.01 -17.53 -25.78
CA ILE B 165 43.78 -16.11 -25.55
CA ILE B 165 43.85 -16.11 -25.52
C ILE B 165 43.30 -15.89 -24.12
N HIS B 166 43.91 -14.95 -23.41
CA HIS B 166 43.51 -14.67 -22.03
C HIS B 166 42.23 -13.84 -22.00
N ARG B 167 42.16 -12.86 -22.90
CA ARG B 167 41.02 -11.96 -23.06
C ARG B 167 40.82 -10.96 -21.91
N ASP B 168 41.50 -11.18 -20.79
CA ASP B 168 41.31 -10.32 -19.63
C ASP B 168 42.66 -9.88 -19.04
N LEU B 169 43.62 -9.62 -19.91
CA LEU B 169 44.93 -9.17 -19.45
C LEU B 169 44.84 -7.77 -18.87
N ALA B 170 45.18 -7.66 -17.59
CA ALA B 170 45.15 -6.38 -16.89
C ALA B 170 46.00 -6.49 -15.63
N ALA B 171 46.38 -5.35 -15.06
CA ALA B 171 47.26 -5.33 -13.89
C ALA B 171 46.62 -6.06 -12.70
N ARG B 172 45.30 -6.02 -12.62
CA ARG B 172 44.58 -6.69 -11.54
C ARG B 172 44.65 -8.21 -11.71
N ASN B 173 44.97 -8.66 -12.91
CA ASN B 173 45.07 -10.09 -13.20
C ASN B 173 46.52 -10.53 -13.39
N VAL B 174 47.44 -9.72 -12.89
CA VAL B 174 48.85 -10.10 -12.79
C VAL B 174 49.25 -10.07 -11.32
N LEU B 175 49.72 -11.21 -10.81
CA LEU B 175 50.06 -11.31 -9.39
C LEU B 175 51.56 -11.28 -9.17
N VAL B 176 51.98 -10.81 -8.00
CA VAL B 176 53.40 -10.70 -7.67
C VAL B 176 53.77 -11.61 -6.50
N THR B 177 54.77 -12.45 -6.71
CA THR B 177 55.22 -13.36 -5.66
C THR B 177 56.15 -12.66 -4.67
N GLU B 178 56.67 -13.43 -3.73
CA GLU B 178 57.56 -12.88 -2.70
C GLU B 178 58.86 -12.40 -3.33
N ASP B 179 59.31 -13.09 -4.37
CA ASP B 179 60.55 -12.75 -5.05
C ASP B 179 60.31 -11.80 -6.22
N ASN B 180 59.20 -11.07 -6.15
CA ASN B 180 58.83 -10.07 -7.17
C ASN B 180 58.72 -10.63 -8.58
N VAL B 181 58.36 -11.91 -8.69
CA VAL B 181 58.14 -12.54 -9.99
C VAL B 181 56.70 -12.29 -10.44
N MET B 182 56.54 -11.80 -11.67
CA MET B 182 55.23 -11.52 -12.24
C MET B 182 54.59 -12.80 -12.76
N LYS B 183 53.33 -13.04 -12.40
CA LYS B 183 52.62 -14.23 -12.82
C LYS B 183 51.22 -13.90 -13.33
N ILE B 184 50.95 -14.25 -14.58
CA ILE B 184 49.63 -14.02 -15.15
C ILE B 184 48.60 -14.94 -14.53
N ALA B 185 47.48 -14.36 -14.08
CA ALA B 185 46.47 -15.12 -13.38
C ALA B 185 45.07 -14.86 -13.93
N ASP B 186 44.07 -15.44 -13.27
CA ASP B 186 42.67 -15.26 -13.61
C ASP B 186 42.33 -15.68 -15.03
N PHE B 187 42.38 -16.98 -15.26
CA PHE B 187 42.07 -17.64 -16.52
C PHE B 187 40.64 -18.14 -16.81
N GLY B 188 39.61 -17.63 -16.16
CA GLY B 188 38.25 -18.06 -16.44
C GLY B 188 37.54 -17.73 -17.74
N LEU B 189 38.05 -16.75 -18.43
CA LEU B 189 37.48 -16.08 -19.59
C LEU B 189 38.37 -16.41 -20.77
N ALA B 190 39.48 -17.09 -20.46
CA ALA B 190 40.42 -17.54 -21.47
C ALA B 190 39.79 -18.57 -22.39
N ARG B 191 40.17 -18.53 -23.66
CA ARG B 191 39.63 -19.45 -24.64
C ARG B 191 40.74 -20.12 -25.44
N ASP B 192 40.53 -21.39 -25.78
CA ASP B 192 41.46 -22.11 -26.64
C ASP B 192 41.09 -21.89 -28.10
N ILE B 193 42.07 -21.49 -28.91
CA ILE B 193 41.82 -21.24 -30.32
C ILE B 193 42.75 -22.04 -31.22
N HIS B 194 42.94 -23.31 -30.92
N HIS B 194 42.93 -23.31 -30.90
CA HIS B 194 43.72 -24.17 -31.78
CA HIS B 194 43.65 -24.24 -31.78
C HIS B 194 43.06 -24.27 -33.16
C HIS B 194 43.03 -24.26 -33.17
N HIS B 195 43.87 -24.15 -34.20
CA HIS B 195 43.42 -24.25 -35.60
C HIS B 195 42.37 -23.22 -36.05
N ILE B 196 41.99 -22.30 -35.17
CA ILE B 196 41.19 -21.14 -35.57
C ILE B 196 41.99 -19.89 -35.21
N ASP B 197 41.91 -18.86 -36.05
CA ASP B 197 42.71 -17.66 -35.82
C ASP B 197 42.09 -16.75 -34.76
N TYR B 198 40.88 -17.09 -34.32
CA TYR B 198 40.10 -16.17 -33.49
C TYR B 198 39.03 -16.85 -32.64
N TYR B 199 38.35 -16.03 -31.84
CA TYR B 199 37.22 -16.47 -31.02
C TYR B 199 36.11 -15.43 -31.12
N LYS B 200 34.92 -15.85 -31.52
CA LYS B 200 33.83 -14.91 -31.77
C LYS B 200 32.72 -14.98 -30.72
N LYS B 201 32.34 -13.82 -30.20
CA LYS B 201 31.24 -13.72 -29.25
C LYS B 201 30.54 -12.37 -29.42
N THR B 202 29.31 -12.41 -29.91
CA THR B 202 28.62 -11.18 -30.32
C THR B 202 27.41 -10.80 -29.47
N THR B 203 27.40 -11.24 -28.21
CA THR B 203 26.48 -10.66 -27.24
C THR B 203 27.27 -9.62 -26.45
N ASN B 204 26.65 -9.03 -25.44
CA ASN B 204 27.37 -8.08 -24.59
C ASN B 204 28.37 -8.82 -23.72
N GLY B 205 29.63 -8.39 -23.78
CA GLY B 205 30.73 -9.10 -23.14
C GLY B 205 30.76 -9.03 -21.62
N ARG B 206 31.65 -9.81 -21.03
CA ARG B 206 31.84 -9.84 -19.58
C ARG B 206 33.26 -9.42 -19.23
N LEU B 207 33.88 -8.69 -20.15
CA LEU B 207 35.22 -8.17 -19.95
C LEU B 207 35.17 -6.66 -19.74
N PRO B 208 36.04 -6.14 -18.85
CA PRO B 208 36.16 -4.70 -18.63
C PRO B 208 36.42 -3.94 -19.93
N VAL B 209 35.55 -3.00 -20.24
CA VAL B 209 35.56 -2.29 -21.53
C VAL B 209 36.87 -1.57 -21.80
N LYS B 210 37.43 -0.95 -20.76
CA LYS B 210 38.63 -0.12 -20.93
C LYS B 210 39.88 -0.92 -21.33
N TRP B 211 39.78 -2.24 -21.31
CA TRP B 211 40.89 -3.09 -21.70
C TRP B 211 40.66 -3.81 -23.02
N MET B 212 39.48 -3.59 -23.61
CA MET B 212 39.10 -4.32 -24.81
C MET B 212 39.53 -3.63 -26.10
N ALA B 213 40.13 -4.39 -27.00
CA ALA B 213 40.42 -3.90 -28.34
C ALA B 213 39.12 -3.57 -29.05
N PRO B 214 39.15 -2.56 -29.94
CA PRO B 214 37.95 -2.10 -30.66
C PRO B 214 37.24 -3.21 -31.44
N GLU B 215 38.01 -4.07 -32.10
CA GLU B 215 37.41 -5.15 -32.88
C GLU B 215 36.79 -6.21 -31.97
N ALA B 216 37.17 -6.20 -30.69
CA ALA B 216 36.54 -7.06 -29.70
C ALA B 216 35.29 -6.38 -29.16
N LEU B 217 35.40 -5.08 -28.92
CA LEU B 217 34.29 -4.27 -28.41
C LEU B 217 33.13 -4.21 -29.40
N PHE B 218 33.43 -3.96 -30.66
CA PHE B 218 32.42 -3.67 -31.66
C PHE B 218 32.03 -4.89 -32.49
N ASP B 219 32.99 -5.78 -32.75
CA ASP B 219 32.74 -6.92 -33.63
C ASP B 219 32.76 -8.25 -32.88
N GLY B 220 33.10 -8.22 -31.61
CA GLY B 220 33.16 -9.44 -30.81
C GLY B 220 34.18 -10.43 -31.32
N ILE B 221 35.28 -9.91 -31.85
CA ILE B 221 36.35 -10.76 -32.38
C ILE B 221 37.57 -10.72 -31.48
N TYR B 222 37.92 -11.87 -30.92
CA TYR B 222 39.06 -11.97 -30.01
C TYR B 222 40.20 -12.76 -30.65
N THR B 223 41.38 -12.17 -30.63
CA THR B 223 42.58 -12.81 -31.15
C THR B 223 43.75 -12.60 -30.21
N HIS B 224 44.94 -12.99 -30.63
CA HIS B 224 46.16 -12.68 -29.88
C HIS B 224 46.43 -11.17 -29.94
N GLN B 225 45.91 -10.54 -31.00
CA GLN B 225 46.12 -9.12 -31.23
C GLN B 225 45.33 -8.25 -30.24
N SER B 226 44.12 -8.69 -29.90
CA SER B 226 43.33 -8.01 -28.88
C SER B 226 44.02 -8.16 -27.52
N ASP B 227 44.61 -9.32 -27.29
CA ASP B 227 45.44 -9.55 -26.12
C ASP B 227 46.59 -8.56 -26.10
N VAL B 228 47.18 -8.30 -27.28
CA VAL B 228 48.25 -7.32 -27.39
C VAL B 228 47.77 -5.90 -27.04
N TRP B 229 46.57 -5.55 -27.51
CA TRP B 229 45.93 -4.28 -27.13
C TRP B 229 45.84 -4.15 -25.61
N SER B 230 45.27 -5.18 -25.01
CA SER B 230 45.16 -5.26 -23.56
C SER B 230 46.52 -5.09 -22.90
N PHE B 231 47.55 -5.63 -23.54
CA PHE B 231 48.91 -5.52 -23.03
C PHE B 231 49.39 -4.08 -23.08
N GLY B 232 49.00 -3.35 -24.13
CA GLY B 232 49.32 -1.94 -24.21
C GLY B 232 48.69 -1.19 -23.05
N VAL B 233 47.42 -1.47 -22.83
CA VAL B 233 46.72 -0.89 -21.67
C VAL B 233 47.47 -1.21 -20.38
N LEU B 234 47.98 -2.43 -20.29
CA LEU B 234 48.72 -2.88 -19.12
C LEU B 234 50.04 -2.11 -18.95
N LEU B 235 50.69 -1.78 -20.07
CA LEU B 235 51.90 -0.96 -20.04
C LEU B 235 51.55 0.39 -19.44
N TRP B 236 50.46 0.96 -19.95
CA TRP B 236 49.99 2.23 -19.41
C TRP B 236 49.71 2.15 -17.91
N GLU B 237 49.16 1.02 -17.46
CA GLU B 237 48.88 0.81 -16.04
C GLU B 237 50.17 0.77 -15.23
N ILE B 238 51.15 0.05 -15.76
CA ILE B 238 52.45 -0.11 -15.10
C ILE B 238 53.14 1.23 -14.92
N PHE B 239 53.21 2.03 -15.98
CA PHE B 239 53.99 3.26 -15.88
C PHE B 239 53.23 4.44 -15.29
N THR B 240 51.98 4.23 -14.89
CA THR B 240 51.27 5.20 -14.07
C THR B 240 51.24 4.73 -12.62
N LEU B 241 52.02 3.69 -12.35
CA LEU B 241 52.09 3.06 -11.03
C LEU B 241 50.71 2.63 -10.52
N GLY B 242 49.94 2.00 -11.40
CA GLY B 242 48.63 1.48 -11.03
C GLY B 242 47.50 2.45 -11.25
N GLY B 243 47.67 3.36 -12.20
CA GLY B 243 46.62 4.29 -12.56
C GLY B 243 45.51 3.58 -13.32
N SER B 244 44.36 4.22 -13.43
CA SER B 244 43.23 3.62 -14.11
C SER B 244 43.03 4.21 -15.50
N PRO B 245 42.97 3.34 -16.53
CA PRO B 245 42.92 3.67 -17.95
C PRO B 245 41.86 4.71 -18.31
N TYR B 246 42.19 5.58 -19.26
CA TYR B 246 41.31 6.67 -19.69
C TYR B 246 40.73 7.43 -18.50
N PRO B 247 41.61 8.09 -17.73
CA PRO B 247 41.22 8.69 -16.45
C PRO B 247 40.18 9.79 -16.61
N GLY B 248 39.03 9.62 -15.95
CA GLY B 248 37.97 10.61 -15.98
C GLY B 248 36.95 10.34 -17.07
N VAL B 249 37.25 9.37 -17.94
CA VAL B 249 36.35 9.05 -19.04
C VAL B 249 35.43 7.89 -18.67
N PRO B 250 34.12 8.14 -18.61
CA PRO B 250 33.16 7.10 -18.28
C PRO B 250 33.06 6.07 -19.41
N VAL B 251 32.77 4.82 -19.06
CA VAL B 251 32.65 3.73 -20.03
C VAL B 251 31.70 4.07 -21.17
N GLU B 252 30.67 4.87 -20.86
CA GLU B 252 29.66 5.25 -21.84
C GLU B 252 30.22 6.02 -23.03
N GLU B 253 31.14 6.95 -22.78
CA GLU B 253 31.65 7.82 -23.83
C GLU B 253 32.89 7.23 -24.51
N LEU B 254 33.46 6.22 -23.87
CA LEU B 254 34.67 5.56 -24.38
C LEU B 254 34.40 4.88 -25.72
N PHE B 255 33.17 4.42 -25.91
CA PHE B 255 32.80 3.78 -27.17
C PHE B 255 32.97 4.75 -28.34
N LYS B 256 32.36 5.92 -28.22
CA LYS B 256 32.42 6.95 -29.26
C LYS B 256 33.84 7.50 -29.39
N LEU B 257 34.53 7.65 -28.26
CA LEU B 257 35.92 8.11 -28.31
C LEU B 257 36.77 7.16 -29.14
N LEU B 258 36.69 5.86 -28.84
CA LEU B 258 37.45 4.85 -29.57
C LEU B 258 37.03 4.80 -31.04
N LYS B 259 35.74 4.98 -31.28
CA LYS B 259 35.22 5.01 -32.65
C LYS B 259 35.86 6.14 -33.45
N GLU B 260 36.26 7.20 -32.75
CA GLU B 260 36.84 8.37 -33.39
C GLU B 260 38.37 8.36 -33.35
N GLY B 261 38.95 7.26 -32.87
CA GLY B 261 40.39 7.08 -32.92
C GLY B 261 41.14 7.55 -31.68
N HIS B 262 40.42 7.75 -30.58
CA HIS B 262 41.03 8.22 -29.33
C HIS B 262 42.07 7.25 -28.78
N ARG B 263 43.13 7.80 -28.21
CA ARG B 263 44.16 7.01 -27.53
C ARG B 263 44.58 7.72 -26.25
N MET B 264 45.08 6.96 -25.28
CA MET B 264 45.54 7.53 -24.03
C MET B 264 46.80 8.36 -24.23
N ASP B 265 47.02 9.33 -23.35
CA ASP B 265 48.22 10.17 -23.42
C ASP B 265 49.42 9.45 -22.82
N LYS B 266 50.60 10.01 -23.05
CA LYS B 266 51.83 9.42 -22.53
C LYS B 266 51.97 9.66 -21.03
N PRO B 267 52.09 8.57 -20.25
CA PRO B 267 52.37 8.70 -18.81
C PRO B 267 53.75 9.32 -18.59
N SER B 268 53.86 10.18 -17.58
CA SER B 268 55.07 10.99 -17.36
C SER B 268 56.32 10.18 -17.05
N ASN B 269 56.16 9.04 -16.38
CA ASN B 269 57.30 8.21 -16.02
C ASN B 269 57.64 7.19 -17.09
N CYS B 270 57.04 7.36 -18.26
CA CYS B 270 57.25 6.47 -19.39
C CYS B 270 58.12 7.12 -20.46
N THR B 271 59.11 6.39 -20.96
CA THR B 271 59.95 6.89 -22.04
C THR B 271 59.14 7.00 -23.33
N ASN B 272 59.58 7.83 -24.26
CA ASN B 272 58.89 7.99 -25.53
C ASN B 272 58.92 6.70 -26.34
N GLU B 273 59.99 5.93 -26.18
CA GLU B 273 60.13 4.63 -26.83
C GLU B 273 59.02 3.68 -26.39
N LEU B 274 58.83 3.57 -25.07
CA LEU B 274 57.81 2.69 -24.51
C LEU B 274 56.40 3.18 -24.84
N TYR B 275 56.22 4.50 -24.91
CA TYR B 275 54.93 5.03 -25.32
C TYR B 275 54.67 4.67 -26.78
N MET B 276 55.73 4.65 -27.58
CA MET B 276 55.62 4.20 -28.97
C MET B 276 55.21 2.73 -29.01
N MET B 277 55.78 1.94 -28.10
CA MET B 277 55.38 0.54 -27.97
C MET B 277 53.89 0.42 -27.64
N MET B 278 53.42 1.28 -26.74
CA MET B 278 51.99 1.35 -26.43
C MET B 278 51.16 1.63 -27.66
N ARG B 279 51.53 2.68 -28.39
CA ARG B 279 50.81 3.09 -29.59
C ARG B 279 50.80 1.98 -30.63
N ASP B 280 51.87 1.19 -30.66
CA ASP B 280 51.91 0.03 -31.54
C ASP B 280 50.90 -1.01 -31.10
N CYS B 281 50.88 -1.29 -29.78
CA CYS B 281 49.91 -2.25 -29.24
C CYS B 281 48.46 -1.79 -29.47
N TRP B 282 48.28 -0.49 -29.69
CA TRP B 282 46.95 0.07 -29.93
C TRP B 282 46.69 0.43 -31.39
N HIS B 283 47.38 -0.24 -32.31
CA HIS B 283 47.17 0.03 -33.73
C HIS B 283 45.73 -0.28 -34.12
N ALA B 284 45.12 0.60 -34.90
CA ALA B 284 43.74 0.42 -35.34
C ALA B 284 43.60 -0.85 -36.18
N VAL B 285 44.66 -1.20 -36.91
CA VAL B 285 44.68 -2.43 -37.68
C VAL B 285 45.36 -3.53 -36.86
N PRO B 286 44.57 -4.54 -36.45
CA PRO B 286 45.02 -5.64 -35.59
C PRO B 286 46.28 -6.33 -36.07
N SER B 287 46.40 -6.52 -37.38
CA SER B 287 47.55 -7.23 -37.95
C SER B 287 48.82 -6.39 -37.95
N GLN B 288 48.68 -5.10 -37.67
CA GLN B 288 49.84 -4.20 -37.62
C GLN B 288 50.42 -4.11 -36.21
N ARG B 289 49.65 -4.59 -35.23
CA ARG B 289 50.14 -4.65 -33.86
C ARG B 289 51.30 -5.63 -33.77
N PRO B 290 52.25 -5.38 -32.88
CA PRO B 290 53.35 -6.33 -32.70
C PRO B 290 52.88 -7.62 -32.04
N THR B 291 53.59 -8.72 -32.31
CA THR B 291 53.30 -9.98 -31.65
C THR B 291 53.98 -9.98 -30.28
N PHE B 292 53.61 -10.92 -29.44
CA PHE B 292 54.20 -11.00 -28.11
C PHE B 292 55.67 -11.40 -28.16
N LYS B 293 56.05 -12.12 -29.22
CA LYS B 293 57.46 -12.48 -29.40
C LYS B 293 58.30 -11.23 -29.62
N GLN B 294 57.86 -10.40 -30.56
CA GLN B 294 58.53 -9.15 -30.87
C GLN B 294 58.58 -8.23 -29.65
N LEU B 295 57.47 -8.15 -28.93
CA LEU B 295 57.39 -7.39 -27.69
C LEU B 295 58.40 -7.90 -26.68
N VAL B 296 58.54 -9.21 -26.59
CA VAL B 296 59.49 -9.83 -25.66
C VAL B 296 60.92 -9.46 -26.03
N GLU B 297 61.24 -9.51 -27.32
CA GLU B 297 62.58 -9.14 -27.78
C GLU B 297 62.91 -7.67 -27.48
N ASP B 298 62.01 -6.80 -27.92
CA ASP B 298 62.14 -5.36 -27.66
C ASP B 298 62.34 -5.09 -26.18
N LEU B 299 61.46 -5.63 -25.36
CA LEU B 299 61.51 -5.40 -23.91
C LEU B 299 62.75 -6.00 -23.28
N ASP B 300 63.27 -7.07 -23.88
CA ASP B 300 64.52 -7.67 -23.41
C ASP B 300 65.63 -6.64 -23.59
N ARG B 301 65.73 -6.12 -24.81
CA ARG B 301 66.75 -5.10 -25.10
C ARG B 301 66.60 -3.86 -24.22
N ILE B 302 65.36 -3.40 -24.06
CA ILE B 302 65.08 -2.19 -23.29
C ILE B 302 65.43 -2.39 -21.82
N VAL B 303 65.12 -3.57 -21.28
CA VAL B 303 65.53 -3.90 -19.91
C VAL B 303 67.04 -3.84 -19.82
N ALA B 304 67.71 -4.44 -20.79
CA ALA B 304 69.17 -4.44 -20.81
C ALA B 304 69.77 -3.04 -20.81
N LEU B 305 69.23 -2.15 -21.63
CA LEU B 305 69.82 -0.82 -21.83
C LEU B 305 69.28 0.26 -20.89
N THR B 306 68.45 -0.14 -19.93
CA THR B 306 67.88 0.83 -18.99
C THR B 306 68.80 1.09 -17.81
N SER B 307 69.14 2.36 -17.60
CA SER B 307 70.11 2.74 -16.57
C SER B 307 69.50 2.70 -15.17
N ASN B 308 70.26 3.21 -14.20
CA ASN B 308 69.89 3.20 -12.78
C ASN B 308 69.69 1.80 -12.19
N GLN B 309 69.92 0.79 -13.03
CA GLN B 309 69.92 -0.64 -12.68
C GLN B 309 69.43 -1.00 -11.29
N GLU C 9 -31.22 1.83 30.02
CA GLU C 9 -30.46 2.68 29.11
C GLU C 9 -29.10 2.05 28.76
N LEU C 10 -28.57 2.41 27.61
CA LEU C 10 -27.29 1.87 27.16
C LEU C 10 -26.14 2.78 27.57
N PRO C 11 -25.00 2.17 27.94
CA PRO C 11 -23.81 2.98 28.17
C PRO C 11 -23.31 3.54 26.86
N GLU C 12 -22.52 4.61 26.89
CA GLU C 12 -21.97 5.13 25.65
C GLU C 12 -20.54 4.62 25.48
N ASP C 13 -20.34 3.84 24.43
CA ASP C 13 -19.00 3.42 24.03
C ASP C 13 -18.43 4.52 23.16
N PRO C 14 -17.53 5.35 23.73
CA PRO C 14 -16.99 6.52 23.03
C PRO C 14 -16.19 6.11 21.80
N ARG C 15 -15.60 4.91 21.88
CA ARG C 15 -14.86 4.34 20.77
C ARG C 15 -15.73 4.20 19.53
N TRP C 16 -17.03 4.01 19.74
CA TRP C 16 -17.95 3.69 18.66
C TRP C 16 -19.04 4.73 18.45
N GLU C 17 -19.23 5.61 19.43
CA GLU C 17 -20.31 6.59 19.39
C GLU C 17 -20.10 7.61 18.28
N LEU C 18 -21.01 7.62 17.31
CA LEU C 18 -20.96 8.59 16.23
C LEU C 18 -21.97 9.71 16.49
N PRO C 19 -21.50 10.97 16.42
CA PRO C 19 -22.39 12.13 16.54
C PRO C 19 -23.48 12.14 15.47
N ARG C 20 -24.71 12.38 15.87
CA ARG C 20 -25.85 12.30 14.95
C ARG C 20 -25.81 13.36 13.86
N ASP C 21 -25.07 14.45 14.10
CA ASP C 21 -24.90 15.47 13.08
C ASP C 21 -23.66 15.16 12.23
N ARG C 22 -23.47 13.88 11.96
CA ARG C 22 -22.44 13.41 11.04
C ARG C 22 -23.11 12.46 10.05
N LEU C 23 -24.43 12.35 10.18
CA LEU C 23 -25.20 11.37 9.47
C LEU C 23 -26.37 12.02 8.73
N VAL C 24 -26.46 11.79 7.43
CA VAL C 24 -27.60 12.29 6.65
C VAL C 24 -28.36 11.13 6.04
N LEU C 25 -29.59 10.93 6.52
CA LEU C 25 -30.40 9.78 6.11
C LEU C 25 -30.99 9.96 4.72
N GLY C 26 -31.02 8.88 3.96
CA GLY C 26 -31.56 8.90 2.61
C GLY C 26 -32.63 7.85 2.38
N LYS C 27 -32.39 7.00 1.39
CA LYS C 27 -33.38 6.01 0.94
C LYS C 27 -33.62 4.91 1.97
N PRO C 28 -34.89 4.55 2.18
CA PRO C 28 -35.24 3.36 2.96
C PRO C 28 -34.90 2.09 2.19
N LEU C 29 -33.95 1.30 2.69
CA LEU C 29 -33.50 0.10 2.02
C LEU C 29 -34.42 -1.09 2.29
N GLY C 30 -35.51 -0.85 3.01
CA GLY C 30 -36.48 -1.89 3.29
C GLY C 30 -36.42 -2.41 4.70
N GLU C 31 -37.53 -3.00 5.17
CA GLU C 31 -37.62 -3.51 6.53
C GLU C 31 -36.71 -4.72 6.69
N GLY C 32 -35.97 -4.76 7.80
CA GLY C 32 -35.03 -5.83 8.05
C GLY C 32 -35.54 -6.90 8.99
N ALA C 33 -34.97 -6.95 10.18
CA ALA C 33 -35.38 -7.92 11.19
C ALA C 33 -35.99 -7.21 12.39
N PHE C 34 -35.34 -6.14 12.83
CA PHE C 34 -35.77 -5.39 14.00
C PHE C 34 -36.42 -4.08 13.59
N GLY C 35 -36.40 -3.81 12.29
CA GLY C 35 -36.99 -2.59 11.77
C GLY C 35 -36.35 -2.15 10.48
N GLN C 36 -36.67 -0.93 10.06
CA GLN C 36 -36.16 -0.37 8.82
C GLN C 36 -34.64 -0.27 8.82
N VAL C 37 -34.04 -0.66 7.69
CA VAL C 37 -32.66 -0.32 7.40
C VAL C 37 -32.71 0.83 6.42
N VAL C 38 -31.92 1.87 6.65
CA VAL C 38 -32.00 3.05 5.80
C VAL C 38 -30.61 3.52 5.35
N LEU C 39 -30.45 3.70 4.04
CA LEU C 39 -29.21 4.19 3.47
C LEU C 39 -28.94 5.62 3.93
N ALA C 40 -27.69 5.91 4.25
CA ALA C 40 -27.32 7.24 4.71
C ALA C 40 -25.89 7.57 4.33
N GLU C 41 -25.51 8.83 4.48
CA GLU C 41 -24.13 9.22 4.27
C GLU C 41 -23.51 9.68 5.59
N ALA C 42 -22.32 9.17 5.89
CA ALA C 42 -21.62 9.53 7.11
C ALA C 42 -20.32 10.25 6.80
N ILE C 43 -20.00 11.27 7.59
CA ILE C 43 -18.83 12.10 7.32
C ILE C 43 -17.76 11.94 8.38
N GLY C 44 -16.57 11.49 7.97
CA GLY C 44 -15.46 11.28 8.89
C GLY C 44 -15.05 9.83 8.94
N LEU C 45 -15.39 9.16 10.04
CA LEU C 45 -15.10 7.74 10.23
C LEU C 45 -13.61 7.42 10.09
N PRO C 50 -10.48 11.61 8.53
CA PRO C 50 -10.27 12.89 7.86
C PRO C 50 -11.60 13.59 7.53
N ASN C 51 -11.97 13.58 6.25
CA ASN C 51 -13.23 14.15 5.81
C ASN C 51 -13.60 13.62 4.42
N ARG C 52 -14.63 12.78 4.39
CA ARG C 52 -15.13 12.21 3.15
C ARG C 52 -16.43 11.48 3.45
N VAL C 53 -17.43 11.65 2.58
CA VAL C 53 -18.69 10.96 2.79
C VAL C 53 -18.50 9.46 2.54
N THR C 54 -19.24 8.67 3.30
CA THR C 54 -19.19 7.22 3.20
C THR C 54 -20.62 6.72 3.20
N LYS C 55 -20.97 5.90 2.22
CA LYS C 55 -22.31 5.34 2.16
C LYS C 55 -22.44 4.23 3.20
N VAL C 56 -23.40 4.39 4.10
CA VAL C 56 -23.58 3.47 5.21
C VAL C 56 -25.01 2.99 5.29
N ALA C 57 -25.22 1.84 5.93
CA ALA C 57 -26.57 1.35 6.21
C ALA C 57 -26.90 1.54 7.68
N VAL C 58 -28.06 2.13 7.95
CA VAL C 58 -28.46 2.42 9.32
C VAL C 58 -29.58 1.50 9.77
N LYS C 59 -29.25 0.59 10.70
CA LYS C 59 -30.24 -0.30 11.29
C LYS C 59 -30.90 0.39 12.47
N MET C 60 -32.23 0.28 12.55
CA MET C 60 -32.97 0.90 13.64
C MET C 60 -34.16 0.04 14.06
N LEU C 61 -34.77 0.39 15.19
CA LEU C 61 -35.92 -0.34 15.71
C LEU C 61 -37.23 0.23 15.22
N LYS C 62 -38.13 -0.64 14.80
CA LYS C 62 -39.48 -0.22 14.43
C LYS C 62 -40.30 0.11 15.67
N SER C 63 -41.40 0.83 15.47
CA SER C 63 -42.20 1.32 16.59
C SER C 63 -42.86 0.21 17.40
N ASP C 64 -43.21 -0.90 16.74
CA ASP C 64 -43.90 -2.00 17.40
C ASP C 64 -42.95 -3.14 17.74
N ALA C 65 -41.70 -2.80 18.04
CA ALA C 65 -40.67 -3.79 18.34
C ALA C 65 -40.96 -4.55 19.63
N THR C 66 -40.41 -5.75 19.73
CA THR C 66 -40.52 -6.54 20.94
C THR C 66 -39.24 -6.42 21.77
N GLU C 67 -39.22 -7.03 22.95
CA GLU C 67 -38.02 -7.04 23.79
C GLU C 67 -36.88 -7.72 23.06
N LYS C 68 -37.20 -8.86 22.46
CA LYS C 68 -36.22 -9.67 21.76
C LYS C 68 -35.61 -8.92 20.59
N ASP C 69 -36.42 -8.13 19.88
CA ASP C 69 -35.91 -7.32 18.78
C ASP C 69 -34.81 -6.38 19.25
N LEU C 70 -35.13 -5.60 20.28
CA LEU C 70 -34.20 -4.66 20.89
C LEU C 70 -32.92 -5.33 21.37
N SER C 71 -33.07 -6.37 22.20
CA SER C 71 -31.93 -7.05 22.77
C SER C 71 -31.08 -7.69 21.68
N ASP C 72 -31.71 -8.12 20.59
CA ASP C 72 -30.99 -8.69 19.45
C ASP C 72 -30.20 -7.63 18.71
N LEU C 73 -30.79 -6.45 18.54
CA LEU C 73 -30.10 -5.33 17.90
C LEU C 73 -28.83 -4.97 18.69
N ILE C 74 -29.03 -4.72 19.99
CA ILE C 74 -27.91 -4.42 20.88
C ILE C 74 -26.85 -5.51 20.84
N SER C 75 -27.31 -6.77 20.88
CA SER C 75 -26.43 -7.93 20.88
C SER C 75 -25.60 -7.99 19.61
N GLU C 76 -26.21 -7.64 18.48
CA GLU C 76 -25.50 -7.63 17.21
C GLU C 76 -24.44 -6.55 17.23
N MET C 77 -24.82 -5.36 17.70
CA MET C 77 -23.87 -4.26 17.85
C MET C 77 -22.63 -4.71 18.64
N GLU C 78 -22.85 -5.28 19.83
CA GLU C 78 -21.76 -5.71 20.69
C GLU C 78 -20.91 -6.83 20.08
N MET C 79 -21.59 -7.82 19.51
CA MET C 79 -20.93 -8.95 18.87
C MET C 79 -20.01 -8.47 17.76
N MET C 80 -20.48 -7.51 16.97
CA MET C 80 -19.67 -6.96 15.90
C MET C 80 -18.54 -6.10 16.46
N LYS C 81 -18.76 -5.52 17.65
CA LYS C 81 -17.65 -4.87 18.34
C LYS C 81 -16.55 -5.87 18.67
N MET C 82 -16.93 -7.05 19.13
CA MET C 82 -15.94 -8.04 19.57
C MET C 82 -15.27 -8.79 18.42
N ILE C 83 -16.00 -8.99 17.32
CA ILE C 83 -15.49 -9.79 16.21
C ILE C 83 -14.32 -9.14 15.50
N GLY C 84 -14.42 -7.84 15.25
CA GLY C 84 -13.38 -7.12 14.55
C GLY C 84 -13.73 -6.96 13.08
N LYS C 85 -12.87 -6.28 12.34
CA LYS C 85 -13.13 -6.01 10.93
C LYS C 85 -12.48 -7.07 10.05
N HIS C 86 -13.22 -7.54 9.06
CA HIS C 86 -12.74 -8.59 8.16
C HIS C 86 -13.35 -8.45 6.78
N LYS C 87 -12.60 -8.84 5.76
CA LYS C 87 -12.98 -8.65 4.36
C LYS C 87 -14.35 -9.23 4.02
N ASN C 88 -14.70 -10.35 4.63
CA ASN C 88 -15.94 -11.03 4.30
C ASN C 88 -16.97 -10.99 5.43
N ILE C 89 -16.99 -9.89 6.16
CA ILE C 89 -17.98 -9.67 7.21
C ILE C 89 -18.48 -8.23 7.16
N ILE C 90 -19.80 -8.04 7.14
CA ILE C 90 -20.37 -6.70 7.23
C ILE C 90 -19.88 -6.04 8.52
N ASN C 91 -19.06 -5.01 8.36
CA ASN C 91 -18.38 -4.40 9.49
C ASN C 91 -19.16 -3.29 10.16
N LEU C 92 -19.08 -3.24 11.49
CA LEU C 92 -19.66 -2.16 12.26
C LEU C 92 -18.85 -0.89 12.04
N LEU C 93 -19.54 0.20 11.71
CA LEU C 93 -18.86 1.46 11.44
C LEU C 93 -19.08 2.45 12.57
N GLY C 94 -20.29 2.45 13.13
CA GLY C 94 -20.57 3.33 14.25
C GLY C 94 -21.89 3.04 14.92
N ALA C 95 -22.26 3.86 15.90
CA ALA C 95 -23.53 3.68 16.59
C ALA C 95 -23.99 4.97 17.26
N CYS C 96 -25.26 5.31 17.06
CA CYS C 96 -25.89 6.40 17.77
C CYS C 96 -26.74 5.83 18.89
N THR C 97 -26.29 5.98 20.13
CA THR C 97 -26.93 5.33 21.26
C THR C 97 -27.46 6.33 22.29
N GLN C 98 -27.06 7.59 22.15
CA GLN C 98 -27.39 8.61 23.16
C GLN C 98 -28.34 9.68 22.63
N ASP C 99 -29.31 10.05 23.46
CA ASP C 99 -30.24 11.14 23.17
C ASP C 99 -30.90 10.96 21.80
N GLY C 100 -31.81 9.99 21.71
CA GLY C 100 -32.46 9.67 20.45
C GLY C 100 -32.52 8.18 20.25
N PRO C 101 -33.28 7.73 19.25
CA PRO C 101 -33.45 6.30 18.97
C PRO C 101 -32.15 5.61 18.59
N LEU C 102 -32.05 4.31 18.85
CA LEU C 102 -30.84 3.54 18.59
C LEU C 102 -30.57 3.39 17.09
N TYR C 103 -29.40 3.84 16.66
CA TYR C 103 -28.92 3.63 15.30
C TYR C 103 -27.69 2.72 15.32
N VAL C 104 -27.74 1.62 14.60
CA VAL C 104 -26.55 0.79 14.43
C VAL C 104 -26.04 0.96 13.00
N ILE C 105 -24.88 1.57 12.88
CA ILE C 105 -24.35 1.96 11.58
C ILE C 105 -23.33 0.97 11.02
N VAL C 106 -23.73 0.29 9.96
CA VAL C 106 -22.92 -0.78 9.38
C VAL C 106 -22.55 -0.52 7.92
N GLU C 107 -21.62 -1.33 7.43
CA GLU C 107 -21.16 -1.28 6.04
C GLU C 107 -22.32 -1.53 5.07
N TYR C 108 -22.31 -0.80 3.96
CA TYR C 108 -23.40 -0.88 2.99
C TYR C 108 -23.08 -1.84 1.85
N ALA C 109 -24.00 -2.74 1.55
CA ALA C 109 -23.84 -3.71 0.46
C ALA C 109 -24.90 -3.47 -0.61
N SER C 110 -24.48 -2.88 -1.72
CA SER C 110 -25.40 -2.34 -2.72
C SER C 110 -26.17 -3.38 -3.54
N LYS C 111 -25.80 -4.65 -3.44
CA LYS C 111 -26.43 -5.67 -4.28
C LYS C 111 -27.33 -6.64 -3.53
N GLY C 112 -27.77 -6.26 -2.34
CA GLY C 112 -28.70 -7.07 -1.56
C GLY C 112 -28.11 -8.36 -1.04
N ASN C 113 -28.97 -9.25 -0.55
CA ASN C 113 -28.51 -10.52 -0.02
C ASN C 113 -28.25 -11.54 -1.12
N LEU C 114 -27.47 -12.57 -0.80
CA LEU C 114 -27.02 -13.56 -1.76
C LEU C 114 -28.16 -14.33 -2.44
N ARG C 115 -29.24 -14.54 -1.70
CA ARG C 115 -30.40 -15.27 -2.22
C ARG C 115 -31.01 -14.57 -3.44
N GLU C 116 -31.43 -13.33 -3.24
CA GLU C 116 -31.99 -12.51 -4.30
C GLU C 116 -30.98 -12.30 -5.43
N TYR C 117 -29.72 -12.13 -5.06
CA TYR C 117 -28.62 -11.98 -6.00
C TYR C 117 -28.54 -13.15 -6.96
N LEU C 118 -28.64 -14.36 -6.41
CA LEU C 118 -28.57 -15.58 -7.21
C LEU C 118 -29.83 -15.80 -8.03
N GLN C 119 -30.99 -15.56 -7.41
CA GLN C 119 -32.26 -15.75 -8.09
C GLN C 119 -32.40 -14.83 -9.30
N ALA C 120 -31.94 -13.59 -9.15
CA ALA C 120 -32.01 -12.61 -10.22
C ALA C 120 -31.22 -13.05 -11.45
N ARG C 121 -30.21 -13.89 -11.22
CA ARG C 121 -29.34 -14.32 -12.30
C ARG C 121 -29.64 -15.75 -12.79
N ARG C 122 -30.93 -16.08 -12.83
CA ARG C 122 -31.38 -17.32 -13.45
C ARG C 122 -31.75 -17.07 -14.91
N PRO C 123 -31.59 -18.09 -15.77
CA PRO C 123 -31.98 -17.99 -17.18
C PRO C 123 -33.43 -17.58 -17.37
N GLU C 137 -27.84 -9.16 -14.11
CA GLU C 137 -28.62 -10.28 -14.62
C GLU C 137 -27.79 -11.24 -15.46
N GLU C 138 -26.53 -10.88 -15.70
CA GLU C 138 -25.62 -11.77 -16.41
C GLU C 138 -25.36 -12.98 -15.53
N GLN C 139 -25.73 -14.16 -16.04
CA GLN C 139 -25.62 -15.38 -15.27
C GLN C 139 -24.18 -15.68 -14.87
N LEU C 140 -24.03 -16.41 -13.77
CA LEU C 140 -22.72 -16.65 -13.18
C LEU C 140 -22.12 -17.97 -13.65
N SER C 141 -20.81 -17.95 -13.85
CA SER C 141 -20.08 -19.17 -14.15
C SER C 141 -20.00 -20.03 -12.89
N SER C 142 -19.58 -21.28 -13.05
CA SER C 142 -19.43 -22.16 -11.90
C SER C 142 -18.35 -21.64 -10.96
N LYS C 143 -17.25 -21.18 -11.54
CA LYS C 143 -16.13 -20.64 -10.77
C LYS C 143 -16.57 -19.46 -9.91
N ASP C 144 -17.55 -18.70 -10.41
CA ASP C 144 -18.12 -17.60 -9.66
C ASP C 144 -18.80 -18.09 -8.38
N LEU C 145 -19.65 -19.10 -8.52
CA LEU C 145 -20.36 -19.68 -7.39
C LEU C 145 -19.42 -20.30 -6.36
N VAL C 146 -18.47 -21.11 -6.85
CA VAL C 146 -17.49 -21.71 -5.98
C VAL C 146 -16.68 -20.62 -5.26
N SER C 147 -16.45 -19.51 -5.95
CA SER C 147 -15.78 -18.36 -5.36
C SER C 147 -16.62 -17.77 -4.23
N CYS C 148 -17.92 -17.64 -4.45
CA CYS C 148 -18.83 -17.16 -3.41
CA CYS C 148 -18.84 -17.17 -3.41
C CYS C 148 -18.73 -18.04 -2.16
N ALA C 149 -18.88 -19.35 -2.37
CA ALA C 149 -18.77 -20.33 -1.30
C ALA C 149 -17.46 -20.15 -0.56
N TYR C 150 -16.38 -19.96 -1.32
CA TYR C 150 -15.06 -19.77 -0.74
C TYR C 150 -15.02 -18.53 0.16
N GLN C 151 -15.57 -17.43 -0.31
CA GLN C 151 -15.57 -16.18 0.47
C GLN C 151 -16.32 -16.34 1.77
N VAL C 152 -17.54 -16.88 1.69
CA VAL C 152 -18.33 -17.09 2.90
C VAL C 152 -17.59 -18.02 3.86
N ALA C 153 -16.93 -19.03 3.30
CA ALA C 153 -16.15 -19.98 4.10
C ALA C 153 -14.99 -19.30 4.83
N ARG C 154 -14.33 -18.36 4.16
CA ARG C 154 -13.25 -17.61 4.78
C ARG C 154 -13.79 -16.78 5.93
N GLY C 155 -14.90 -16.10 5.66
CA GLY C 155 -15.56 -15.32 6.70
C GLY C 155 -15.87 -16.16 7.94
N MET C 156 -16.42 -17.34 7.70
CA MET C 156 -16.78 -18.24 8.80
C MET C 156 -15.55 -18.78 9.53
N GLU C 157 -14.47 -19.04 8.79
CA GLU C 157 -13.22 -19.47 9.40
C GLU C 157 -12.74 -18.40 10.38
N TYR C 158 -12.79 -17.16 9.92
CA TYR C 158 -12.41 -16.04 10.77
C TYR C 158 -13.31 -15.96 12.01
N LEU C 159 -14.62 -16.12 11.80
CA LEU C 159 -15.57 -16.13 12.91
C LEU C 159 -15.20 -17.16 13.97
N ALA C 160 -14.96 -18.39 13.52
CA ALA C 160 -14.62 -19.49 14.40
C ALA C 160 -13.31 -19.24 15.13
N SER C 161 -12.37 -18.57 14.46
CA SER C 161 -11.11 -18.21 15.12
C SER C 161 -11.36 -17.21 16.25
N LYS C 162 -12.41 -16.42 16.12
CA LYS C 162 -12.79 -15.44 17.14
C LYS C 162 -13.72 -16.06 18.17
N LYS C 163 -13.88 -17.37 18.12
CA LYS C 163 -14.71 -18.13 19.04
C LYS C 163 -16.15 -17.65 19.04
N CYS C 164 -16.63 -17.25 17.87
CA CYS C 164 -18.00 -16.78 17.72
C CYS C 164 -18.80 -17.70 16.79
N ILE C 165 -20.04 -17.99 17.18
CA ILE C 165 -20.94 -18.78 16.35
C ILE C 165 -22.08 -17.91 15.82
N HIS C 166 -22.34 -17.99 14.52
CA HIS C 166 -23.32 -17.14 13.88
C HIS C 166 -24.75 -17.60 14.14
N ARG C 167 -24.94 -18.92 14.08
CA ARG C 167 -26.21 -19.60 14.37
C ARG C 167 -27.31 -19.35 13.34
N ASP C 168 -27.13 -18.35 12.47
CA ASP C 168 -28.12 -18.11 11.42
C ASP C 168 -27.45 -17.92 10.06
N LEU C 169 -26.44 -18.74 9.79
CA LEU C 169 -25.75 -18.69 8.50
C LEU C 169 -26.67 -19.21 7.39
N ALA C 170 -26.99 -18.32 6.45
CA ALA C 170 -27.84 -18.66 5.31
C ALA C 170 -27.61 -17.65 4.18
N ALA C 171 -28.15 -17.97 3.01
CA ALA C 171 -27.98 -17.11 1.84
C ALA C 171 -28.61 -15.74 2.04
N ARG C 172 -29.71 -15.69 2.76
CA ARG C 172 -30.40 -14.43 3.01
CA ARG C 172 -30.41 -14.44 3.03
C ARG C 172 -29.60 -13.54 3.96
N ASN C 173 -28.65 -14.13 4.67
CA ASN C 173 -27.84 -13.38 5.63
C ASN C 173 -26.42 -13.13 5.12
N VAL C 174 -26.21 -13.38 3.84
CA VAL C 174 -24.95 -13.00 3.19
C VAL C 174 -25.22 -11.88 2.19
N LEU C 175 -24.56 -10.75 2.38
CA LEU C 175 -24.75 -9.60 1.53
C LEU C 175 -23.65 -9.49 0.48
N VAL C 176 -24.00 -8.90 -0.67
CA VAL C 176 -23.06 -8.74 -1.77
C VAL C 176 -22.76 -7.26 -2.03
N THR C 177 -21.49 -6.90 -2.01
CA THR C 177 -21.09 -5.50 -2.19
C THR C 177 -21.15 -5.06 -3.65
N GLU C 178 -20.68 -3.85 -3.90
CA GLU C 178 -20.63 -3.26 -5.24
C GLU C 178 -19.86 -4.13 -6.21
N ASP C 179 -18.72 -4.67 -5.76
CA ASP C 179 -17.88 -5.50 -6.60
C ASP C 179 -17.89 -6.97 -6.19
N ASN C 180 -19.10 -7.50 -5.99
CA ASN C 180 -19.33 -8.93 -5.78
C ASN C 180 -18.56 -9.57 -4.64
N VAL C 181 -18.19 -8.78 -3.63
CA VAL C 181 -17.56 -9.34 -2.44
C VAL C 181 -18.62 -9.88 -1.48
N MET C 182 -18.45 -11.11 -1.01
CA MET C 182 -19.38 -11.71 -0.07
C MET C 182 -19.09 -11.22 1.35
N LYS C 183 -20.16 -10.87 2.08
CA LYS C 183 -20.01 -10.39 3.44
C LYS C 183 -21.09 -10.96 4.35
N ILE C 184 -20.67 -11.73 5.36
CA ILE C 184 -21.58 -12.33 6.32
C ILE C 184 -22.21 -11.26 7.20
N ALA C 185 -23.55 -11.31 7.33
CA ALA C 185 -24.27 -10.26 8.03
C ALA C 185 -25.21 -10.80 9.10
N ASP C 186 -25.91 -9.88 9.76
CA ASP C 186 -26.96 -10.20 10.75
C ASP C 186 -26.45 -11.07 11.88
N PHE C 187 -25.71 -10.47 12.81
CA PHE C 187 -25.15 -11.20 13.94
C PHE C 187 -26.00 -11.05 15.18
N GLY C 188 -27.30 -10.77 15.00
CA GLY C 188 -28.20 -10.55 16.11
C GLY C 188 -28.41 -11.78 16.99
N LEU C 189 -28.20 -12.96 16.41
CA LEU C 189 -28.37 -14.20 17.13
C LEU C 189 -27.03 -14.88 17.41
N ALA C 190 -25.95 -14.21 17.02
CA ALA C 190 -24.61 -14.73 17.24
C ALA C 190 -24.26 -14.77 18.73
N ARG C 191 -23.47 -15.76 19.13
CA ARG C 191 -23.06 -15.92 20.52
C ARG C 191 -21.57 -16.16 20.65
N ASP C 192 -20.98 -15.63 21.71
CA ASP C 192 -19.56 -15.81 22.00
C ASP C 192 -19.36 -17.00 22.92
N ILE C 193 -18.73 -18.06 22.40
CA ILE C 193 -18.46 -19.23 23.22
C ILE C 193 -17.01 -19.30 23.67
N HIS C 194 -16.46 -18.14 24.02
CA HIS C 194 -15.15 -18.10 24.67
C HIS C 194 -15.19 -18.89 25.98
N HIS C 195 -14.26 -19.82 26.13
CA HIS C 195 -14.07 -20.57 27.36
C HIS C 195 -15.28 -21.42 27.79
N ILE C 196 -16.11 -21.80 26.82
CA ILE C 196 -17.16 -22.79 27.06
C ILE C 196 -17.23 -23.77 25.88
N ASP C 197 -17.77 -24.95 26.12
CA ASP C 197 -17.78 -26.02 25.12
C ASP C 197 -18.86 -25.83 24.07
N TYR C 198 -19.99 -25.27 24.48
CA TYR C 198 -21.13 -25.11 23.59
C TYR C 198 -22.03 -24.00 24.07
N TYR C 199 -22.97 -23.59 23.22
CA TYR C 199 -24.01 -22.66 23.64
C TYR C 199 -25.35 -23.40 23.67
N LYS C 200 -26.05 -23.27 24.79
CA LYS C 200 -27.33 -23.96 24.96
C LYS C 200 -28.48 -23.01 24.70
N LYS C 201 -29.27 -23.29 23.66
CA LYS C 201 -30.39 -22.43 23.35
C LYS C 201 -31.53 -22.67 24.33
N THR C 202 -32.26 -21.60 24.62
CA THR C 202 -33.30 -21.63 25.61
C THR C 202 -34.69 -21.81 25.00
N THR C 203 -35.62 -22.24 25.87
CA THR C 203 -37.00 -22.47 25.50
C THR C 203 -37.04 -23.36 24.29
N ASN C 204 -37.39 -22.76 23.16
CA ASN C 204 -37.34 -23.46 21.90
C ASN C 204 -36.60 -22.57 20.92
N GLY C 205 -36.51 -22.99 19.66
CA GLY C 205 -35.75 -22.24 18.66
C GLY C 205 -36.39 -20.99 18.06
N ARG C 206 -35.56 -19.98 17.82
CA ARG C 206 -35.95 -18.77 17.10
C ARG C 206 -35.18 -18.71 15.79
N LEU C 207 -34.57 -19.83 15.43
CA LEU C 207 -33.79 -19.93 14.20
C LEU C 207 -34.52 -20.76 13.16
N PRO C 208 -34.36 -20.42 11.88
CA PRO C 208 -34.98 -21.18 10.79
C PRO C 208 -34.58 -22.65 10.83
N VAL C 209 -35.56 -23.54 10.98
CA VAL C 209 -35.28 -24.95 11.25
C VAL C 209 -34.59 -25.65 10.08
N LYS C 210 -34.79 -25.15 8.87
CA LYS C 210 -34.25 -25.83 7.69
C LYS C 210 -32.76 -25.59 7.53
N TRP C 211 -32.18 -24.78 8.41
CA TRP C 211 -30.75 -24.50 8.40
C TRP C 211 -30.07 -25.01 9.68
N MET C 212 -30.85 -25.57 10.59
CA MET C 212 -30.34 -26.00 11.89
C MET C 212 -29.78 -27.41 11.88
N ALA C 213 -28.60 -27.58 12.48
CA ALA C 213 -28.05 -28.91 12.72
C ALA C 213 -28.96 -29.65 13.69
N PRO C 214 -29.04 -30.99 13.57
CA PRO C 214 -29.95 -31.79 14.40
C PRO C 214 -29.69 -31.62 15.89
N GLU C 215 -28.43 -31.47 16.29
CA GLU C 215 -28.10 -31.34 17.69
C GLU C 215 -28.58 -30.00 18.24
N ALA C 216 -28.77 -29.04 17.32
CA ALA C 216 -29.29 -27.74 17.70
C ALA C 216 -30.82 -27.77 17.71
N LEU C 217 -31.37 -28.51 16.76
CA LEU C 217 -32.82 -28.60 16.59
C LEU C 217 -33.45 -29.48 17.68
N PHE C 218 -32.83 -30.61 17.95
CA PHE C 218 -33.38 -31.57 18.91
C PHE C 218 -32.85 -31.37 20.32
N ASP C 219 -31.59 -30.95 20.44
CA ASP C 219 -30.94 -30.88 21.75
C ASP C 219 -30.59 -29.46 22.17
N GLY C 220 -30.73 -28.51 21.26
CA GLY C 220 -30.47 -27.11 21.57
C GLY C 220 -29.02 -26.78 21.81
N ILE C 221 -28.13 -27.54 21.18
CA ILE C 221 -26.70 -27.36 21.37
C ILE C 221 -26.04 -26.71 20.14
N TYR C 222 -25.41 -25.56 20.35
CA TYR C 222 -24.76 -24.86 19.24
C TYR C 222 -23.24 -24.83 19.39
N THR C 223 -22.56 -25.17 18.31
CA THR C 223 -21.11 -25.09 18.23
C THR C 223 -20.73 -24.56 16.86
N HIS C 224 -19.43 -24.50 16.57
CA HIS C 224 -18.97 -24.11 15.25
C HIS C 224 -19.35 -25.20 14.23
N GLN C 225 -19.50 -26.41 14.74
CA GLN C 225 -19.87 -27.58 13.95
C GLN C 225 -21.26 -27.43 13.33
N SER C 226 -22.20 -26.94 14.14
CA SER C 226 -23.55 -26.67 13.65
C SER C 226 -23.54 -25.54 12.62
N ASP C 227 -22.67 -24.56 12.83
CA ASP C 227 -22.44 -23.51 11.83
C ASP C 227 -21.94 -24.13 10.53
N VAL C 228 -21.15 -25.19 10.63
CA VAL C 228 -20.69 -25.91 9.46
C VAL C 228 -21.86 -26.60 8.75
N TRP C 229 -22.75 -27.21 9.52
CA TRP C 229 -23.99 -27.75 8.95
C TRP C 229 -24.74 -26.69 8.14
N SER C 230 -24.98 -25.55 8.79
CA SER C 230 -25.64 -24.42 8.16
C SER C 230 -24.92 -24.01 6.88
N PHE C 231 -23.59 -24.11 6.91
CA PHE C 231 -22.79 -23.79 5.73
C PHE C 231 -23.05 -24.78 4.61
N GLY C 232 -23.25 -26.05 4.95
CA GLY C 232 -23.61 -27.04 3.96
C GLY C 232 -24.91 -26.65 3.28
N VAL C 233 -25.91 -26.33 4.12
CA VAL C 233 -27.19 -25.88 3.56
C VAL C 233 -27.00 -24.65 2.65
N LEU C 234 -26.09 -23.77 3.05
CA LEU C 234 -25.75 -22.58 2.29
C LEU C 234 -25.19 -22.94 0.91
N LEU C 235 -24.31 -23.94 0.88
CA LEU C 235 -23.77 -24.46 -0.37
C LEU C 235 -24.89 -24.93 -1.28
N TRP C 236 -25.79 -25.72 -0.70
CA TRP C 236 -26.95 -26.20 -1.44
C TRP C 236 -27.75 -25.02 -2.01
N GLU C 237 -27.89 -23.95 -1.23
CA GLU C 237 -28.57 -22.75 -1.70
C GLU C 237 -27.85 -22.11 -2.88
N ILE C 238 -26.53 -22.04 -2.78
CA ILE C 238 -25.71 -21.44 -3.82
C ILE C 238 -25.89 -22.19 -5.14
N PHE C 239 -25.71 -23.50 -5.12
CA PHE C 239 -25.72 -24.24 -6.37
C PHE C 239 -27.12 -24.56 -6.91
N THR C 240 -28.14 -24.10 -6.20
CA THR C 240 -29.51 -24.14 -6.73
C THR C 240 -29.90 -22.73 -7.17
N LEU C 241 -28.91 -21.83 -7.19
CA LEU C 241 -29.10 -20.44 -7.57
C LEU C 241 -30.25 -19.78 -6.82
N GLY C 242 -30.32 -20.04 -5.52
CA GLY C 242 -31.32 -19.41 -4.66
C GLY C 242 -32.51 -20.30 -4.38
N GLY C 243 -32.30 -21.61 -4.43
CA GLY C 243 -33.36 -22.57 -4.18
C GLY C 243 -33.78 -22.59 -2.72
N SER C 244 -34.94 -23.17 -2.46
CA SER C 244 -35.44 -23.30 -1.10
C SER C 244 -35.18 -24.71 -0.57
N PRO C 245 -34.39 -24.82 0.51
CA PRO C 245 -33.91 -26.08 1.09
C PRO C 245 -35.03 -27.05 1.42
N TYR C 246 -34.76 -28.35 1.25
CA TYR C 246 -35.75 -29.41 1.39
C TYR C 246 -37.02 -29.07 0.60
N PRO C 247 -36.91 -29.04 -0.73
CA PRO C 247 -38.04 -28.64 -1.58
C PRO C 247 -39.23 -29.58 -1.43
N GLY C 248 -40.40 -29.01 -1.19
CA GLY C 248 -41.62 -29.80 -1.07
C GLY C 248 -41.82 -30.42 0.30
N VAL C 249 -40.82 -30.29 1.16
CA VAL C 249 -40.92 -30.83 2.51
C VAL C 249 -41.28 -29.74 3.51
N PRO C 250 -42.46 -29.84 4.12
CA PRO C 250 -42.87 -28.88 5.15
C PRO C 250 -42.00 -28.99 6.40
N VAL C 251 -41.80 -27.88 7.09
CA VAL C 251 -41.07 -27.84 8.36
C VAL C 251 -41.54 -28.93 9.31
N GLU C 252 -42.85 -29.16 9.32
CA GLU C 252 -43.51 -30.08 10.23
C GLU C 252 -42.98 -31.51 10.18
N GLU C 253 -42.61 -31.99 8.98
CA GLU C 253 -42.20 -33.38 8.80
C GLU C 253 -40.68 -33.52 8.75
N LEU C 254 -40.02 -32.38 8.60
CA LEU C 254 -38.56 -32.33 8.51
C LEU C 254 -37.90 -32.86 9.77
N PHE C 255 -38.63 -32.83 10.89
CA PHE C 255 -38.10 -33.36 12.13
C PHE C 255 -37.83 -34.87 12.02
N LYS C 256 -38.91 -35.60 11.76
CA LYS C 256 -38.82 -37.05 11.61
C LYS C 256 -37.91 -37.40 10.44
N LEU C 257 -38.05 -36.69 9.33
CA LEU C 257 -37.15 -36.94 8.20
C LEU C 257 -35.68 -36.81 8.60
N LEU C 258 -35.36 -35.76 9.34
CA LEU C 258 -33.98 -35.49 9.74
C LEU C 258 -33.46 -36.52 10.74
N LYS C 259 -34.30 -36.97 11.65
CA LYS C 259 -33.82 -38.01 12.57
C LYS C 259 -34.06 -39.40 11.99
N GLU C 260 -34.40 -39.47 10.71
CA GLU C 260 -34.37 -40.73 9.97
C GLU C 260 -33.23 -40.76 8.95
N GLY C 261 -32.34 -39.78 9.02
CA GLY C 261 -31.14 -39.77 8.20
C GLY C 261 -31.28 -39.12 6.84
N HIS C 262 -32.42 -38.46 6.62
CA HIS C 262 -32.72 -37.83 5.33
C HIS C 262 -31.76 -36.68 5.01
N ARG C 263 -31.32 -36.60 3.75
CA ARG C 263 -30.50 -35.50 3.28
C ARG C 263 -31.01 -35.00 1.93
N MET C 264 -30.69 -33.76 1.58
CA MET C 264 -31.12 -33.19 0.30
C MET C 264 -30.34 -33.82 -0.86
N ASP C 265 -30.99 -33.89 -2.02
CA ASP C 265 -30.36 -34.44 -3.22
C ASP C 265 -29.37 -33.44 -3.80
N LYS C 266 -28.52 -33.91 -4.71
CA LYS C 266 -27.58 -33.04 -5.39
C LYS C 266 -28.31 -32.13 -6.37
N PRO C 267 -28.05 -30.81 -6.28
CA PRO C 267 -28.64 -29.85 -7.22
C PRO C 267 -28.33 -30.21 -8.68
N SER C 268 -29.14 -29.70 -9.60
CA SER C 268 -29.09 -30.07 -11.02
C SER C 268 -27.67 -30.12 -11.59
N ASN C 269 -27.05 -28.96 -11.74
CA ASN C 269 -25.68 -28.91 -12.25
C ASN C 269 -24.69 -28.59 -11.13
N CYS C 270 -24.27 -29.63 -10.43
CA CYS C 270 -23.31 -29.51 -9.35
C CYS C 270 -22.35 -30.69 -9.39
N THR C 271 -21.06 -30.43 -9.21
CA THR C 271 -20.06 -31.48 -9.20
C THR C 271 -20.32 -32.44 -8.03
N ASN C 272 -19.83 -33.67 -8.15
CA ASN C 272 -20.01 -34.65 -7.08
C ASN C 272 -19.09 -34.34 -5.91
N GLU C 273 -18.00 -33.61 -6.18
CA GLU C 273 -17.07 -33.23 -5.13
C GLU C 273 -17.72 -32.23 -4.17
N LEU C 274 -18.34 -31.21 -4.72
CA LEU C 274 -19.04 -30.20 -3.94
C LEU C 274 -20.23 -30.80 -3.21
N TYR C 275 -20.90 -31.76 -3.83
CA TYR C 275 -22.02 -32.43 -3.19
C TYR C 275 -21.52 -33.28 -2.03
N MET C 276 -20.34 -33.89 -2.20
CA MET C 276 -19.73 -34.64 -1.12
C MET C 276 -19.32 -33.72 0.00
N MET C 277 -18.96 -32.48 -0.34
CA MET C 277 -18.70 -31.46 0.67
C MET C 277 -19.98 -31.16 1.44
N MET C 278 -21.08 -30.98 0.73
CA MET C 278 -22.39 -30.78 1.35
C MET C 278 -22.71 -31.90 2.34
N ARG C 279 -22.61 -33.14 1.85
CA ARG C 279 -22.93 -34.31 2.66
C ARG C 279 -22.00 -34.45 3.86
N ASP C 280 -20.76 -33.99 3.69
CA ASP C 280 -19.80 -33.97 4.80
C ASP C 280 -20.23 -32.97 5.86
N CYS C 281 -20.67 -31.80 5.42
CA CYS C 281 -21.18 -30.79 6.35
C CYS C 281 -22.43 -31.29 7.06
N TRP C 282 -23.13 -32.22 6.44
CA TRP C 282 -24.40 -32.72 6.98
C TRP C 282 -24.25 -34.03 7.73
N HIS C 283 -23.06 -34.30 8.25
CA HIS C 283 -22.84 -35.51 9.02
C HIS C 283 -23.62 -35.44 10.33
N ALA C 284 -24.26 -36.55 10.71
CA ALA C 284 -25.08 -36.60 11.91
C ALA C 284 -24.25 -36.34 13.16
N VAL C 285 -23.05 -36.91 13.20
CA VAL C 285 -22.13 -36.68 14.30
C VAL C 285 -21.36 -35.38 14.08
N PRO C 286 -21.62 -34.37 14.93
CA PRO C 286 -21.02 -33.03 14.79
C PRO C 286 -19.50 -33.04 14.69
N SER C 287 -18.84 -33.90 15.48
CA SER C 287 -17.38 -33.93 15.51
C SER C 287 -16.78 -34.56 14.26
N GLN C 288 -17.62 -35.10 13.40
CA GLN C 288 -17.16 -35.78 12.19
C GLN C 288 -17.23 -34.86 10.97
N ARG C 289 -17.83 -33.70 11.16
CA ARG C 289 -17.92 -32.70 10.09
C ARG C 289 -16.59 -31.99 9.92
N PRO C 290 -16.31 -31.51 8.70
CA PRO C 290 -15.08 -30.73 8.49
C PRO C 290 -15.12 -29.39 9.22
N THR C 291 -13.96 -28.86 9.59
CA THR C 291 -13.88 -27.52 10.16
C THR C 291 -13.91 -26.50 9.04
N PHE C 292 -14.17 -25.24 9.37
CA PHE C 292 -14.20 -24.18 8.36
C PHE C 292 -12.82 -23.99 7.74
N LYS C 293 -11.78 -24.34 8.50
CA LYS C 293 -10.40 -24.33 8.00
C LYS C 293 -10.24 -25.27 6.80
N GLN C 294 -10.57 -26.54 7.05
CA GLN C 294 -10.54 -27.57 6.01
C GLN C 294 -11.39 -27.19 4.81
N LEU C 295 -12.57 -26.63 5.10
CA LEU C 295 -13.48 -26.18 4.05
C LEU C 295 -12.85 -25.08 3.21
N VAL C 296 -12.10 -24.18 3.86
CA VAL C 296 -11.41 -23.11 3.16
C VAL C 296 -10.32 -23.69 2.26
N GLU C 297 -9.55 -24.66 2.79
CA GLU C 297 -8.56 -25.37 1.98
C GLU C 297 -9.19 -25.95 0.70
N ASP C 298 -10.14 -26.86 0.92
CA ASP C 298 -10.86 -27.56 -0.15
C ASP C 298 -11.41 -26.59 -1.17
N LEU C 299 -12.12 -25.56 -0.71
CA LEU C 299 -12.75 -24.60 -1.61
C LEU C 299 -11.73 -23.75 -2.36
N ASP C 300 -10.58 -23.50 -1.75
CA ASP C 300 -9.50 -22.79 -2.42
C ASP C 300 -9.03 -23.64 -3.62
N ARG C 301 -8.71 -24.89 -3.33
CA ARG C 301 -8.31 -25.83 -4.38
C ARG C 301 -9.35 -25.93 -5.51
N ILE C 302 -10.60 -26.17 -5.13
CA ILE C 302 -11.70 -26.34 -6.08
C ILE C 302 -11.91 -25.09 -6.93
N VAL C 303 -11.81 -23.92 -6.31
CA VAL C 303 -11.85 -22.66 -7.05
C VAL C 303 -10.72 -22.64 -8.07
N ALA C 304 -9.53 -23.03 -7.64
CA ALA C 304 -8.39 -23.06 -8.54
C ALA C 304 -8.63 -23.96 -9.75
N LEU C 305 -9.27 -25.11 -9.54
CA LEU C 305 -9.50 -26.04 -10.66
C LEU C 305 -10.84 -25.88 -11.38
N THR C 306 -11.47 -24.71 -11.27
CA THR C 306 -12.75 -24.49 -11.93
C THR C 306 -12.60 -23.50 -13.10
N SER C 307 -13.35 -23.65 -14.16
CA SER C 307 -13.02 -22.89 -15.35
C SER C 307 -14.16 -22.19 -16.01
N ASN C 308 -14.20 -20.87 -15.93
CA ASN C 308 -15.25 -20.12 -16.61
C ASN C 308 -15.03 -18.64 -16.57
N LEU D 10 -47.83 -34.92 15.48
CA LEU D 10 -49.03 -34.09 15.48
C LEU D 10 -50.28 -34.95 15.29
N PRO D 11 -51.09 -35.10 16.35
CA PRO D 11 -52.27 -35.97 16.34
C PRO D 11 -53.36 -35.45 15.42
N GLU D 12 -54.25 -36.33 14.96
CA GLU D 12 -55.35 -35.89 14.12
C GLU D 12 -56.64 -35.79 14.93
N ASP D 13 -57.43 -34.77 14.61
CA ASP D 13 -58.72 -34.54 15.24
C ASP D 13 -59.79 -34.51 14.14
N PRO D 14 -60.43 -35.66 13.89
CA PRO D 14 -61.37 -35.81 12.77
C PRO D 14 -62.53 -34.82 12.80
N ARG D 15 -62.83 -34.30 13.99
CA ARG D 15 -63.90 -33.33 14.15
C ARG D 15 -63.57 -32.00 13.49
N TRP D 16 -62.28 -31.78 13.22
CA TRP D 16 -61.82 -30.51 12.66
C TRP D 16 -61.08 -30.70 11.34
N GLU D 17 -60.64 -31.92 11.07
CA GLU D 17 -59.82 -32.19 9.90
C GLU D 17 -60.58 -32.00 8.59
N LEU D 18 -60.05 -31.13 7.75
CA LEU D 18 -60.57 -30.93 6.40
C LEU D 18 -59.60 -31.51 5.38
N PRO D 19 -60.11 -32.29 4.43
CA PRO D 19 -59.24 -32.83 3.37
C PRO D 19 -58.62 -31.70 2.53
N ARG D 20 -57.36 -31.84 2.17
CA ARG D 20 -56.64 -30.77 1.48
C ARG D 20 -57.20 -30.46 0.10
N ASP D 21 -57.95 -31.40 -0.48
CA ASP D 21 -58.54 -31.18 -1.79
C ASP D 21 -59.84 -30.39 -1.69
N ARG D 22 -60.25 -30.08 -0.48
CA ARG D 22 -61.43 -29.23 -0.27
C ARG D 22 -61.01 -27.78 -0.11
N LEU D 23 -59.71 -27.53 -0.21
CA LEU D 23 -59.17 -26.21 0.03
C LEU D 23 -58.44 -25.68 -1.20
N VAL D 24 -59.03 -24.66 -1.82
CA VAL D 24 -58.44 -24.04 -3.01
C VAL D 24 -57.77 -22.73 -2.62
N LEU D 25 -56.44 -22.76 -2.51
CA LEU D 25 -55.67 -21.61 -2.08
C LEU D 25 -55.66 -20.50 -3.12
N GLY D 26 -55.65 -19.26 -2.65
CA GLY D 26 -55.63 -18.10 -3.52
C GLY D 26 -54.50 -17.16 -3.17
N LYS D 27 -54.81 -15.88 -3.07
CA LYS D 27 -53.81 -14.83 -2.85
C LYS D 27 -53.45 -14.69 -1.38
N PRO D 28 -52.18 -14.38 -1.09
CA PRO D 28 -51.74 -14.05 0.26
C PRO D 28 -52.48 -12.84 0.82
N LEU D 29 -53.02 -12.96 2.03
CA LEU D 29 -53.75 -11.87 2.66
C LEU D 29 -52.82 -11.04 3.54
N GLY D 30 -51.52 -11.26 3.39
CA GLY D 30 -50.53 -10.54 4.18
C GLY D 30 -49.55 -11.48 4.85
N GLU D 31 -48.38 -10.95 5.19
CA GLU D 31 -47.34 -11.74 5.84
C GLU D 31 -46.97 -11.12 7.18
N GLY D 32 -46.88 -11.95 8.22
CA GLY D 32 -46.66 -11.46 9.56
C GLY D 32 -45.33 -11.86 10.19
N ALA D 33 -45.27 -11.74 11.52
CA ALA D 33 -44.03 -12.00 12.25
C ALA D 33 -43.72 -13.49 12.34
N PHE D 34 -44.72 -14.29 12.66
CA PHE D 34 -44.51 -15.70 12.95
C PHE D 34 -45.29 -16.64 12.05
N GLY D 35 -45.96 -16.09 11.04
CA GLY D 35 -46.75 -16.89 10.12
C GLY D 35 -47.18 -16.17 8.86
N GLN D 36 -48.14 -16.77 8.16
CA GLN D 36 -48.61 -16.24 6.89
C GLN D 36 -50.08 -16.58 6.69
N VAL D 37 -50.85 -15.64 6.15
CA VAL D 37 -52.27 -15.86 5.90
C VAL D 37 -52.61 -15.71 4.43
N VAL D 38 -53.25 -16.73 3.86
CA VAL D 38 -53.67 -16.66 2.47
C VAL D 38 -55.19 -16.80 2.34
N LEU D 39 -55.76 -16.08 1.39
CA LEU D 39 -57.18 -16.22 1.07
C LEU D 39 -57.39 -17.56 0.39
N ALA D 40 -58.48 -18.23 0.72
CA ALA D 40 -58.78 -19.52 0.12
C ALA D 40 -60.27 -19.77 0.02
N GLU D 41 -60.63 -20.85 -0.67
CA GLU D 41 -62.03 -21.24 -0.78
C GLU D 41 -62.18 -22.68 -0.32
N ALA D 42 -63.07 -22.90 0.65
CA ALA D 42 -63.27 -24.23 1.19
C ALA D 42 -64.55 -24.84 0.62
N ILE D 43 -64.42 -26.02 0.02
CA ILE D 43 -65.55 -26.70 -0.60
C ILE D 43 -66.25 -27.61 0.40
N GLY D 44 -67.50 -27.27 0.71
CA GLY D 44 -68.32 -28.08 1.60
C GLY D 44 -67.80 -28.17 3.03
N LEU D 45 -67.77 -27.03 3.71
CA LEU D 45 -67.49 -27.03 5.15
C LEU D 45 -68.71 -27.60 5.87
N ASP D 46 -69.85 -26.96 5.65
CA ASP D 46 -71.14 -27.50 6.06
C ASP D 46 -71.52 -28.66 5.15
N LYS D 47 -71.54 -29.88 5.70
CA LYS D 47 -71.79 -31.07 4.91
C LYS D 47 -73.26 -31.21 4.48
N ASP D 48 -74.11 -30.35 5.00
CA ASP D 48 -75.51 -30.30 4.56
C ASP D 48 -75.64 -29.45 3.32
N LYS D 49 -74.50 -28.90 2.90
CA LYS D 49 -74.36 -28.47 1.52
C LYS D 49 -72.91 -28.55 1.08
N PRO D 50 -72.53 -29.72 0.57
CA PRO D 50 -71.15 -30.08 0.23
C PRO D 50 -70.71 -29.51 -1.12
N ASN D 51 -71.63 -28.82 -1.79
CA ASN D 51 -71.32 -28.23 -3.09
C ASN D 51 -71.22 -26.71 -2.99
N ARG D 52 -70.84 -26.23 -1.82
CA ARG D 52 -70.77 -24.79 -1.59
C ARG D 52 -69.36 -24.39 -1.17
N VAL D 53 -68.86 -23.29 -1.73
CA VAL D 53 -67.54 -22.79 -1.33
C VAL D 53 -67.70 -21.61 -0.37
N THR D 54 -66.95 -21.67 0.72
CA THR D 54 -66.88 -20.57 1.68
C THR D 54 -65.53 -19.89 1.57
N LYS D 55 -65.52 -18.57 1.50
CA LYS D 55 -64.25 -17.84 1.54
C LYS D 55 -63.67 -17.95 2.94
N VAL D 56 -62.44 -18.43 3.03
CA VAL D 56 -61.79 -18.64 4.32
C VAL D 56 -60.38 -18.08 4.36
N ALA D 57 -59.87 -17.88 5.57
CA ALA D 57 -58.49 -17.44 5.75
C ALA D 57 -57.65 -18.61 6.25
N VAL D 58 -56.52 -18.86 5.58
CA VAL D 58 -55.66 -19.99 5.93
C VAL D 58 -54.34 -19.53 6.51
N LYS D 59 -54.09 -19.90 7.76
CA LYS D 59 -52.86 -19.55 8.46
C LYS D 59 -51.87 -20.71 8.36
N MET D 60 -50.62 -20.38 8.06
CA MET D 60 -49.59 -21.39 7.80
C MET D 60 -48.20 -20.85 8.13
N LEU D 61 -47.21 -21.73 8.09
CA LEU D 61 -45.83 -21.35 8.36
C LEU D 61 -45.20 -20.64 7.17
N LYS D 62 -44.11 -19.93 7.42
CA LYS D 62 -43.38 -19.21 6.38
C LYS D 62 -42.22 -20.06 5.87
N SER D 63 -41.45 -19.50 4.95
CA SER D 63 -40.29 -20.19 4.38
C SER D 63 -39.25 -20.50 5.46
N ASP D 64 -38.81 -19.45 6.15
CA ASP D 64 -37.76 -19.57 7.15
C ASP D 64 -38.37 -19.77 8.53
N ALA D 65 -39.28 -20.73 8.64
CA ALA D 65 -40.03 -20.94 9.87
C ALA D 65 -39.18 -21.51 11.01
N THR D 66 -39.44 -21.04 12.22
CA THR D 66 -38.74 -21.51 13.41
C THR D 66 -39.59 -22.51 14.18
N GLU D 67 -39.02 -23.11 15.22
CA GLU D 67 -39.77 -24.00 16.10
C GLU D 67 -40.91 -23.25 16.77
N LYS D 68 -40.61 -22.05 17.24
CA LYS D 68 -41.57 -21.22 17.96
C LYS D 68 -42.75 -20.84 17.08
N ASP D 69 -42.51 -20.69 15.79
CA ASP D 69 -43.58 -20.41 14.84
C ASP D 69 -44.58 -21.57 14.81
N LEU D 70 -44.04 -22.78 14.67
CA LEU D 70 -44.84 -23.99 14.62
C LEU D 70 -45.63 -24.18 15.91
N SER D 71 -44.93 -24.05 17.04
CA SER D 71 -45.57 -24.13 18.34
C SER D 71 -46.69 -23.11 18.48
N ASP D 72 -46.47 -21.91 17.94
CA ASP D 72 -47.47 -20.85 18.00
C ASP D 72 -48.69 -21.17 17.15
N LEU D 73 -48.47 -21.75 15.97
CA LEU D 73 -49.57 -22.12 15.09
C LEU D 73 -50.42 -23.20 15.75
N ILE D 74 -49.76 -24.27 16.19
CA ILE D 74 -50.44 -25.37 16.87
C ILE D 74 -51.21 -24.89 18.10
N SER D 75 -50.54 -24.08 18.92
CA SER D 75 -51.14 -23.54 20.13
C SER D 75 -52.35 -22.68 19.81
N GLU D 76 -52.26 -21.91 18.73
CA GLU D 76 -53.37 -21.08 18.30
C GLU D 76 -54.57 -21.95 17.92
N MET D 77 -54.30 -22.98 17.13
CA MET D 77 -55.34 -23.93 16.74
C MET D 77 -56.05 -24.55 17.95
N GLU D 78 -55.26 -25.14 18.84
CA GLU D 78 -55.81 -25.80 20.01
C GLU D 78 -56.55 -24.82 20.93
N MET D 79 -56.01 -23.62 21.06
CA MET D 79 -56.61 -22.60 21.92
C MET D 79 -57.96 -22.18 21.36
N MET D 80 -58.04 -22.03 20.05
CA MET D 80 -59.30 -21.69 19.41
C MET D 80 -60.30 -22.84 19.53
N LYS D 81 -59.80 -24.07 19.54
CA LYS D 81 -60.66 -25.21 19.84
C LYS D 81 -61.24 -25.08 21.25
N MET D 82 -60.38 -24.76 22.20
CA MET D 82 -60.77 -24.67 23.61
C MET D 82 -61.79 -23.56 23.87
N ILE D 83 -61.55 -22.40 23.29
CA ILE D 83 -62.37 -21.22 23.52
C ILE D 83 -63.81 -21.40 23.06
N GLY D 84 -63.98 -21.94 21.86
CA GLY D 84 -65.31 -22.12 21.30
C GLY D 84 -65.78 -20.87 20.59
N LYS D 85 -66.98 -20.94 20.00
CA LYS D 85 -67.48 -19.85 19.18
C LYS D 85 -68.04 -18.68 19.99
N HIS D 86 -67.73 -17.48 19.53
CA HIS D 86 -68.30 -16.25 20.05
C HIS D 86 -68.39 -15.25 18.91
N LYS D 87 -69.41 -14.39 18.92
CA LYS D 87 -69.65 -13.51 17.78
C LYS D 87 -68.57 -12.45 17.61
N ASN D 88 -67.69 -12.31 18.60
CA ASN D 88 -66.61 -11.34 18.53
C ASN D 88 -65.23 -11.99 18.58
N ILE D 89 -65.20 -13.30 18.39
CA ILE D 89 -63.94 -14.03 18.22
C ILE D 89 -63.89 -14.59 16.81
N ILE D 90 -62.73 -14.53 16.17
CA ILE D 90 -62.57 -15.15 14.86
C ILE D 90 -62.81 -16.65 14.99
N ASN D 91 -63.83 -17.13 14.28
CA ASN D 91 -64.27 -18.51 14.40
C ASN D 91 -63.35 -19.48 13.67
N LEU D 92 -62.93 -20.53 14.37
CA LEU D 92 -62.15 -21.59 13.76
C LEU D 92 -63.04 -22.45 12.88
N LEU D 93 -62.61 -22.69 11.64
CA LEU D 93 -63.43 -23.42 10.68
C LEU D 93 -62.92 -24.82 10.40
N GLY D 94 -61.60 -25.01 10.50
CA GLY D 94 -61.04 -26.33 10.28
C GLY D 94 -59.53 -26.36 10.27
N ALA D 95 -58.95 -27.51 9.92
CA ALA D 95 -57.50 -27.67 9.92
C ALA D 95 -57.02 -28.80 9.02
N CYS D 96 -55.88 -28.57 8.37
CA CYS D 96 -55.17 -29.61 7.65
C CYS D 96 -53.90 -29.93 8.41
N THR D 97 -53.86 -31.10 9.05
CA THR D 97 -52.79 -31.42 9.99
C THR D 97 -51.98 -32.66 9.61
N GLN D 98 -52.41 -33.36 8.58
CA GLN D 98 -51.75 -34.60 8.22
C GLN D 98 -51.23 -34.59 6.78
N ASP D 99 -50.05 -35.18 6.60
CA ASP D 99 -49.45 -35.36 5.27
C ASP D 99 -49.30 -34.04 4.51
N GLY D 100 -48.53 -33.12 5.08
CA GLY D 100 -48.31 -31.82 4.44
C GLY D 100 -48.19 -30.70 5.45
N PRO D 101 -48.20 -29.45 4.96
CA PRO D 101 -48.08 -28.26 5.80
C PRO D 101 -49.26 -28.12 6.75
N LEU D 102 -49.02 -27.55 7.93
CA LEU D 102 -50.10 -27.30 8.88
C LEU D 102 -50.93 -26.11 8.42
N TYR D 103 -52.21 -26.34 8.15
CA TYR D 103 -53.12 -25.28 7.75
C TYR D 103 -54.18 -25.06 8.82
N VAL D 104 -54.27 -23.83 9.30
CA VAL D 104 -55.31 -23.47 10.27
C VAL D 104 -56.33 -22.57 9.61
N ILE D 105 -57.53 -23.10 9.42
CA ILE D 105 -58.56 -22.44 8.63
C ILE D 105 -59.59 -21.73 9.50
N VAL D 106 -59.63 -20.40 9.36
CA VAL D 106 -60.53 -19.56 10.15
C VAL D 106 -61.39 -18.66 9.27
N GLU D 107 -62.30 -17.93 9.92
CA GLU D 107 -63.16 -16.95 9.26
C GLU D 107 -62.39 -16.01 8.33
N TYR D 108 -63.06 -15.57 7.27
CA TYR D 108 -62.53 -14.52 6.42
C TYR D 108 -63.11 -13.18 6.83
N ALA D 109 -62.23 -12.24 7.16
CA ALA D 109 -62.65 -10.88 7.48
C ALA D 109 -62.29 -9.94 6.34
N SER D 110 -63.28 -9.64 5.51
CA SER D 110 -63.07 -8.90 4.27
C SER D 110 -62.46 -7.51 4.42
N LYS D 111 -62.75 -6.85 5.55
CA LYS D 111 -62.35 -5.45 5.70
C LYS D 111 -61.05 -5.28 6.50
N GLY D 112 -60.29 -6.35 6.64
CA GLY D 112 -58.97 -6.27 7.24
C GLY D 112 -58.98 -6.07 8.75
N ASN D 113 -57.81 -5.74 9.30
CA ASN D 113 -57.72 -5.52 10.75
C ASN D 113 -58.22 -4.13 11.13
N LEU D 114 -58.41 -3.91 12.43
CA LEU D 114 -59.05 -2.70 12.92
C LEU D 114 -58.25 -1.44 12.60
N ARG D 115 -56.92 -1.53 12.64
CA ARG D 115 -56.09 -0.38 12.31
C ARG D 115 -56.31 0.04 10.85
N GLU D 116 -56.24 -0.92 9.95
CA GLU D 116 -56.48 -0.68 8.53
C GLU D 116 -57.88 -0.11 8.30
N TYR D 117 -58.86 -0.77 8.90
CA TYR D 117 -60.26 -0.36 8.83
C TYR D 117 -60.45 1.10 9.23
N LEU D 118 -59.93 1.47 10.40
CA LEU D 118 -60.06 2.82 10.92
C LEU D 118 -59.29 3.85 10.09
N GLN D 119 -58.11 3.46 9.61
CA GLN D 119 -57.29 4.37 8.80
C GLN D 119 -57.95 4.68 7.46
N ALA D 120 -58.58 3.68 6.86
CA ALA D 120 -59.23 3.85 5.57
C ALA D 120 -60.47 4.75 5.66
N ARG D 121 -60.90 5.03 6.89
CA ARG D 121 -62.11 5.83 7.10
C ARG D 121 -61.81 7.10 7.88
N ARG D 122 -60.58 7.59 7.75
CA ARG D 122 -60.18 8.86 8.34
C ARG D 122 -60.69 10.03 7.50
N PRO D 123 -60.75 11.21 8.06
CA PRO D 123 -61.00 12.41 7.29
C PRO D 123 -59.97 12.46 6.19
N PRO D 124 -60.34 12.84 4.97
CA PRO D 124 -59.44 12.71 3.82
C PRO D 124 -58.41 13.84 3.66
N GLY D 125 -57.30 13.55 2.98
CA GLY D 125 -56.31 14.55 2.65
C GLY D 125 -55.50 14.47 1.37
N LEU D 126 -56.03 13.80 0.35
CA LEU D 126 -55.23 13.62 -0.87
C LEU D 126 -55.98 13.46 -2.20
N GLU D 127 -55.81 14.44 -3.08
CA GLU D 127 -56.08 14.30 -4.51
C GLU D 127 -55.84 15.63 -5.22
N GLU D 137 -64.99 7.49 0.43
CA GLU D 137 -65.37 6.53 1.45
C GLU D 137 -66.03 7.26 2.63
N GLU D 138 -66.85 6.56 3.41
CA GLU D 138 -67.55 7.25 4.47
C GLU D 138 -67.09 6.83 5.86
N GLN D 139 -66.84 7.85 6.68
CA GLN D 139 -66.21 7.70 7.97
C GLN D 139 -67.16 7.19 9.05
N LEU D 140 -66.80 7.44 10.31
CA LEU D 140 -67.46 6.77 11.43
C LEU D 140 -68.02 7.73 12.47
N SER D 141 -69.21 7.41 12.95
CA SER D 141 -69.78 8.12 14.09
C SER D 141 -68.94 7.84 15.33
N SER D 142 -68.99 8.73 16.31
CA SER D 142 -68.34 8.46 17.58
C SER D 142 -68.99 7.23 18.21
N LYS D 143 -70.31 7.15 18.01
CA LYS D 143 -71.09 5.99 18.45
C LYS D 143 -70.54 4.70 17.86
N ASP D 144 -70.14 4.76 16.59
CA ASP D 144 -69.55 3.60 15.91
C ASP D 144 -68.25 3.18 16.59
N LEU D 145 -67.40 4.14 16.91
CA LEU D 145 -66.12 3.86 17.57
C LEU D 145 -66.32 3.21 18.94
N VAL D 146 -67.18 3.84 19.74
CA VAL D 146 -67.50 3.30 21.06
C VAL D 146 -68.09 1.90 20.91
N SER D 147 -68.79 1.66 19.80
CA SER D 147 -69.37 0.36 19.52
C SER D 147 -68.28 -0.67 19.19
N CYS D 148 -67.25 -0.25 18.46
CA CYS D 148 -66.11 -1.12 18.20
C CYS D 148 -65.46 -1.54 19.51
N ALA D 149 -65.17 -0.52 20.33
CA ALA D 149 -64.61 -0.74 21.65
C ALA D 149 -65.45 -1.75 22.45
N TYR D 150 -66.76 -1.55 22.42
CA TYR D 150 -67.70 -2.42 23.12
C TYR D 150 -67.66 -3.86 22.63
N GLN D 151 -67.63 -4.05 21.31
CA GLN D 151 -67.60 -5.38 20.73
C GLN D 151 -66.32 -6.13 21.13
N VAL D 152 -65.19 -5.46 20.93
CA VAL D 152 -63.91 -6.06 21.32
C VAL D 152 -63.92 -6.41 22.81
N ALA D 153 -64.50 -5.53 23.61
CA ALA D 153 -64.61 -5.74 25.05
C ALA D 153 -65.45 -6.98 25.38
N ARG D 154 -66.54 -7.18 24.64
CA ARG D 154 -67.40 -8.34 24.85
C ARG D 154 -66.63 -9.62 24.52
N GLY D 155 -65.93 -9.58 23.39
CA GLY D 155 -65.06 -10.68 23.02
C GLY D 155 -64.06 -11.03 24.11
N MET D 156 -63.39 -10.01 24.65
CA MET D 156 -62.40 -10.23 25.70
C MET D 156 -63.02 -10.74 26.99
N GLU D 157 -64.23 -10.29 27.31
CA GLU D 157 -64.95 -10.78 28.47
C GLU D 157 -65.18 -12.27 28.32
N TYR D 158 -65.66 -12.66 27.15
CA TYR D 158 -65.85 -14.08 26.85
C TYR D 158 -64.55 -14.85 26.99
N LEU D 159 -63.46 -14.27 26.48
CA LEU D 159 -62.15 -14.90 26.59
C LEU D 159 -61.74 -15.16 28.04
N ALA D 160 -61.87 -14.12 28.87
CA ALA D 160 -61.51 -14.20 30.28
C ALA D 160 -62.37 -15.23 31.00
N SER D 161 -63.64 -15.33 30.63
CA SER D 161 -64.52 -16.34 31.22
C SER D 161 -64.05 -17.76 30.89
N LYS D 162 -63.26 -17.91 29.83
CA LYS D 162 -62.73 -19.22 29.44
C LYS D 162 -61.34 -19.46 30.03
N LYS D 163 -60.95 -18.61 30.99
CA LYS D 163 -59.65 -18.68 31.65
C LYS D 163 -58.51 -18.55 30.65
N CYS D 164 -58.69 -17.68 29.66
CA CYS D 164 -57.70 -17.51 28.61
C CYS D 164 -57.17 -16.07 28.54
N ILE D 165 -55.87 -15.94 28.40
CA ILE D 165 -55.25 -14.62 28.21
C ILE D 165 -54.78 -14.49 26.76
N HIS D 166 -55.02 -13.35 26.14
CA HIS D 166 -54.61 -13.13 24.76
C HIS D 166 -53.14 -12.72 24.67
N ARG D 167 -52.74 -11.79 25.52
CA ARG D 167 -51.37 -11.29 25.64
C ARG D 167 -50.89 -10.43 24.46
N ASP D 168 -51.68 -10.39 23.38
CA ASP D 168 -51.28 -9.61 22.21
C ASP D 168 -52.46 -8.81 21.67
N LEU D 169 -53.29 -8.31 22.58
CA LEU D 169 -54.44 -7.51 22.19
C LEU D 169 -54.00 -6.16 21.62
N ALA D 170 -54.39 -5.91 20.37
CA ALA D 170 -54.07 -4.67 19.68
C ALA D 170 -55.02 -4.48 18.51
N ALA D 171 -55.02 -3.28 17.93
CA ALA D 171 -55.90 -2.97 16.80
C ALA D 171 -55.63 -3.89 15.62
N ARG D 172 -54.35 -4.14 15.35
CA ARG D 172 -53.95 -4.99 14.23
C ARG D 172 -54.40 -6.44 14.41
N ASN D 173 -54.67 -6.84 15.64
CA ASN D 173 -55.11 -8.20 15.93
C ASN D 173 -56.61 -8.28 16.18
N VAL D 174 -57.32 -7.27 15.69
CA VAL D 174 -58.79 -7.30 15.65
C VAL D 174 -59.23 -7.18 14.20
N LEU D 175 -59.90 -8.22 13.70
CA LEU D 175 -60.34 -8.23 12.31
C LEU D 175 -61.76 -7.72 12.16
N VAL D 176 -62.07 -7.18 10.99
CA VAL D 176 -63.39 -6.60 10.73
C VAL D 176 -64.07 -7.27 9.54
N THR D 177 -65.28 -7.76 9.75
CA THR D 177 -66.02 -8.45 8.70
C THR D 177 -66.79 -7.49 7.81
N GLU D 178 -67.39 -8.04 6.75
CA GLU D 178 -68.19 -7.27 5.81
C GLU D 178 -69.33 -6.54 6.50
N ASP D 179 -69.83 -7.13 7.58
CA ASP D 179 -70.95 -6.56 8.32
C ASP D 179 -70.46 -5.65 9.46
N ASN D 180 -69.18 -5.32 9.43
CA ASN D 180 -68.55 -4.46 10.43
C ASN D 180 -68.61 -5.03 11.85
N VAL D 181 -68.44 -6.34 11.96
CA VAL D 181 -68.38 -6.98 13.26
C VAL D 181 -66.93 -7.15 13.71
N MET D 182 -66.62 -6.65 14.90
CA MET D 182 -65.29 -6.80 15.47
C MET D 182 -65.04 -8.24 15.87
N LYS D 183 -63.89 -8.79 15.48
CA LYS D 183 -63.54 -10.16 15.81
C LYS D 183 -62.08 -10.31 16.21
N ILE D 184 -61.85 -10.59 17.49
CA ILE D 184 -60.50 -10.79 18.03
C ILE D 184 -59.82 -11.99 17.37
N ALA D 185 -58.56 -11.81 16.99
CA ALA D 185 -57.82 -12.85 16.27
C ALA D 185 -56.39 -13.01 16.77
N ASP D 186 -55.62 -13.86 16.07
CA ASP D 186 -54.23 -14.13 16.40
C ASP D 186 -54.03 -14.62 17.83
N PHE D 187 -54.34 -15.89 18.06
CA PHE D 187 -54.20 -16.49 19.38
C PHE D 187 -52.91 -17.30 19.51
N GLY D 188 -51.92 -16.95 18.70
CA GLY D 188 -50.66 -17.67 18.69
C GLY D 188 -49.90 -17.57 19.99
N LEU D 189 -50.11 -16.46 20.70
CA LEU D 189 -49.42 -16.23 21.97
C LEU D 189 -50.41 -16.29 23.13
N ALA D 190 -51.65 -16.68 22.82
CA ALA D 190 -52.65 -16.87 23.86
C ALA D 190 -52.25 -17.99 24.80
N ARG D 191 -52.43 -17.78 26.10
CA ARG D 191 -52.09 -18.80 27.08
C ARG D 191 -53.29 -19.15 27.94
N ASP D 192 -53.38 -20.43 28.28
CA ASP D 192 -54.46 -20.93 29.13
C ASP D 192 -54.04 -20.90 30.59
N ILE D 193 -54.81 -20.19 31.41
CA ILE D 193 -54.49 -20.07 32.83
C ILE D 193 -55.61 -20.59 33.72
N HIS D 194 -56.01 -21.84 33.50
CA HIS D 194 -56.97 -22.48 34.40
C HIS D 194 -56.36 -22.64 35.79
N HIS D 195 -57.13 -22.26 36.80
CA HIS D 195 -56.78 -22.42 38.21
C HIS D 195 -55.63 -21.52 38.66
N ILE D 196 -54.46 -21.67 38.04
CA ILE D 196 -53.38 -20.71 38.28
C ILE D 196 -53.85 -19.37 37.70
N ASP D 197 -53.60 -18.28 38.41
CA ASP D 197 -54.18 -17.01 38.03
C ASP D 197 -53.26 -16.13 37.19
N TYR D 198 -52.16 -16.70 36.71
CA TYR D 198 -51.18 -15.92 35.95
C TYR D 198 -50.25 -16.80 35.11
N TYR D 199 -49.70 -16.20 34.06
CA TYR D 199 -48.69 -16.87 33.25
C TYR D 199 -47.36 -16.14 33.41
N LYS D 200 -46.32 -16.90 33.78
CA LYS D 200 -45.01 -16.32 34.08
C LYS D 200 -43.98 -16.67 33.00
N LYS D 201 -43.33 -15.65 32.47
CA LYS D 201 -42.29 -15.85 31.47
C LYS D 201 -41.15 -14.86 31.70
N THR D 202 -40.06 -15.35 32.28
CA THR D 202 -38.94 -14.51 32.68
C THR D 202 -38.18 -13.91 31.51
N THR D 203 -37.78 -14.76 30.56
CA THR D 203 -36.95 -14.34 29.44
C THR D 203 -37.60 -13.23 28.60
N ASN D 204 -36.78 -12.56 27.79
CA ASN D 204 -37.25 -11.49 26.93
C ASN D 204 -38.37 -11.95 26.01
N GLY D 205 -39.38 -11.11 25.84
CA GLY D 205 -40.61 -11.51 25.17
C GLY D 205 -40.67 -11.31 23.67
N ARG D 206 -41.81 -11.69 23.10
CA ARG D 206 -42.05 -11.58 21.67
C ARG D 206 -43.30 -10.75 21.42
N LEU D 207 -43.59 -9.87 22.37
CA LEU D 207 -44.76 -9.00 22.28
C LEU D 207 -44.35 -7.54 22.11
N PRO D 208 -45.08 -6.80 21.26
CA PRO D 208 -44.83 -5.36 21.08
C PRO D 208 -44.82 -4.61 22.40
N VAL D 209 -43.67 -4.02 22.72
CA VAL D 209 -43.44 -3.37 24.00
C VAL D 209 -44.49 -2.30 24.32
N LYS D 210 -44.97 -1.60 23.30
CA LYS D 210 -45.88 -0.48 23.52
C LYS D 210 -47.31 -0.92 23.87
N TRP D 211 -47.55 -2.23 23.85
CA TRP D 211 -48.85 -2.74 24.25
C TRP D 211 -48.76 -3.54 25.55
N MET D 212 -47.56 -3.64 26.10
CA MET D 212 -47.32 -4.45 27.28
C MET D 212 -47.51 -3.68 28.58
N ALA D 213 -48.23 -4.29 29.52
CA ALA D 213 -48.36 -3.74 30.86
C ALA D 213 -47.01 -3.76 31.56
N PRO D 214 -46.78 -2.79 32.48
CA PRO D 214 -45.54 -2.67 33.23
C PRO D 214 -45.10 -3.97 33.91
N GLU D 215 -46.01 -4.63 34.62
CA GLU D 215 -45.64 -5.86 35.33
C GLU D 215 -45.31 -6.98 34.35
N ALA D 216 -45.91 -6.94 33.16
CA ALA D 216 -45.62 -7.94 32.14
C ALA D 216 -44.26 -7.66 31.50
N LEU D 217 -43.97 -6.39 31.29
CA LEU D 217 -42.72 -5.98 30.65
C LEU D 217 -41.51 -6.20 31.56
N PHE D 218 -41.68 -5.87 32.84
CA PHE D 218 -40.58 -5.91 33.81
C PHE D 218 -40.48 -7.24 34.56
N ASP D 219 -41.62 -7.80 34.94
CA ASP D 219 -41.61 -8.98 35.80
C ASP D 219 -42.08 -10.25 35.09
N GLY D 220 -42.50 -10.11 33.83
CA GLY D 220 -42.96 -11.24 33.05
C GLY D 220 -44.23 -11.86 33.61
N ILE D 221 -45.06 -11.04 34.23
CA ILE D 221 -46.32 -11.52 34.80
C ILE D 221 -47.51 -11.12 33.92
N TYR D 222 -48.19 -12.13 33.38
CA TYR D 222 -49.32 -11.91 32.49
C TYR D 222 -50.62 -12.37 33.13
N THR D 223 -51.59 -11.46 33.21
CA THR D 223 -52.89 -11.75 33.79
C THR D 223 -54.00 -11.19 32.92
N HIS D 224 -55.24 -11.31 33.38
CA HIS D 224 -56.35 -10.65 32.71
C HIS D 224 -56.19 -9.14 32.82
N GLN D 225 -55.56 -8.71 33.90
CA GLN D 225 -55.31 -7.28 34.14
C GLN D 225 -54.41 -6.66 33.08
N SER D 226 -53.33 -7.36 32.72
CA SER D 226 -52.43 -6.88 31.68
C SER D 226 -53.13 -6.85 30.34
N ASP D 227 -54.02 -7.81 30.12
CA ASP D 227 -54.89 -7.82 28.94
C ASP D 227 -55.76 -6.57 28.94
N VAL D 228 -56.21 -6.16 30.12
CA VAL D 228 -57.00 -4.93 30.26
C VAL D 228 -56.15 -3.70 29.92
N TRP D 229 -54.89 -3.72 30.33
CA TRP D 229 -53.93 -2.67 29.95
C TRP D 229 -53.86 -2.56 28.43
N SER D 230 -53.60 -3.70 27.80
CA SER D 230 -53.53 -3.78 26.35
C SER D 230 -54.81 -3.25 25.72
N PHE D 231 -55.94 -3.55 26.36
CA PHE D 231 -57.22 -3.04 25.89
C PHE D 231 -57.30 -1.52 26.01
N GLY D 232 -56.60 -0.96 27.00
CA GLY D 232 -56.55 0.48 27.13
C GLY D 232 -55.78 1.08 25.97
N VAL D 233 -54.65 0.45 25.66
CA VAL D 233 -53.87 0.88 24.49
C VAL D 233 -54.73 0.77 23.22
N LEU D 234 -55.56 -0.26 23.16
CA LEU D 234 -56.48 -0.49 22.04
C LEU D 234 -57.50 0.64 21.93
N LEU D 235 -58.04 1.05 23.08
CA LEU D 235 -58.92 2.21 23.15
C LEU D 235 -58.24 3.44 22.60
N TRP D 236 -56.96 3.61 22.95
CA TRP D 236 -56.22 4.74 22.42
C TRP D 236 -56.05 4.65 20.91
N GLU D 237 -55.84 3.43 20.41
CA GLU D 237 -55.71 3.21 18.97
C GLU D 237 -56.98 3.55 18.23
N ILE D 238 -58.12 3.21 18.83
CA ILE D 238 -59.41 3.40 18.18
C ILE D 238 -59.76 4.88 17.99
N PHE D 239 -59.64 5.68 19.05
CA PHE D 239 -60.03 7.08 18.99
C PHE D 239 -58.91 7.95 18.43
N THR D 240 -57.85 7.33 17.95
CA THR D 240 -56.86 8.00 17.11
C THR D 240 -57.05 7.53 15.67
N LEU D 241 -58.12 6.74 15.46
CA LEU D 241 -58.42 6.14 14.17
C LEU D 241 -57.24 5.34 13.62
N GLY D 242 -56.69 4.47 14.47
CA GLY D 242 -55.57 3.62 14.07
C GLY D 242 -54.23 4.30 14.27
N GLY D 243 -54.12 5.10 15.31
CA GLY D 243 -52.89 5.81 15.60
C GLY D 243 -51.79 4.93 16.17
N SER D 244 -50.63 5.52 16.42
CA SER D 244 -49.50 4.78 16.95
C SER D 244 -49.20 5.20 18.40
N PRO D 245 -49.26 4.23 19.32
CA PRO D 245 -49.08 4.46 20.76
C PRO D 245 -47.73 5.07 21.09
N TYR D 246 -47.70 5.92 22.12
CA TYR D 246 -46.51 6.65 22.51
C TYR D 246 -45.81 7.26 21.29
N PRO D 247 -46.51 8.16 20.59
CA PRO D 247 -46.06 8.68 19.30
C PRO D 247 -44.74 9.45 19.39
N GLY D 248 -43.74 9.00 18.64
CA GLY D 248 -42.46 9.67 18.62
C GLY D 248 -41.48 9.09 19.62
N VAL D 249 -42.01 8.43 20.65
CA VAL D 249 -41.18 7.77 21.66
C VAL D 249 -40.61 6.47 21.11
N PRO D 250 -39.28 6.38 21.02
CA PRO D 250 -38.65 5.12 20.63
C PRO D 250 -38.83 4.06 21.72
N VAL D 251 -38.88 2.79 21.31
CA VAL D 251 -39.19 1.69 22.22
C VAL D 251 -38.23 1.62 23.40
N GLU D 252 -36.95 1.91 23.17
CA GLU D 252 -35.95 1.79 24.22
C GLU D 252 -36.16 2.79 25.38
N GLU D 253 -36.76 3.94 25.09
CA GLU D 253 -37.03 4.94 26.12
C GLU D 253 -38.24 4.56 26.98
N LEU D 254 -39.11 3.72 26.41
CA LEU D 254 -40.37 3.38 27.03
C LEU D 254 -40.18 2.68 28.38
N PHE D 255 -39.05 2.01 28.55
CA PHE D 255 -38.75 1.35 29.82
C PHE D 255 -38.63 2.39 30.93
N LYS D 256 -37.76 3.38 30.71
CA LYS D 256 -37.59 4.49 31.63
C LYS D 256 -38.92 5.21 31.85
N LEU D 257 -39.61 5.50 30.76
CA LEU D 257 -40.89 6.21 30.83
C LEU D 257 -41.91 5.50 31.73
N LEU D 258 -42.09 4.20 31.51
CA LEU D 258 -43.02 3.43 32.31
C LEU D 258 -42.56 3.29 33.75
N LYS D 259 -41.25 3.20 33.93
CA LYS D 259 -40.66 3.12 35.27
C LYS D 259 -41.00 4.38 36.05
N GLU D 260 -41.07 5.50 35.35
CA GLU D 260 -41.37 6.78 35.99
C GLU D 260 -42.87 7.03 36.13
N GLY D 261 -43.68 6.18 35.52
CA GLY D 261 -45.13 6.26 35.67
C GLY D 261 -45.85 7.04 34.59
N HIS D 262 -45.18 7.20 33.45
CA HIS D 262 -45.72 7.97 32.33
C HIS D 262 -46.97 7.33 31.72
N ARG D 263 -47.89 8.17 31.26
CA ARG D 263 -49.10 7.70 30.57
C ARG D 263 -49.35 8.53 29.32
N MET D 264 -49.96 7.91 28.31
CA MET D 264 -50.30 8.60 27.08
C MET D 264 -51.33 9.70 27.33
N ASP D 265 -51.30 10.73 26.49
CA ASP D 265 -52.27 11.81 26.58
C ASP D 265 -53.55 11.46 25.83
N LYS D 266 -54.59 12.26 26.04
CA LYS D 266 -55.87 12.06 25.39
C LYS D 266 -55.78 12.37 23.90
N PRO D 267 -56.27 11.45 23.06
CA PRO D 267 -56.35 11.71 21.61
C PRO D 267 -57.21 12.93 21.30
N SER D 268 -56.94 13.57 20.16
CA SER D 268 -57.58 14.83 19.78
C SER D 268 -59.10 14.83 19.95
N ASN D 269 -59.78 13.94 19.24
CA ASN D 269 -61.22 13.85 19.32
C ASN D 269 -61.66 12.67 20.18
N CYS D 270 -61.75 12.93 21.48
CA CYS D 270 -62.07 11.88 22.45
C CYS D 270 -62.63 12.49 23.74
N THR D 271 -63.76 11.98 24.19
CA THR D 271 -64.37 12.47 25.42
C THR D 271 -63.48 12.22 26.62
N ASN D 272 -63.68 13.00 27.68
CA ASN D 272 -62.93 12.82 28.92
C ASN D 272 -63.24 11.46 29.55
N GLU D 273 -64.48 11.01 29.38
CA GLU D 273 -64.92 9.75 29.96
C GLU D 273 -64.11 8.56 29.44
N LEU D 274 -63.97 8.50 28.12
CA LEU D 274 -63.25 7.40 27.48
C LEU D 274 -61.76 7.47 27.78
N TYR D 275 -61.23 8.69 27.88
CA TYR D 275 -59.84 8.87 28.27
C TYR D 275 -59.63 8.36 29.69
N MET D 276 -60.61 8.62 30.55
CA MET D 276 -60.57 8.14 31.93
C MET D 276 -60.68 6.62 31.97
N MET D 277 -61.38 6.05 31.00
CA MET D 277 -61.43 4.59 30.87
C MET D 277 -60.05 4.04 30.51
N MET D 278 -59.40 4.71 29.56
CA MET D 278 -58.03 4.36 29.19
C MET D 278 -57.12 4.41 30.41
N ARG D 279 -57.20 5.50 31.17
CA ARG D 279 -56.36 5.70 32.34
C ARG D 279 -56.66 4.67 33.42
N ASP D 280 -57.91 4.23 33.49
CA ASP D 280 -58.29 3.17 34.41
C ASP D 280 -57.66 1.86 34.01
N CYS D 281 -57.67 1.58 32.71
CA CYS D 281 -57.01 0.38 32.19
C CYS D 281 -55.51 0.42 32.47
N TRP D 282 -54.99 1.63 32.68
CA TRP D 282 -53.56 1.81 32.90
C TRP D 282 -53.21 2.08 34.36
N HIS D 283 -54.01 1.55 35.28
CA HIS D 283 -53.71 1.65 36.70
C HIS D 283 -52.38 0.97 37.02
N ALA D 284 -51.57 1.63 37.84
CA ALA D 284 -50.28 1.08 38.27
C ALA D 284 -50.48 -0.25 38.98
N VAL D 285 -51.49 -0.29 39.85
CA VAL D 285 -51.86 -1.52 40.53
C VAL D 285 -52.82 -2.32 39.64
N PRO D 286 -52.38 -3.51 39.19
CA PRO D 286 -53.17 -4.35 38.29
C PRO D 286 -54.59 -4.62 38.80
N SER D 287 -54.72 -4.98 40.07
CA SER D 287 -56.02 -5.31 40.66
C SER D 287 -56.95 -4.10 40.76
N GLN D 288 -56.41 -2.93 40.45
CA GLN D 288 -57.19 -1.70 40.51
C GLN D 288 -57.78 -1.36 39.14
N ARG D 289 -57.31 -2.06 38.11
CA ARG D 289 -57.86 -1.91 36.77
C ARG D 289 -59.23 -2.57 36.70
N PRO D 290 -60.13 -2.01 35.88
CA PRO D 290 -61.45 -2.62 35.71
C PRO D 290 -61.35 -4.00 35.07
N THR D 291 -62.35 -4.85 35.29
CA THR D 291 -62.43 -6.13 34.59
C THR D 291 -63.12 -5.91 33.24
N PHE D 292 -63.07 -6.90 32.38
CA PHE D 292 -63.70 -6.78 31.07
C PHE D 292 -65.22 -6.73 31.18
N LYS D 293 -65.76 -7.30 32.25
CA LYS D 293 -67.19 -7.25 32.51
C LYS D 293 -67.64 -5.82 32.78
N GLN D 294 -66.94 -5.16 33.70
CA GLN D 294 -67.21 -3.77 34.03
C GLN D 294 -67.04 -2.87 32.80
N LEU D 295 -66.00 -3.16 32.02
CA LEU D 295 -65.75 -2.44 30.77
C LEU D 295 -66.92 -2.61 29.80
N VAL D 296 -67.47 -3.82 29.73
CA VAL D 296 -68.62 -4.09 28.88
C VAL D 296 -69.84 -3.30 29.36
N GLU D 297 -70.05 -3.26 30.68
CA GLU D 297 -71.11 -2.45 31.27
C GLU D 297 -71.00 -0.99 30.83
N ASP D 298 -69.89 -0.37 31.22
CA ASP D 298 -69.66 1.06 30.96
C ASP D 298 -69.76 1.39 29.48
N LEU D 299 -69.09 0.59 28.65
CA LEU D 299 -69.10 0.82 27.21
C LEU D 299 -70.51 0.66 26.63
N ASP D 300 -71.29 -0.25 27.19
CA ASP D 300 -72.67 -0.43 26.77
C ASP D 300 -73.46 0.84 27.05
N ARG D 301 -73.33 1.34 28.28
CA ARG D 301 -73.99 2.58 28.68
C ARG D 301 -73.60 3.75 27.78
N ILE D 302 -72.30 3.92 27.57
CA ILE D 302 -71.78 5.01 26.75
C ILE D 302 -72.28 4.90 25.31
N VAL D 303 -72.23 3.70 24.75
CA VAL D 303 -72.79 3.44 23.43
C VAL D 303 -74.23 3.91 23.38
N ALA D 304 -74.99 3.56 24.41
CA ALA D 304 -76.38 3.99 24.49
C ALA D 304 -76.51 5.51 24.54
N LEU D 305 -75.53 6.19 25.12
CA LEU D 305 -75.65 7.64 25.32
C LEU D 305 -74.95 8.52 24.27
N THR D 306 -74.19 7.90 23.37
N THR D 306 -74.16 7.92 23.39
CA THR D 306 -73.46 8.64 22.34
CA THR D 306 -73.48 8.69 22.36
C THR D 306 -74.25 8.69 21.03
C THR D 306 -74.31 8.72 21.07
N SER D 307 -74.29 9.86 20.39
CA SER D 307 -75.16 10.09 19.23
C SER D 307 -74.51 9.96 17.85
N ASN D 308 -75.29 10.30 16.82
CA ASN D 308 -74.94 10.05 15.43
C ASN D 308 -74.41 8.64 15.23
N PRO E 11 42.11 32.82 9.58
CA PRO E 11 40.90 33.45 9.03
C PRO E 11 39.65 32.69 9.45
N GLU E 12 39.32 32.69 10.72
CA GLU E 12 38.24 31.83 11.21
C GLU E 12 37.01 32.60 11.67
N ASP E 13 35.84 31.96 11.52
CA ASP E 13 34.55 32.60 11.74
C ASP E 13 33.46 31.54 11.84
N PRO E 14 33.22 31.03 13.06
CA PRO E 14 32.23 29.97 13.30
C PRO E 14 30.82 30.35 12.84
N ARG E 15 30.40 31.57 13.13
CA ARG E 15 29.04 32.01 12.88
C ARG E 15 28.73 32.23 11.39
N TRP E 16 29.76 32.47 10.60
CA TRP E 16 29.55 32.82 9.19
C TRP E 16 30.08 31.78 8.22
N GLU E 17 30.76 30.76 8.73
CA GLU E 17 31.38 29.76 7.87
C GLU E 17 30.36 28.75 7.35
N LEU E 18 30.41 28.50 6.04
CA LEU E 18 29.54 27.51 5.42
C LEU E 18 30.36 26.40 4.76
N PRO E 19 30.04 25.15 5.10
CA PRO E 19 30.65 23.95 4.51
C PRO E 19 30.65 24.00 2.98
N ARG E 20 31.74 23.57 2.37
CA ARG E 20 31.93 23.70 0.92
C ARG E 20 31.05 22.73 0.13
N ASP E 21 30.64 21.65 0.77
CA ASP E 21 29.76 20.67 0.12
C ASP E 21 28.33 21.19 0.03
N ARG E 22 28.05 22.28 0.74
CA ARG E 22 26.72 22.86 0.76
C ARG E 22 26.56 23.92 -0.34
N LEU E 23 27.59 24.10 -1.13
CA LEU E 23 27.57 25.09 -2.20
C LEU E 23 27.68 24.41 -3.56
N VAL E 24 26.75 24.74 -4.46
CA VAL E 24 26.70 24.15 -5.79
C VAL E 24 26.83 25.24 -6.86
N LEU E 25 28.05 25.40 -7.37
CA LEU E 25 28.38 26.50 -8.28
C LEU E 25 27.78 26.30 -9.68
N GLY E 26 27.41 27.41 -10.32
CA GLY E 26 26.81 27.35 -11.65
C GLY E 26 27.26 28.47 -12.57
N LYS E 27 26.30 29.08 -13.25
CA LYS E 27 26.53 30.16 -14.21
C LYS E 27 27.29 31.35 -13.60
N PRO E 28 28.11 32.03 -14.41
CA PRO E 28 28.74 33.29 -13.96
C PRO E 28 27.92 34.51 -14.35
N LEU E 29 27.71 35.42 -13.39
CA LEU E 29 27.02 36.67 -13.66
C LEU E 29 27.58 37.80 -12.80
N GLY E 35 38.25 39.44 -10.14
CA GLY E 35 37.16 39.23 -9.20
C GLY E 35 35.80 39.16 -9.87
N GLN E 36 35.19 37.99 -9.88
CA GLN E 36 33.88 37.82 -10.50
C GLN E 36 32.88 37.18 -9.54
N VAL E 37 31.60 37.22 -9.93
CA VAL E 37 30.56 36.59 -9.14
C VAL E 37 29.88 35.51 -10.00
N VAL E 38 29.56 34.38 -9.36
CA VAL E 38 28.90 33.29 -10.07
C VAL E 38 27.62 32.89 -9.36
N LEU E 39 26.59 32.56 -10.14
CA LEU E 39 25.35 32.03 -9.61
C LEU E 39 25.62 30.68 -8.97
N ALA E 40 24.94 30.40 -7.86
CA ALA E 40 25.14 29.12 -7.18
C ALA E 40 23.90 28.74 -6.38
N GLU E 41 23.93 27.56 -5.79
CA GLU E 41 22.84 27.08 -4.95
C GLU E 41 23.37 26.60 -3.60
N ALA E 42 22.92 27.25 -2.53
CA ALA E 42 23.31 26.86 -1.18
C ALA E 42 22.23 25.97 -0.58
N ILE E 43 22.63 24.96 0.19
CA ILE E 43 21.68 24.02 0.76
C ILE E 43 21.17 24.32 2.17
N GLY E 44 21.97 24.00 3.17
CA GLY E 44 21.60 24.25 4.55
C GLY E 44 22.07 25.61 5.02
N LEU E 45 21.28 26.64 4.72
CA LEU E 45 21.66 28.01 5.07
C LEU E 45 21.05 28.50 6.38
N ASP E 46 19.74 28.34 6.52
CA ASP E 46 19.10 28.52 7.82
C ASP E 46 19.40 27.28 8.67
N LYS E 47 18.93 27.24 9.91
CA LYS E 47 19.25 26.10 10.75
C LYS E 47 18.03 25.22 11.01
N ASP E 48 16.84 25.78 10.77
CA ASP E 48 15.63 24.99 10.57
C ASP E 48 15.29 25.01 9.08
N LYS E 49 14.20 24.35 8.70
CA LYS E 49 13.95 23.97 7.30
C LYS E 49 15.24 23.51 6.59
N PRO E 50 15.86 22.42 7.08
CA PRO E 50 17.24 22.06 6.71
C PRO E 50 17.46 21.67 5.24
N ASN E 51 16.50 21.00 4.60
CA ASN E 51 16.72 20.56 3.21
C ASN E 51 16.01 21.43 2.19
N ARG E 52 16.32 22.72 2.22
CA ARG E 52 15.85 23.65 1.20
C ARG E 52 17.05 24.26 0.50
N VAL E 53 16.91 24.54 -0.78
CA VAL E 53 18.00 25.16 -1.52
C VAL E 53 17.66 26.59 -1.90
N THR E 54 18.57 27.51 -1.62
CA THR E 54 18.40 28.90 -2.01
C THR E 54 19.48 29.34 -3.00
N LYS E 55 19.05 30.01 -4.06
CA LYS E 55 19.93 30.50 -5.11
C LYS E 55 20.75 31.69 -4.60
N VAL E 56 22.05 31.48 -4.39
CA VAL E 56 22.92 32.55 -3.89
C VAL E 56 23.88 33.07 -4.96
N ALA E 57 24.52 34.19 -4.65
CA ALA E 57 25.57 34.74 -5.51
C ALA E 57 26.92 34.62 -4.80
N VAL E 58 27.93 34.15 -5.52
CA VAL E 58 29.24 33.89 -4.93
C VAL E 58 30.34 34.76 -5.50
N LYS E 59 30.92 35.59 -4.64
CA LYS E 59 32.05 36.45 -5.01
C LYS E 59 33.37 35.71 -4.85
N MET E 60 34.21 35.81 -5.87
CA MET E 60 35.52 35.17 -5.87
C MET E 60 36.51 36.01 -6.69
N LEU E 61 37.78 35.61 -6.68
CA LEU E 61 38.81 36.34 -7.41
C LEU E 61 39.26 35.61 -8.68
N LYS E 62 39.43 36.37 -9.76
CA LYS E 62 39.80 35.80 -11.05
C LYS E 62 41.27 35.38 -11.08
N ALA E 65 44.95 37.25 -11.31
CA ALA E 65 44.76 36.79 -9.94
C ALA E 65 45.60 37.61 -8.96
N THR E 66 45.27 38.89 -8.84
CA THR E 66 46.02 39.80 -7.98
C THR E 66 45.72 39.56 -6.50
N GLU E 67 46.77 39.36 -5.71
CA GLU E 67 46.61 39.09 -4.29
C GLU E 67 46.74 40.35 -3.44
N LYS E 68 46.36 41.48 -4.03
CA LYS E 68 46.04 42.69 -3.27
C LYS E 68 44.54 42.63 -3.00
N ASP E 69 43.79 42.28 -4.04
CA ASP E 69 42.33 42.21 -3.95
C ASP E 69 41.84 41.15 -2.98
N LEU E 70 42.76 40.35 -2.43
CA LEU E 70 42.40 39.39 -1.40
C LEU E 70 41.88 40.14 -0.17
N SER E 71 42.72 41.03 0.36
CA SER E 71 42.34 41.84 1.51
C SER E 71 41.19 42.80 1.16
N ASP E 72 41.01 43.09 -0.12
CA ASP E 72 39.91 43.94 -0.56
C ASP E 72 38.57 43.21 -0.45
N LEU E 73 38.50 42.01 -1.01
CA LEU E 73 37.31 41.19 -0.90
C LEU E 73 37.03 40.86 0.57
N ILE E 74 38.08 40.50 1.29
CA ILE E 74 38.00 40.26 2.73
C ILE E 74 37.40 41.47 3.45
N SER E 75 37.81 42.66 3.02
CA SER E 75 37.35 43.90 3.65
C SER E 75 35.89 44.19 3.32
N GLU E 76 35.46 43.85 2.10
CA GLU E 76 34.06 44.03 1.73
C GLU E 76 33.20 43.10 2.58
N MET E 77 33.66 41.86 2.71
CA MET E 77 33.00 40.87 3.55
C MET E 77 32.89 41.33 5.00
N GLU E 78 33.98 41.87 5.54
CA GLU E 78 34.03 42.30 6.94
C GLU E 78 33.14 43.52 7.17
N MET E 79 33.16 44.44 6.22
CA MET E 79 32.28 45.61 6.26
C MET E 79 30.83 45.16 6.26
N MET E 80 30.52 44.16 5.44
CA MET E 80 29.18 43.60 5.43
C MET E 80 28.82 42.98 6.78
N LYS E 81 29.79 42.31 7.40
CA LYS E 81 29.60 41.75 8.74
C LYS E 81 29.28 42.85 9.75
N MET E 82 29.96 43.97 9.63
CA MET E 82 29.79 45.09 10.58
C MET E 82 28.45 45.81 10.39
N ILE E 83 28.07 46.02 9.14
CA ILE E 83 26.89 46.82 8.82
C ILE E 83 25.59 46.13 9.28
N GLY E 84 25.54 44.81 9.16
CA GLY E 84 24.36 44.06 9.55
C GLY E 84 23.39 43.88 8.40
N LYS E 85 22.28 43.19 8.67
CA LYS E 85 21.33 42.85 7.61
C LYS E 85 20.14 43.78 7.55
N HIS E 86 19.66 44.01 6.32
CA HIS E 86 18.48 44.81 6.06
C HIS E 86 17.79 44.28 4.81
N LYS E 87 16.48 44.43 4.74
CA LYS E 87 15.72 43.87 3.63
C LYS E 87 16.14 44.48 2.28
N ASN E 88 16.55 45.74 2.30
CA ASN E 88 16.80 46.46 1.05
C ASN E 88 18.27 46.68 0.73
N ILE E 89 19.13 45.77 1.19
CA ILE E 89 20.53 45.75 0.74
C ILE E 89 20.92 44.31 0.43
N ILE E 90 21.90 44.14 -0.46
CA ILE E 90 22.44 42.83 -0.74
C ILE E 90 23.19 42.31 0.49
N ASN E 91 22.58 41.37 1.18
CA ASN E 91 23.10 40.91 2.46
C ASN E 91 24.12 39.79 2.34
N LEU E 92 25.06 39.75 3.28
CA LEU E 92 25.99 38.65 3.40
C LEU E 92 25.25 37.43 3.97
N LEU E 93 25.26 36.34 3.21
CA LEU E 93 24.59 35.12 3.66
C LEU E 93 25.57 34.18 4.35
N GLY E 94 26.79 34.08 3.81
CA GLY E 94 27.81 33.25 4.40
C GLY E 94 29.14 33.39 3.68
N ALA E 95 30.10 32.55 4.05
CA ALA E 95 31.41 32.59 3.42
C ALA E 95 32.18 31.29 3.59
N CYS E 96 32.97 30.95 2.57
CA CYS E 96 33.86 29.80 2.64
C CYS E 96 35.29 30.34 2.66
N THR E 97 35.95 30.18 3.80
CA THR E 97 37.25 30.83 4.02
C THR E 97 38.44 29.91 3.71
N GLN E 98 38.74 29.00 4.62
CA GLN E 98 39.94 28.15 4.49
C GLN E 98 39.67 26.91 3.65
N ASP E 99 40.66 26.02 3.62
CA ASP E 99 40.58 24.74 2.91
C ASP E 99 40.34 24.90 1.41
N GLY E 100 40.50 26.12 0.91
CA GLY E 100 40.29 26.40 -0.50
C GLY E 100 40.27 27.89 -0.77
N PRO E 101 39.67 28.30 -1.90
CA PRO E 101 39.58 29.71 -2.30
C PRO E 101 38.73 30.53 -1.34
N LEU E 102 38.58 31.82 -1.63
CA LEU E 102 37.71 32.67 -0.82
C LEU E 102 36.36 32.84 -1.48
N TYR E 103 35.33 32.29 -0.86
CA TYR E 103 33.96 32.45 -1.35
C TYR E 103 33.19 33.42 -0.47
N VAL E 104 32.72 34.51 -1.07
CA VAL E 104 31.85 35.43 -0.35
C VAL E 104 30.41 35.25 -0.81
N ILE E 105 29.59 34.63 0.04
CA ILE E 105 28.23 34.28 -0.33
C ILE E 105 27.23 35.35 0.07
N VAL E 106 26.67 36.03 -0.93
CA VAL E 106 25.69 37.08 -0.71
C VAL E 106 24.38 36.80 -1.45
N GLU E 107 23.35 37.57 -1.12
CA GLU E 107 22.04 37.42 -1.74
C GLU E 107 22.09 37.60 -3.25
N TYR E 108 21.18 36.92 -3.94
CA TYR E 108 21.17 36.93 -5.41
C TYR E 108 19.88 37.55 -5.94
N ALA E 109 20.03 38.52 -6.83
CA ALA E 109 18.90 39.22 -7.42
C ALA E 109 18.75 38.86 -8.90
N SER E 110 17.80 37.98 -9.19
CA SER E 110 17.67 37.37 -10.51
C SER E 110 17.29 38.36 -11.62
N LYS E 111 16.57 39.41 -11.26
CA LYS E 111 16.05 40.33 -12.28
C LYS E 111 17.05 41.44 -12.62
N GLY E 112 18.30 41.27 -12.20
CA GLY E 112 19.36 42.19 -12.57
C GLY E 112 19.33 43.52 -11.85
N ASN E 113 20.03 44.50 -12.40
CA ASN E 113 20.08 45.83 -11.81
C ASN E 113 18.81 46.62 -12.14
N LEU E 114 18.66 47.79 -11.54
CA LEU E 114 17.43 48.55 -11.62
C LEU E 114 17.23 49.29 -12.94
N ARG E 115 18.31 49.83 -13.52
CA ARG E 115 18.19 50.54 -14.78
C ARG E 115 17.72 49.58 -15.86
N GLU E 116 18.25 48.37 -15.83
CA GLU E 116 17.95 47.32 -16.80
C GLU E 116 16.49 46.90 -16.65
N TYR E 117 16.13 46.59 -15.41
CA TYR E 117 14.77 46.27 -15.00
C TYR E 117 13.76 47.31 -15.47
N LEU E 118 14.14 48.58 -15.39
CA LEU E 118 13.25 49.68 -15.74
C LEU E 118 13.11 49.88 -17.24
N GLN E 119 14.25 50.07 -17.91
CA GLN E 119 14.24 50.32 -19.35
C GLN E 119 13.67 49.15 -20.12
N ALA E 120 13.77 47.94 -19.55
CA ALA E 120 13.18 46.77 -20.19
C ALA E 120 11.68 46.67 -19.91
N ARG E 121 11.03 47.80 -19.66
CA ARG E 121 9.61 47.81 -19.31
C ARG E 121 8.86 49.09 -19.72
N ARG E 122 9.26 49.70 -20.83
CA ARG E 122 8.54 50.88 -21.32
C ARG E 122 7.44 50.47 -22.29
N GLU E 138 4.18 43.69 -18.87
CA GLU E 138 5.11 43.98 -17.78
C GLU E 138 5.10 45.46 -17.44
N GLN E 139 4.04 46.14 -17.85
CA GLN E 139 3.80 47.54 -17.51
C GLN E 139 4.05 47.84 -16.04
N LEU E 140 4.67 48.99 -15.77
CA LEU E 140 4.94 49.40 -14.39
C LEU E 140 4.02 50.53 -13.97
N SER E 141 3.24 50.29 -12.92
CA SER E 141 2.33 51.29 -12.38
C SER E 141 3.10 52.44 -11.71
N SER E 142 2.45 53.59 -11.62
CA SER E 142 3.01 54.74 -10.89
C SER E 142 3.31 54.28 -9.46
N LYS E 143 2.34 53.57 -8.90
CA LYS E 143 2.46 52.96 -7.58
C LYS E 143 3.73 52.12 -7.44
N ASP E 144 4.03 51.31 -8.45
CA ASP E 144 5.21 50.44 -8.41
C ASP E 144 6.51 51.25 -8.44
N LEU E 145 6.52 52.32 -9.22
CA LEU E 145 7.69 53.18 -9.32
C LEU E 145 7.97 53.88 -8.00
N VAL E 146 6.92 54.49 -7.44
CA VAL E 146 7.03 55.16 -6.14
C VAL E 146 7.48 54.14 -5.08
N SER E 147 6.94 52.93 -5.15
CA SER E 147 7.31 51.85 -4.24
C SER E 147 8.81 51.54 -4.34
N CYS E 148 9.29 51.45 -5.58
CA CYS E 148 10.72 51.23 -5.84
C CYS E 148 11.58 52.30 -5.19
N ALA E 149 11.22 53.55 -5.47
CA ALA E 149 11.90 54.70 -4.87
C ALA E 149 11.94 54.57 -3.35
N TYR E 150 10.80 54.19 -2.78
CA TYR E 150 10.67 53.99 -1.34
C TYR E 150 11.62 52.93 -0.81
N GLN E 151 11.72 51.79 -1.49
CA GLN E 151 12.58 50.70 -1.05
C GLN E 151 14.04 51.12 -1.08
N VAL E 152 14.45 51.74 -2.19
CA VAL E 152 15.80 52.26 -2.29
C VAL E 152 16.10 53.23 -1.15
N ALA E 153 15.17 54.14 -0.90
CA ALA E 153 15.31 55.13 0.17
C ALA E 153 15.45 54.48 1.54
N ARG E 154 14.69 53.41 1.78
CA ARG E 154 14.73 52.70 3.06
C ARG E 154 16.10 52.06 3.26
N GLY E 155 16.55 51.36 2.22
CA GLY E 155 17.90 50.79 2.24
C GLY E 155 18.95 51.84 2.56
N MET E 156 18.85 52.99 1.90
CA MET E 156 19.80 54.07 2.12
C MET E 156 19.72 54.62 3.53
N GLU E 157 18.52 54.66 4.11
CA GLU E 157 18.36 55.13 5.48
C GLU E 157 19.08 54.18 6.43
N TYR E 158 18.90 52.88 6.20
CA TYR E 158 19.60 51.90 7.03
C TYR E 158 21.10 52.05 6.91
N LEU E 159 21.61 52.11 5.69
CA LEU E 159 23.04 52.26 5.48
C LEU E 159 23.58 53.53 6.14
N ALA E 160 22.80 54.60 6.08
CA ALA E 160 23.21 55.88 6.64
C ALA E 160 23.24 55.83 8.16
N SER E 161 22.31 55.08 8.76
CA SER E 161 22.29 54.94 10.21
C SER E 161 23.48 54.11 10.70
N LYS E 162 24.03 53.30 9.80
CA LYS E 162 25.22 52.51 10.11
C LYS E 162 26.48 53.27 9.70
N LYS E 163 26.32 54.57 9.47
CA LYS E 163 27.41 55.46 9.08
C LYS E 163 28.13 55.01 7.81
N CYS E 164 27.41 54.28 6.96
CA CYS E 164 27.96 53.85 5.68
C CYS E 164 27.67 54.86 4.58
N ILE E 165 28.72 55.29 3.89
CA ILE E 165 28.56 56.20 2.78
C ILE E 165 28.81 55.45 1.46
N HIS E 166 27.81 55.47 0.58
CA HIS E 166 27.83 54.63 -0.62
C HIS E 166 28.75 55.18 -1.71
N ARG E 167 28.62 56.48 -1.99
CA ARG E 167 29.44 57.24 -2.95
C ARG E 167 29.05 57.06 -4.41
N ASP E 168 28.55 55.88 -4.79
CA ASP E 168 28.11 55.67 -6.17
C ASP E 168 26.68 55.15 -6.23
N LEU E 169 25.75 55.91 -5.66
CA LEU E 169 24.36 55.51 -5.65
C LEU E 169 23.70 55.81 -6.99
N ALA E 170 23.35 54.75 -7.71
CA ALA E 170 22.66 54.87 -8.99
C ALA E 170 21.87 53.60 -9.27
N ALA E 171 20.96 53.67 -10.23
CA ALA E 171 20.09 52.54 -10.57
C ALA E 171 20.90 51.30 -10.94
N ARG E 172 22.11 51.51 -11.44
CA ARG E 172 22.97 50.40 -11.87
C ARG E 172 23.51 49.62 -10.67
N ASN E 173 23.48 50.24 -9.48
CA ASN E 173 23.95 49.58 -8.28
C ASN E 173 22.80 49.17 -7.37
N VAL E 174 21.58 49.26 -7.89
CA VAL E 174 20.41 48.71 -7.22
C VAL E 174 19.96 47.45 -7.93
N LEU E 175 20.07 46.31 -7.25
CA LEU E 175 19.68 45.03 -7.83
C LEU E 175 18.25 44.67 -7.45
N VAL E 176 17.52 44.06 -8.40
CA VAL E 176 16.13 43.68 -8.19
C VAL E 176 15.99 42.17 -8.05
N THR E 177 15.41 41.72 -6.93
CA THR E 177 15.25 40.28 -6.68
C THR E 177 14.09 39.68 -7.47
N GLU E 178 13.86 38.39 -7.25
CA GLU E 178 12.78 37.66 -7.90
C GLU E 178 11.41 38.19 -7.49
N ASP E 179 11.32 38.70 -6.26
CA ASP E 179 10.05 39.18 -5.73
C ASP E 179 9.96 40.70 -5.84
N ASN E 180 10.82 41.27 -6.68
CA ASN E 180 10.86 42.71 -6.95
C ASN E 180 11.17 43.53 -5.70
N VAL E 181 12.03 42.98 -4.84
CA VAL E 181 12.57 43.73 -3.71
C VAL E 181 13.82 44.47 -4.14
N MET E 182 13.86 45.78 -3.91
CA MET E 182 15.02 46.58 -4.26
C MET E 182 16.13 46.39 -3.23
N LYS E 183 17.31 46.03 -3.69
CA LYS E 183 18.45 45.82 -2.80
C LYS E 183 19.66 46.63 -3.25
N ILE E 184 20.17 47.47 -2.37
CA ILE E 184 21.35 48.27 -2.67
C ILE E 184 22.60 47.39 -2.69
N ALA E 185 23.34 47.45 -3.79
CA ALA E 185 24.55 46.66 -3.94
C ALA E 185 25.79 47.54 -3.83
N ASP E 186 26.91 46.92 -3.46
CA ASP E 186 28.20 47.61 -3.31
C ASP E 186 28.14 48.73 -2.29
N PHE E 187 28.41 48.37 -1.03
CA PHE E 187 28.48 49.34 0.06
C PHE E 187 29.56 48.89 1.04
N GLY E 188 30.31 47.86 0.63
CA GLY E 188 31.40 47.34 1.42
C GLY E 188 32.74 47.73 0.80
N LEU E 189 32.67 48.30 -0.39
CA LEU E 189 33.86 48.78 -1.08
C LEU E 189 34.30 50.12 -0.52
N ALA E 190 35.57 50.23 -0.18
CA ALA E 190 36.12 51.47 0.38
C ALA E 190 37.14 52.10 -0.57
N GLY E 205 29.72 50.91 -16.08
CA GLY E 205 30.53 52.04 -15.69
C GLY E 205 30.71 53.03 -16.81
N ARG E 206 29.72 53.90 -16.98
CA ARG E 206 29.71 54.88 -18.08
C ARG E 206 29.32 56.26 -17.57
N LEU E 207 30.33 56.97 -17.05
CA LEU E 207 30.23 58.34 -16.55
C LEU E 207 29.43 58.46 -15.25
N PRO E 208 30.06 58.08 -14.13
CA PRO E 208 29.47 58.16 -12.79
C PRO E 208 29.39 59.59 -12.27
N VAL E 209 30.14 60.49 -12.91
CA VAL E 209 30.24 61.88 -12.49
C VAL E 209 28.88 62.59 -12.52
N LYS E 210 27.99 62.16 -13.41
CA LYS E 210 26.66 62.74 -13.49
C LYS E 210 25.81 62.45 -12.26
N TRP E 211 26.29 61.57 -11.39
CA TRP E 211 25.58 61.20 -10.17
C TRP E 211 26.16 61.87 -8.93
N MET E 212 27.37 62.41 -9.05
CA MET E 212 28.06 63.00 -7.92
C MET E 212 27.53 64.37 -7.57
N ALA E 213 27.50 64.68 -6.27
CA ALA E 213 27.14 66.01 -5.80
C ALA E 213 28.30 66.96 -6.10
N PRO E 214 27.99 68.23 -6.42
CA PRO E 214 28.99 69.25 -6.75
C PRO E 214 30.18 69.30 -5.79
N GLU E 215 29.92 69.19 -4.49
CA GLU E 215 30.99 69.26 -3.49
C GLU E 215 31.86 68.00 -3.53
N ALA E 216 31.34 66.95 -4.15
CA ALA E 216 32.10 65.72 -4.31
C ALA E 216 32.96 65.80 -5.57
N LEU E 217 32.41 66.43 -6.60
CA LEU E 217 33.17 66.74 -7.80
C LEU E 217 34.33 67.68 -7.46
N PHE E 218 34.10 68.55 -6.47
CA PHE E 218 35.12 69.50 -6.03
C PHE E 218 36.32 68.80 -5.41
N ASP E 219 36.00 67.85 -4.54
CA ASP E 219 36.98 67.06 -3.82
C ASP E 219 36.34 65.71 -3.49
N GLY E 220 37.12 64.66 -3.65
CA GLY E 220 36.66 63.31 -3.37
C GLY E 220 36.54 63.24 -1.82
N ILE E 221 35.44 63.79 -1.31
CA ILE E 221 34.98 63.61 0.09
C ILE E 221 33.47 63.47 -0.01
N TYR E 222 32.93 62.31 0.32
CA TYR E 222 31.48 62.19 0.24
C TYR E 222 30.84 62.12 1.61
N THR E 223 29.58 62.49 1.65
CA THR E 223 28.79 62.42 2.87
C THR E 223 27.45 61.77 2.57
N HIS E 224 26.61 61.66 3.59
CA HIS E 224 25.27 61.14 3.40
C HIS E 224 24.46 62.11 2.55
N GLN E 225 24.82 63.39 2.63
CA GLN E 225 24.20 64.43 1.81
C GLN E 225 24.51 64.21 0.32
N SER E 226 25.76 63.86 0.05
CA SER E 226 26.19 63.49 -1.30
C SER E 226 25.33 62.34 -1.79
N ASP E 227 25.22 61.31 -0.96
CA ASP E 227 24.39 60.15 -1.26
C ASP E 227 22.95 60.56 -1.54
N VAL E 228 22.50 61.62 -0.89
CA VAL E 228 21.13 62.12 -1.10
C VAL E 228 20.99 62.78 -2.47
N TRP E 229 21.99 63.58 -2.86
CA TRP E 229 22.02 64.13 -4.22
C TRP E 229 21.95 62.99 -5.25
N SER E 230 22.83 62.02 -5.05
CA SER E 230 22.86 60.82 -5.87
C SER E 230 21.49 60.17 -5.94
N PHE E 231 20.80 60.13 -4.79
CA PHE E 231 19.47 59.54 -4.73
C PHE E 231 18.46 60.36 -5.52
N GLY E 232 18.70 61.67 -5.61
CA GLY E 232 17.87 62.52 -6.45
C GLY E 232 18.04 62.09 -7.90
N VAL E 233 19.30 61.91 -8.30
CA VAL E 233 19.56 61.45 -9.66
C VAL E 233 18.91 60.08 -9.94
N LEU E 234 19.09 59.14 -9.01
CA LEU E 234 18.50 57.81 -9.12
C LEU E 234 16.98 57.88 -9.24
N LEU E 235 16.40 58.83 -8.52
CA LEU E 235 14.97 59.07 -8.56
C LEU E 235 14.57 59.47 -9.99
N TRP E 236 15.34 60.40 -10.55
CA TRP E 236 15.14 60.80 -11.94
C TRP E 236 15.21 59.59 -12.87
N GLU E 237 16.20 58.72 -12.65
CA GLU E 237 16.33 57.47 -13.40
C GLU E 237 15.05 56.65 -13.32
N ILE E 238 14.54 56.50 -12.11
CA ILE E 238 13.32 55.72 -11.88
C ILE E 238 12.15 56.29 -12.67
N PHE E 239 11.97 57.61 -12.62
CA PHE E 239 10.79 58.18 -13.29
C PHE E 239 11.03 58.58 -14.74
N THR E 240 12.19 58.21 -15.29
CA THR E 240 12.38 58.26 -16.74
C THR E 240 12.39 56.83 -17.29
N LEU E 241 12.01 55.88 -16.43
CA LEU E 241 12.02 54.46 -16.76
C LEU E 241 13.40 54.01 -17.25
N GLY E 242 14.44 54.41 -16.52
CA GLY E 242 15.80 53.99 -16.81
C GLY E 242 16.56 54.90 -17.76
N GLY E 243 16.02 56.10 -17.98
CA GLY E 243 16.67 57.06 -18.87
C GLY E 243 17.97 57.60 -18.31
N SER E 244 18.94 57.83 -19.19
CA SER E 244 20.25 58.31 -18.78
C SER E 244 20.29 59.83 -18.67
N PRO E 245 20.91 60.34 -17.59
CA PRO E 245 20.97 61.78 -17.28
C PRO E 245 22.01 62.55 -18.09
N TYR E 246 21.76 63.83 -18.31
CA TYR E 246 22.70 64.77 -18.92
C TYR E 246 23.42 64.29 -20.18
N PRO E 247 22.76 64.37 -21.35
CA PRO E 247 23.58 64.21 -22.55
C PRO E 247 24.34 65.49 -22.87
N GLY E 248 25.67 65.41 -22.84
CA GLY E 248 26.52 66.57 -23.04
C GLY E 248 27.80 66.47 -22.23
N VAL E 249 28.93 66.34 -22.92
CA VAL E 249 30.26 66.18 -22.32
C VAL E 249 30.46 67.08 -21.10
N PRO E 250 31.03 66.52 -20.01
CA PRO E 250 31.32 67.20 -18.75
C PRO E 250 31.58 68.71 -18.85
N GLU E 253 30.52 69.44 -19.15
CA GLU E 253 30.46 70.87 -18.93
C GLU E 253 30.09 71.03 -17.47
N LEU E 254 29.97 69.88 -16.81
CA LEU E 254 29.09 69.65 -15.67
C LEU E 254 29.31 70.50 -14.43
N PHE E 255 30.54 70.54 -13.91
CA PHE E 255 30.77 71.12 -12.59
C PHE E 255 30.20 72.52 -12.46
N LYS E 256 30.82 73.49 -13.12
CA LYS E 256 30.39 74.88 -12.98
C LYS E 256 29.09 75.16 -13.74
N LEU E 257 28.62 74.16 -14.49
CA LEU E 257 27.28 74.23 -15.07
C LEU E 257 26.27 73.79 -14.01
N LEU E 258 26.78 73.30 -12.88
CA LEU E 258 25.98 72.94 -11.71
C LEU E 258 26.17 73.95 -10.59
N LYS E 259 27.37 74.52 -10.52
CA LYS E 259 27.64 75.62 -9.62
C LYS E 259 26.83 76.79 -10.13
N GLU E 260 26.64 76.77 -11.45
CA GLU E 260 25.57 77.47 -12.10
C GLU E 260 24.41 76.54 -11.91
N GLY E 261 23.39 77.02 -11.21
CA GLY E 261 22.31 76.20 -10.71
C GLY E 261 21.42 75.66 -11.79
N HIS E 262 21.94 74.74 -12.60
CA HIS E 262 21.12 74.12 -13.62
C HIS E 262 20.78 72.76 -13.04
N ARG E 263 19.51 72.40 -13.12
CA ARG E 263 19.07 71.08 -12.71
C ARG E 263 18.31 70.40 -13.84
N MET E 264 18.29 69.07 -13.83
CA MET E 264 17.49 68.31 -14.77
C MET E 264 16.02 68.68 -14.62
N ASP E 265 15.32 68.82 -15.74
CA ASP E 265 13.91 69.18 -15.71
C ASP E 265 13.03 67.94 -15.54
N LYS E 266 11.80 68.17 -15.08
CA LYS E 266 10.87 67.11 -14.71
C LYS E 266 10.66 66.09 -15.81
N PRO E 267 10.81 64.80 -15.48
CA PRO E 267 10.50 63.71 -16.40
C PRO E 267 9.05 63.82 -16.89
N SER E 268 8.79 63.32 -18.09
CA SER E 268 7.47 63.45 -18.71
C SER E 268 6.33 63.02 -17.78
N ASN E 269 6.23 61.72 -17.53
CA ASN E 269 5.25 61.22 -16.58
C ASN E 269 5.84 61.12 -15.18
N CYS E 270 5.67 62.19 -14.41
CA CYS E 270 6.20 62.30 -13.06
C CYS E 270 5.55 63.49 -12.37
N THR E 271 4.92 63.25 -11.22
CA THR E 271 4.16 64.28 -10.52
C THR E 271 5.03 65.46 -10.08
N ASN E 272 4.37 66.58 -9.76
CA ASN E 272 5.06 67.76 -9.28
C ASN E 272 5.73 67.50 -7.93
N GLU E 273 5.10 66.64 -7.14
CA GLU E 273 5.58 66.32 -5.80
C GLU E 273 6.93 65.62 -5.86
N LEU E 274 7.01 64.57 -6.67
CA LEU E 274 8.23 63.79 -6.82
C LEU E 274 9.33 64.61 -7.49
N TYR E 275 8.94 65.49 -8.41
CA TYR E 275 9.91 66.36 -9.05
C TYR E 275 10.49 67.32 -8.04
N MET E 276 9.62 67.84 -7.16
CA MET E 276 10.07 68.73 -6.10
C MET E 276 10.96 67.98 -5.12
N MET E 277 10.71 66.68 -4.97
CA MET E 277 11.60 65.85 -4.15
C MET E 277 12.97 65.78 -4.80
N MET E 278 12.99 65.58 -6.12
CA MET E 278 14.23 65.56 -6.89
C MET E 278 14.99 66.88 -6.72
N ARG E 279 14.27 68.00 -6.80
CA ARG E 279 14.87 69.31 -6.62
C ARG E 279 15.44 69.45 -5.22
N ASP E 280 14.70 68.97 -4.23
CA ASP E 280 15.11 69.03 -2.83
C ASP E 280 16.41 68.28 -2.61
N CYS E 281 16.51 67.09 -3.19
CA CYS E 281 17.74 66.31 -3.11
C CYS E 281 18.89 67.06 -3.78
N TRP E 282 18.54 67.94 -4.72
CA TRP E 282 19.53 68.67 -5.51
C TRP E 282 19.80 70.08 -4.98
N HIS E 283 19.57 70.30 -3.71
CA HIS E 283 19.87 71.60 -3.11
C HIS E 283 21.37 71.83 -3.12
N ALA E 284 21.79 73.06 -3.39
CA ALA E 284 23.21 73.40 -3.49
C ALA E 284 23.89 73.30 -2.14
N VAL E 285 23.19 73.74 -1.09
CA VAL E 285 23.68 73.60 0.27
C VAL E 285 23.39 72.19 0.77
N PRO E 286 24.44 71.37 0.93
CA PRO E 286 24.28 69.95 1.27
C PRO E 286 23.50 69.75 2.56
N SER E 287 23.67 70.64 3.53
CA SER E 287 23.02 70.52 4.82
C SER E 287 21.53 70.83 4.75
N GLN E 288 21.06 71.32 3.60
CA GLN E 288 19.65 71.66 3.44
C GLN E 288 18.92 70.67 2.54
N ARG E 289 19.61 69.60 2.17
CA ARG E 289 18.98 68.50 1.46
C ARG E 289 18.22 67.63 2.46
N PRO E 290 17.20 66.90 1.99
CA PRO E 290 16.47 66.00 2.89
C PRO E 290 17.35 64.89 3.44
N THR E 291 17.09 64.47 4.68
CA THR E 291 17.73 63.26 5.20
C THR E 291 17.07 62.07 4.53
N PHE E 292 17.71 60.90 4.60
CA PHE E 292 17.13 59.72 3.99
C PHE E 292 15.87 59.29 4.76
N LYS E 293 15.84 59.59 6.06
CA LYS E 293 14.65 59.31 6.86
C LYS E 293 13.45 60.12 6.38
N GLN E 294 13.69 61.41 6.11
CA GLN E 294 12.64 62.27 5.59
C GLN E 294 12.16 61.78 4.24
N LEU E 295 13.10 61.29 3.43
CA LEU E 295 12.78 60.74 2.12
C LEU E 295 11.90 59.50 2.26
N VAL E 296 12.24 58.63 3.20
CA VAL E 296 11.46 57.43 3.44
C VAL E 296 10.06 57.77 3.94
N GLU E 297 9.97 58.73 4.85
CA GLU E 297 8.68 59.20 5.36
C GLU E 297 7.80 59.74 4.23
N ASP E 298 8.36 60.66 3.45
CA ASP E 298 7.64 61.27 2.35
C ASP E 298 7.20 60.24 1.32
N LEU E 299 8.10 59.34 0.96
CA LEU E 299 7.81 58.33 -0.05
C LEU E 299 6.77 57.32 0.42
N ASP E 300 6.82 56.97 1.70
CA ASP E 300 5.80 56.09 2.27
C ASP E 300 4.45 56.81 2.24
N ARG E 301 4.49 58.11 2.53
CA ARG E 301 3.28 58.94 2.46
C ARG E 301 2.69 58.96 1.06
N ILE E 302 3.57 59.01 0.06
CA ILE E 302 3.15 59.13 -1.34
C ILE E 302 2.65 57.79 -1.88
N VAL E 303 3.24 56.68 -1.40
CA VAL E 303 2.77 55.34 -1.75
C VAL E 303 1.30 55.19 -1.41
N ALA E 304 0.91 55.69 -0.25
CA ALA E 304 -0.47 55.61 0.21
C ALA E 304 -1.43 56.44 -0.64
N LEU E 305 -0.88 57.36 -1.45
CA LEU E 305 -1.70 58.28 -2.23
C LEU E 305 -1.56 58.06 -3.73
N THR E 306 -2.03 56.93 -4.22
CA THR E 306 -2.02 56.66 -5.66
C THR E 306 -3.34 56.04 -6.13
S SO4 F . 20.13 -12.79 -20.46
O1 SO4 F . 19.63 -11.47 -20.06
O2 SO4 F . 19.33 -13.83 -19.81
O3 SO4 F . 20.01 -12.92 -21.92
O4 SO4 F . 21.53 -12.92 -20.07
C ACT G . -0.37 -24.42 11.02
O ACT G . 0.52 -24.91 11.75
OXT ACT G . -0.43 -23.16 10.99
CH3 ACT G . -1.32 -25.27 10.23
S SO4 H . 31.69 -15.71 -22.85
O1 SO4 H . 31.91 -15.02 -21.59
O2 SO4 H . 32.56 -16.87 -22.93
O3 SO4 H . 30.30 -16.14 -22.95
O4 SO4 H . 31.99 -14.81 -23.96
CL CL I . 51.12 -13.10 -30.47
S SO4 J . -31.53 -17.82 22.20
O1 SO4 J . -32.83 -17.66 22.84
O2 SO4 J . -30.88 -19.02 22.72
O3 SO4 J . -31.72 -17.97 20.76
O4 SO4 J . -30.71 -16.66 22.47
C1 PGE K . -12.54 -23.45 12.48
O1 PGE K . -11.89 -24.11 11.41
C2 PGE K . -13.51 -24.39 13.16
O2 PGE K . -14.42 -24.91 12.21
C3 PGE K . -15.60 -25.47 12.75
C4 PGE K . -15.27 -26.54 13.77
O4 PGE K . -16.68 -30.36 13.51
C6 PGE K . -17.18 -29.46 12.54
C5 PGE K . -16.33 -28.21 12.49
O3 PGE K . -16.27 -27.54 13.74
CL CL L . -35.10 -11.67 8.64
S SO4 M . -50.53 8.34 13.67
O1 SO4 M . -49.13 8.01 13.41
O2 SO4 M . -50.83 9.67 13.13
O3 SO4 M . -50.77 8.33 15.11
O4 SO4 M . -51.39 7.36 13.01
S SO4 N . -48.23 -0.52 10.02
O1 SO4 N . -47.60 -1.81 10.21
O2 SO4 N . -49.26 -0.32 11.04
O3 SO4 N . -47.23 0.54 10.14
O4 SO4 N . -48.84 -0.45 8.70
S SO4 O . -43.65 -17.21 25.38
O1 SO4 O . -42.24 -16.86 25.29
O2 SO4 O . -44.29 -16.46 26.45
O3 SO4 O . -44.31 -16.90 24.11
O4 SO4 O . -43.78 -18.64 25.66
S SO4 P . -60.24 4.44 40.99
O1 SO4 P . -59.48 3.35 41.60
O2 SO4 P . -60.85 3.99 39.75
O3 SO4 P . -61.28 4.87 41.92
O4 SO4 P . -59.35 5.56 40.71
S SO4 Q . -67.91 0.61 4.36
O1 SO4 Q . -69.26 0.54 4.90
O2 SO4 Q . -67.71 1.99 3.87
O3 SO4 Q . -66.92 0.26 5.37
O4 SO4 Q . -67.73 -0.38 3.29
C1 PGE R . -50.81 -27.20 22.49
O1 PGE R . -50.78 -28.61 22.53
C2 PGE R . -51.93 -26.70 23.37
O2 PGE R . -51.59 -25.44 23.90
C3 PGE R . -52.68 -24.53 23.98
C4 PGE R . -53.50 -24.86 25.20
O4 PGE R . -55.77 -27.86 27.05
C6 PGE R . -55.13 -27.26 25.91
C5 PGE R . -55.58 -25.82 25.80
O3 PGE R . -54.82 -25.18 24.80
C1 PGE S . -64.32 -10.53 34.62
O1 PGE S . -64.63 -9.92 33.37
C2 PGE S . -65.52 -10.49 35.53
O2 PGE S . -65.31 -9.55 36.57
C3 PGE S . -66.47 -9.30 37.34
C4 PGE S . -66.36 -7.93 37.99
O4 PGE S . -69.02 -4.62 40.05
C6 PGE S . -68.87 -5.50 38.93
C5 PGE S . -67.79 -6.52 39.24
O3 PGE S . -67.66 -7.41 38.15
C1 PGE T . -67.09 -28.43 14.72
O1 PGE T . -66.24 -29.20 15.55
C2 PGE T . -66.35 -28.04 13.46
O2 PGE T . -66.99 -28.60 12.33
C3 PGE T . -66.22 -28.51 11.14
C4 PGE T . -65.90 -29.91 10.67
O4 PGE T . -64.91 -32.14 8.35
C6 PGE T . -65.16 -31.03 7.49
C5 PGE T . -65.73 -29.89 8.32
O3 PGE T . -65.05 -29.84 9.55
CL CL U . -61.34 -9.59 33.21
CL CL V . -51.48 -16.37 12.07
CL CL W . -46.74 9.30 24.91
S SO4 X . 21.00 46.40 15.26
O1 SO4 X . 21.15 47.59 16.09
O2 SO4 X . 19.61 45.94 15.30
O3 SO4 X . 21.87 45.34 15.77
O4 SO4 X . 21.36 46.71 13.88
#